data_2PP4
#
_entry.id   2PP4
#
_cell.length_a   1.000
_cell.length_b   1.000
_cell.length_c   1.000
_cell.angle_alpha   90.00
_cell.angle_beta   90.00
_cell.angle_gamma   90.00
#
_symmetry.space_group_name_H-M   'P 1'
#
_entity_poly.entity_id   1
_entity_poly.type   'polypeptide(L)'
_entity_poly.pdbx_seq_one_letter_code
;GARQLSKLKRFLTTLQQYGNDISPEIGERVRTLVLGLVNSTLTIEEFHSKLQEATNFPLRPFVIPFLKANLPLLQRELLH
CARLAKQNPAQYLAQHEQLLLDASTTS
;
_entity_poly.pdbx_strand_id   A
#
# COMPACT_ATOMS: atom_id res chain seq x y z
N GLY A 1 5.52 6.58 -14.20
CA GLY A 1 4.71 6.25 -13.03
C GLY A 1 5.48 5.39 -12.04
N ALA A 2 6.63 4.92 -12.50
CA ALA A 2 7.48 4.01 -11.71
C ALA A 2 8.15 4.70 -10.52
N ARG A 3 8.05 6.01 -10.50
CA ARG A 3 8.71 6.83 -9.49
C ARG A 3 8.02 6.63 -8.13
N GLN A 4 6.70 6.78 -8.14
CA GLN A 4 5.86 6.60 -6.95
C GLN A 4 6.11 5.23 -6.35
N LEU A 5 6.09 4.24 -7.23
CA LEU A 5 6.30 2.84 -6.89
C LEU A 5 7.62 2.69 -6.09
N SER A 6 8.73 3.25 -6.60
CA SER A 6 9.99 3.21 -5.87
C SER A 6 9.94 3.98 -4.52
N LYS A 7 8.98 4.87 -4.37
CA LYS A 7 8.90 5.66 -3.15
C LYS A 7 8.02 4.93 -2.16
N LEU A 8 7.06 4.19 -2.69
CA LEU A 8 6.15 3.41 -1.88
C LEU A 8 6.84 2.19 -1.35
N LYS A 9 7.90 1.80 -2.00
CA LYS A 9 8.65 0.67 -1.56
C LYS A 9 9.44 1.12 -0.32
N ARG A 10 10.07 2.34 -0.40
CA ARG A 10 10.66 3.01 0.80
C ARG A 10 9.65 3.01 1.99
N PHE A 11 8.39 3.19 1.63
CA PHE A 11 7.32 3.41 2.57
C PHE A 11 7.00 2.13 3.32
N LEU A 12 6.96 1.00 2.62
CA LEU A 12 6.75 -0.28 3.27
C LEU A 12 7.91 -0.63 4.16
N THR A 13 9.12 -0.26 3.76
CA THR A 13 10.29 -0.53 4.57
C THR A 13 10.23 0.31 5.88
N THR A 14 9.45 1.36 5.86
CA THR A 14 9.34 2.23 6.98
C THR A 14 8.36 1.61 8.02
N LEU A 15 7.12 1.31 7.60
CA LEU A 15 6.11 0.66 8.48
C LEU A 15 6.62 -0.57 9.22
N GLN A 16 7.35 -1.38 8.48
CA GLN A 16 7.78 -2.66 8.99
C GLN A 16 8.89 -2.54 10.01
N GLN A 17 9.82 -1.61 9.78
CA GLN A 17 10.84 -1.37 10.77
C GLN A 17 10.27 -0.61 11.93
N TYR A 18 9.20 0.13 11.71
CA TYR A 18 8.61 0.88 12.76
C TYR A 18 7.87 -0.02 13.77
N GLY A 19 7.03 -0.94 13.29
CA GLY A 19 6.37 -1.83 14.18
C GLY A 19 7.39 -2.73 14.88
N ASN A 20 8.31 -3.23 14.11
CA ASN A 20 9.41 -4.07 14.61
C ASN A 20 10.23 -3.36 15.75
N ASP A 21 10.24 -2.02 15.72
CA ASP A 21 11.04 -1.18 16.65
C ASP A 21 10.45 -1.26 18.05
N ILE A 22 9.17 -1.55 18.11
CA ILE A 22 8.48 -1.62 19.35
C ILE A 22 8.79 -2.96 20.00
N SER A 23 8.24 -4.07 19.44
CA SER A 23 8.56 -5.48 19.90
C SER A 23 7.73 -6.62 19.28
N PRO A 24 6.43 -6.77 19.70
CA PRO A 24 5.58 -7.95 19.35
C PRO A 24 5.23 -8.04 17.85
N GLU A 25 4.10 -8.70 17.58
CA GLU A 25 3.55 -8.91 16.22
C GLU A 25 3.09 -7.58 15.60
N ILE A 26 3.50 -6.48 16.17
CA ILE A 26 2.97 -5.24 15.85
C ILE A 26 3.48 -4.74 14.51
N GLY A 27 4.70 -5.14 14.10
CA GLY A 27 5.15 -4.78 12.77
C GLY A 27 4.49 -5.64 11.72
N GLU A 28 4.10 -6.81 12.12
CA GLU A 28 3.38 -7.72 11.28
C GLU A 28 1.94 -7.19 11.11
N ARG A 29 1.35 -6.73 12.23
CA ARG A 29 0.01 -6.15 12.23
C ARG A 29 -0.06 -4.92 11.34
N VAL A 30 0.88 -3.97 11.54
CA VAL A 30 0.92 -2.77 10.70
C VAL A 30 1.15 -3.13 9.23
N ARG A 31 1.91 -4.21 9.02
CA ARG A 31 2.18 -4.69 7.68
C ARG A 31 0.91 -5.31 7.07
N THR A 32 0.10 -5.93 7.91
CA THR A 32 -1.15 -6.53 7.50
C THR A 32 -2.11 -5.43 6.99
N LEU A 33 -2.10 -4.30 7.67
CA LEU A 33 -2.92 -3.19 7.26
C LEU A 33 -2.42 -2.53 5.99
N VAL A 34 -1.11 -2.42 5.83
CA VAL A 34 -0.56 -1.83 4.60
C VAL A 34 -0.87 -2.73 3.40
N LEU A 35 -0.83 -4.03 3.62
CA LEU A 35 -1.16 -4.98 2.58
C LEU A 35 -2.64 -4.87 2.24
N GLY A 36 -3.47 -4.80 3.28
CA GLY A 36 -4.92 -4.65 3.12
C GLY A 36 -5.29 -3.42 2.31
N LEU A 37 -4.53 -2.37 2.54
CA LEU A 37 -4.74 -1.10 1.85
C LEU A 37 -4.35 -1.22 0.41
N VAL A 38 -3.09 -1.54 0.15
CA VAL A 38 -2.57 -1.57 -1.20
C VAL A 38 -3.22 -2.67 -2.07
N ASN A 39 -3.66 -3.76 -1.45
CA ASN A 39 -4.32 -4.86 -2.19
C ASN A 39 -5.76 -4.46 -2.54
N SER A 40 -6.19 -3.30 -2.02
CA SER A 40 -7.54 -2.81 -2.14
C SER A 40 -8.47 -3.82 -1.47
N THR A 41 -8.39 -3.84 -0.17
CA THR A 41 -9.10 -4.80 0.65
C THR A 41 -9.46 -4.15 2.01
N LEU A 42 -9.07 -2.90 2.19
CA LEU A 42 -9.37 -2.11 3.37
C LEU A 42 -9.78 -0.76 2.92
N THR A 43 -10.58 -0.09 3.71
CA THR A 43 -11.00 1.23 3.43
C THR A 43 -9.87 2.17 3.93
N ILE A 44 -9.71 3.35 3.32
CA ILE A 44 -8.62 4.30 3.65
C ILE A 44 -8.66 4.66 5.16
N GLU A 45 -9.84 5.04 5.59
CA GLU A 45 -10.13 5.43 6.96
C GLU A 45 -9.84 4.28 7.92
N GLU A 46 -10.11 3.08 7.48
CA GLU A 46 -9.88 1.90 8.31
C GLU A 46 -8.43 1.53 8.41
N PHE A 47 -7.72 1.67 7.31
CA PHE A 47 -6.28 1.42 7.28
C PHE A 47 -5.56 2.29 8.28
N HIS A 48 -5.93 3.55 8.31
CA HIS A 48 -5.25 4.51 9.14
C HIS A 48 -5.52 4.24 10.62
N SER A 49 -6.79 4.09 10.96
CA SER A 49 -7.20 3.95 12.34
C SER A 49 -6.75 2.64 13.00
N LYS A 50 -6.67 1.56 12.24
CA LYS A 50 -6.22 0.28 12.80
C LYS A 50 -4.74 0.34 13.05
N LEU A 51 -4.02 0.82 12.06
CA LEU A 51 -2.60 1.09 12.19
C LEU A 51 -2.25 1.83 13.51
N GLN A 52 -3.02 2.88 13.86
CA GLN A 52 -2.77 3.61 15.11
C GLN A 52 -3.27 2.83 16.32
N GLU A 53 -4.32 2.04 16.15
CA GLU A 53 -4.80 1.11 17.19
C GLU A 53 -3.63 0.25 17.67
N ALA A 54 -2.89 -0.26 16.71
CA ALA A 54 -1.79 -1.15 16.95
C ALA A 54 -0.57 -0.44 17.51
N THR A 55 -0.23 0.68 16.94
CA THR A 55 1.00 1.38 17.30
C THR A 55 0.87 2.32 18.48
N ASN A 56 -0.37 2.51 18.97
CA ASN A 56 -0.81 3.61 19.94
C ASN A 56 0.00 4.95 19.79
N PHE A 57 0.62 5.15 18.66
CA PHE A 57 1.47 6.29 18.39
C PHE A 57 0.70 7.50 17.81
N PRO A 58 0.94 8.72 18.31
CA PRO A 58 0.51 9.93 17.62
C PRO A 58 1.37 10.03 16.37
N LEU A 59 0.79 10.22 15.21
CA LEU A 59 1.50 9.94 13.99
C LEU A 59 1.31 11.08 13.01
N ARG A 60 2.24 11.21 12.05
CA ARG A 60 2.14 12.27 11.05
C ARG A 60 0.89 12.06 10.18
N PRO A 61 0.04 13.07 10.05
CA PRO A 61 -1.24 12.95 9.30
C PRO A 61 -1.09 13.01 7.77
N PHE A 62 0.13 12.86 7.27
CA PHE A 62 0.36 12.95 5.83
C PHE A 62 -0.03 11.67 5.09
N VAL A 63 -0.20 10.58 5.84
CA VAL A 63 -0.41 9.26 5.22
C VAL A 63 -1.68 9.18 4.38
N ILE A 64 -2.80 9.69 4.87
CA ILE A 64 -4.03 9.62 4.05
C ILE A 64 -3.89 10.36 2.68
N PRO A 65 -3.56 11.68 2.68
CA PRO A 65 -3.34 12.40 1.43
C PRO A 65 -2.16 11.86 0.62
N PHE A 66 -1.25 11.13 1.28
CA PHE A 66 -0.13 10.49 0.60
C PHE A 66 -0.67 9.52 -0.47
N LEU A 67 -1.32 8.44 -0.05
CA LEU A 67 -1.94 7.50 -1.00
C LEU A 67 -3.03 8.14 -1.84
N LYS A 68 -3.66 9.17 -1.32
CA LYS A 68 -4.65 9.90 -2.09
C LYS A 68 -4.00 10.59 -3.25
N ALA A 69 -2.77 11.04 -3.06
CA ALA A 69 -1.96 11.64 -4.12
C ALA A 69 -1.29 10.60 -4.98
N ASN A 70 -1.36 9.35 -4.57
CA ASN A 70 -0.74 8.26 -5.31
C ASN A 70 -1.69 7.76 -6.32
N LEU A 71 -2.93 8.13 -6.18
CA LEU A 71 -3.88 7.87 -7.19
C LEU A 71 -3.62 8.80 -8.42
N PRO A 72 -3.76 10.17 -8.32
CA PRO A 72 -3.48 11.09 -9.46
C PRO A 72 -2.07 10.92 -10.07
N LEU A 73 -1.14 10.35 -9.30
CA LEU A 73 0.20 10.09 -9.78
C LEU A 73 0.24 8.90 -10.74
N LEU A 74 0.03 7.70 -10.21
CA LEU A 74 0.17 6.47 -10.98
C LEU A 74 -1.01 6.16 -11.88
N GLN A 75 -2.17 6.75 -11.59
CA GLN A 75 -3.37 6.42 -12.36
C GLN A 75 -3.29 6.60 -13.85
N ARG A 76 -2.61 7.60 -14.40
CA ARG A 76 -2.62 7.72 -15.87
C ARG A 76 -1.86 6.57 -16.54
N GLU A 77 -0.79 6.16 -15.92
CA GLU A 77 0.03 5.08 -16.43
C GLU A 77 -0.69 3.75 -16.22
N LEU A 78 -1.17 3.54 -15.01
CA LEU A 78 -1.80 2.31 -14.61
C LEU A 78 -3.22 2.17 -15.19
N LEU A 79 -3.90 3.28 -15.35
CA LEU A 79 -5.24 3.26 -15.97
C LEU A 79 -5.15 2.84 -17.42
N HIS A 80 -4.04 3.17 -18.10
CA HIS A 80 -3.86 2.79 -19.51
C HIS A 80 -3.79 1.27 -19.58
N CYS A 81 -3.07 0.72 -18.62
CA CYS A 81 -2.97 -0.70 -18.44
C CYS A 81 -4.41 -1.28 -18.22
N ALA A 82 -5.05 -0.80 -17.13
CA ALA A 82 -6.46 -1.12 -16.78
C ALA A 82 -7.39 -1.12 -18.02
N ARG A 83 -7.36 -0.01 -18.80
CA ARG A 83 -8.13 0.16 -20.05
C ARG A 83 -8.11 -1.09 -20.92
N LEU A 84 -6.93 -1.57 -21.22
CA LEU A 84 -6.74 -2.72 -22.10
C LEU A 84 -7.39 -3.99 -21.54
N ALA A 85 -7.07 -4.28 -20.28
CA ALA A 85 -7.52 -5.49 -19.60
C ALA A 85 -9.03 -5.51 -19.40
N LYS A 86 -9.61 -4.30 -19.41
CA LYS A 86 -11.01 -4.07 -19.13
C LYS A 86 -11.29 -4.47 -17.70
N GLN A 87 -10.64 -3.79 -16.80
CA GLN A 87 -10.80 -4.00 -15.37
C GLN A 87 -10.55 -2.72 -14.64
N ASN A 88 -11.02 -2.62 -13.42
CA ASN A 88 -10.87 -1.40 -12.66
C ASN A 88 -9.44 -1.24 -12.21
N PRO A 89 -8.93 0.02 -12.17
CA PRO A 89 -7.54 0.30 -11.78
C PRO A 89 -7.23 -0.28 -10.41
N ALA A 90 -8.23 -0.26 -9.53
CA ALA A 90 -8.14 -0.82 -8.18
C ALA A 90 -7.66 -2.28 -8.18
N GLN A 91 -8.31 -3.13 -8.96
CA GLN A 91 -7.93 -4.55 -8.98
C GLN A 91 -6.66 -4.77 -9.80
N TYR A 92 -6.36 -3.83 -10.67
CA TYR A 92 -5.15 -3.95 -11.46
C TYR A 92 -3.96 -3.69 -10.58
N LEU A 93 -4.00 -2.59 -9.83
CA LEU A 93 -2.92 -2.26 -8.93
C LEU A 93 -2.77 -3.34 -7.87
N ALA A 94 -3.90 -3.95 -7.53
CA ALA A 94 -3.97 -5.05 -6.58
C ALA A 94 -3.10 -6.24 -7.06
N GLN A 95 -3.38 -6.69 -8.28
CA GLN A 95 -2.72 -7.86 -8.84
C GLN A 95 -1.28 -7.56 -9.29
N HIS A 96 -0.98 -6.29 -9.44
CA HIS A 96 0.29 -5.92 -9.97
C HIS A 96 1.27 -5.70 -8.84
N GLU A 97 0.87 -4.88 -7.84
CA GLU A 97 1.71 -4.59 -6.67
C GLU A 97 2.00 -5.84 -5.84
N GLN A 98 1.22 -6.89 -6.01
CA GLN A 98 1.50 -8.10 -5.28
C GLN A 98 2.50 -9.00 -6.05
N LEU A 99 2.42 -9.03 -7.38
CA LEU A 99 3.40 -9.81 -8.12
C LEU A 99 4.79 -9.18 -8.19
N LEU A 100 4.85 -7.87 -8.08
CA LEU A 100 6.13 -7.18 -8.01
C LEU A 100 6.70 -7.22 -6.56
N LEU A 101 5.87 -7.74 -5.66
CA LEU A 101 6.16 -7.90 -4.24
C LEU A 101 6.80 -9.27 -3.93
N ASP A 102 6.35 -10.29 -4.65
CA ASP A 102 6.72 -11.68 -4.39
C ASP A 102 8.22 -11.95 -4.58
N ALA A 103 8.68 -13.00 -3.96
CA ALA A 103 10.10 -13.30 -3.85
C ALA A 103 10.46 -14.63 -4.53
N SER A 104 9.64 -15.06 -5.46
CA SER A 104 9.86 -16.34 -6.14
C SER A 104 10.93 -16.25 -7.24
N THR A 105 11.51 -15.10 -7.39
CA THR A 105 12.52 -14.90 -8.37
C THR A 105 13.89 -15.27 -7.78
N THR A 106 14.51 -16.28 -8.34
CA THR A 106 15.80 -16.74 -7.90
C THR A 106 16.92 -15.80 -8.39
N SER A 107 16.84 -15.40 -9.66
CA SER A 107 17.81 -14.48 -10.29
C SER A 107 19.29 -14.88 -10.05
N GLY A 1 8.50 6.45 -13.29
CA GLY A 1 7.77 6.01 -12.12
C GLY A 1 8.71 5.81 -10.95
N ALA A 2 10.00 5.94 -11.26
CA ALA A 2 11.10 5.72 -10.30
C ALA A 2 10.97 6.59 -9.04
N ARG A 3 10.35 7.74 -9.20
CA ARG A 3 10.20 8.68 -8.10
C ARG A 3 9.21 8.09 -7.10
N GLN A 4 8.03 7.70 -7.61
CA GLN A 4 6.99 7.09 -6.78
C GLN A 4 7.48 5.77 -6.18
N LEU A 5 8.30 5.06 -6.93
CA LEU A 5 8.92 3.78 -6.49
C LEU A 5 9.67 4.03 -5.15
N SER A 6 10.46 5.09 -5.13
CA SER A 6 11.22 5.48 -3.93
C SER A 6 10.32 5.82 -2.75
N LYS A 7 9.20 6.37 -3.04
CA LYS A 7 8.27 6.74 -1.98
C LYS A 7 7.36 5.58 -1.56
N LEU A 8 7.04 4.73 -2.50
CA LEU A 8 6.20 3.56 -2.22
C LEU A 8 6.98 2.53 -1.45
N LYS A 9 8.22 2.30 -1.81
CA LYS A 9 8.98 1.26 -1.15
C LYS A 9 9.36 1.74 0.24
N ARG A 10 9.77 3.02 0.30
CA ARG A 10 10.05 3.74 1.55
C ARG A 10 8.96 3.49 2.58
N PHE A 11 7.72 3.51 2.10
CA PHE A 11 6.55 3.46 2.93
C PHE A 11 6.34 2.08 3.55
N LEU A 12 6.39 1.03 2.73
CA LEU A 12 6.19 -0.30 3.25
C LEU A 12 7.32 -0.67 4.20
N THR A 13 8.50 -0.13 3.90
CA THR A 13 9.65 -0.30 4.77
C THR A 13 9.42 0.41 6.12
N THR A 14 8.72 1.54 6.11
CA THR A 14 8.65 2.39 7.29
C THR A 14 7.63 1.84 8.26
N LEU A 15 6.41 1.61 7.78
CA LEU A 15 5.38 1.00 8.61
C LEU A 15 5.84 -0.32 9.26
N GLN A 16 6.68 -1.04 8.53
CA GLN A 16 7.20 -2.30 8.95
C GLN A 16 8.29 -2.11 10.01
N GLN A 17 9.26 -1.26 9.73
CA GLN A 17 10.35 -1.06 10.65
C GLN A 17 9.97 -0.23 11.84
N TYR A 18 8.88 0.52 11.73
CA TYR A 18 8.38 1.26 12.86
C TYR A 18 7.73 0.33 13.89
N GLY A 19 6.84 -0.57 13.45
CA GLY A 19 6.23 -1.47 14.37
C GLY A 19 7.26 -2.38 14.96
N ASN A 20 8.12 -2.91 14.10
CA ASN A 20 9.22 -3.77 14.54
C ASN A 20 10.16 -3.04 15.57
N ASP A 21 10.22 -1.71 15.43
CA ASP A 21 11.10 -0.85 16.26
C ASP A 21 10.60 -0.77 17.70
N ILE A 22 9.30 -1.05 17.86
CA ILE A 22 8.69 -1.04 19.18
C ILE A 22 9.08 -2.34 19.88
N SER A 23 8.52 -3.46 19.45
CA SER A 23 8.87 -4.78 20.04
C SER A 23 8.03 -5.97 19.52
N PRO A 24 6.67 -5.98 19.76
CA PRO A 24 5.83 -7.15 19.47
C PRO A 24 5.52 -7.35 17.98
N GLU A 25 4.52 -8.19 17.71
CA GLU A 25 4.02 -8.53 16.38
C GLU A 25 3.28 -7.35 15.73
N ILE A 26 3.46 -6.18 16.29
CA ILE A 26 2.77 -5.04 15.92
C ILE A 26 3.26 -4.59 14.54
N GLY A 27 4.53 -4.93 14.17
CA GLY A 27 4.99 -4.57 12.84
C GLY A 27 4.43 -5.48 11.77
N GLU A 28 4.29 -6.76 12.07
CA GLU A 28 3.73 -7.70 11.09
C GLU A 28 2.23 -7.43 10.95
N ARG A 29 1.61 -7.08 12.07
CA ARG A 29 0.21 -6.69 12.14
C ARG A 29 -0.03 -5.47 11.24
N VAL A 30 0.82 -4.45 11.42
CA VAL A 30 0.81 -3.23 10.62
C VAL A 30 1.06 -3.54 9.13
N ARG A 31 1.93 -4.51 8.87
CA ARG A 31 2.23 -4.93 7.50
C ARG A 31 1.03 -5.67 6.90
N THR A 32 0.33 -6.39 7.72
CA THR A 32 -0.84 -7.12 7.28
C THR A 32 -1.93 -6.12 6.79
N LEU A 33 -2.04 -5.01 7.47
CA LEU A 33 -2.98 -3.99 7.09
C LEU A 33 -2.55 -3.26 5.82
N VAL A 34 -1.24 -3.09 5.63
CA VAL A 34 -0.72 -2.48 4.40
C VAL A 34 -0.96 -3.43 3.22
N LEU A 35 -0.82 -4.72 3.47
CA LEU A 35 -1.11 -5.72 2.45
C LEU A 35 -2.61 -5.72 2.13
N GLY A 36 -3.43 -5.67 3.17
CA GLY A 36 -4.88 -5.56 2.99
C GLY A 36 -5.25 -4.32 2.18
N LEU A 37 -4.48 -3.26 2.40
CA LEU A 37 -4.67 -2.01 1.71
C LEU A 37 -4.31 -2.17 0.24
N VAL A 38 -3.08 -2.60 -0.05
CA VAL A 38 -2.63 -2.74 -1.43
C VAL A 38 -3.41 -3.79 -2.22
N ASN A 39 -3.86 -4.85 -1.56
CA ASN A 39 -4.65 -5.90 -2.23
C ASN A 39 -6.10 -5.49 -2.45
N SER A 40 -6.45 -4.30 -1.96
CA SER A 40 -7.78 -3.77 -2.04
C SER A 40 -8.73 -4.68 -1.24
N THR A 41 -8.58 -4.61 0.05
CA THR A 41 -9.38 -5.42 0.97
C THR A 41 -9.55 -4.65 2.32
N LEU A 42 -9.06 -3.43 2.33
CA LEU A 42 -9.20 -2.54 3.44
C LEU A 42 -9.59 -1.19 2.90
N THR A 43 -10.50 -0.55 3.59
CA THR A 43 -10.95 0.74 3.20
C THR A 43 -9.94 1.75 3.78
N ILE A 44 -9.79 2.91 3.15
CA ILE A 44 -8.81 3.91 3.56
C ILE A 44 -9.01 4.29 5.05
N GLU A 45 -10.25 4.62 5.41
CA GLU A 45 -10.62 4.98 6.80
C GLU A 45 -10.41 3.80 7.78
N GLU A 46 -10.59 2.58 7.29
CA GLU A 46 -10.37 1.36 8.10
C GLU A 46 -8.87 1.16 8.32
N PHE A 47 -8.13 1.14 7.25
CA PHE A 47 -6.72 0.88 7.30
C PHE A 47 -5.97 1.84 8.19
N HIS A 48 -6.23 3.11 8.05
CA HIS A 48 -5.45 4.08 8.79
C HIS A 48 -5.76 4.08 10.29
N SER A 49 -7.02 4.18 10.64
CA SER A 49 -7.39 4.32 12.04
C SER A 49 -7.14 3.03 12.84
N LYS A 50 -7.25 1.86 12.21
CA LYS A 50 -7.01 0.58 12.91
C LYS A 50 -5.53 0.40 13.14
N LEU A 51 -4.75 0.50 12.07
CA LEU A 51 -3.29 0.47 12.11
C LEU A 51 -2.73 1.37 13.22
N GLN A 52 -3.21 2.60 13.25
CA GLN A 52 -2.70 3.60 14.15
C GLN A 52 -3.18 3.32 15.58
N GLU A 53 -4.44 2.86 15.71
CA GLU A 53 -5.02 2.38 16.99
C GLU A 53 -4.12 1.31 17.63
N ALA A 54 -3.52 0.48 16.79
CA ALA A 54 -2.69 -0.62 17.24
C ALA A 54 -1.34 -0.09 17.75
N THR A 55 -0.91 1.03 17.22
CA THR A 55 0.37 1.61 17.58
C THR A 55 0.27 2.83 18.52
N ASN A 56 -0.98 3.20 18.89
CA ASN A 56 -1.41 4.47 19.67
C ASN A 56 -0.50 5.73 19.45
N PHE A 57 0.27 5.72 18.41
CA PHE A 57 1.30 6.71 18.18
C PHE A 57 0.81 7.96 17.45
N PRO A 58 1.19 9.14 17.94
CA PRO A 58 1.08 10.36 17.15
C PRO A 58 2.09 10.19 16.01
N LEU A 59 1.66 10.26 14.79
CA LEU A 59 2.47 9.79 13.70
C LEU A 59 2.59 10.86 12.63
N ARG A 60 3.63 10.78 11.78
CA ARG A 60 3.67 11.61 10.60
C ARG A 60 2.50 11.21 9.71
N PRO A 61 1.54 12.13 9.54
CA PRO A 61 0.23 11.87 8.92
C PRO A 61 0.30 11.72 7.40
N PHE A 62 1.47 11.48 6.86
CA PHE A 62 1.65 11.48 5.43
C PHE A 62 1.09 10.20 4.78
N VAL A 63 0.69 9.21 5.58
CA VAL A 63 0.17 7.94 5.03
C VAL A 63 -1.08 8.17 4.19
N ILE A 64 -2.03 8.93 4.69
CA ILE A 64 -3.26 9.20 3.93
C ILE A 64 -2.93 9.93 2.59
N PRO A 65 -2.24 11.12 2.65
CA PRO A 65 -1.82 11.83 1.44
C PRO A 65 -0.87 11.02 0.55
N PHE A 66 -0.17 10.04 1.11
CA PHE A 66 0.68 9.14 0.33
C PHE A 66 -0.15 8.41 -0.73
N LEU A 67 -1.08 7.56 -0.29
CA LEU A 67 -1.99 6.91 -1.20
C LEU A 67 -2.85 7.89 -1.98
N LYS A 68 -3.16 9.05 -1.40
CA LYS A 68 -3.91 10.08 -2.10
C LYS A 68 -3.13 10.64 -3.28
N ALA A 69 -1.85 10.92 -3.09
CA ALA A 69 -0.96 11.43 -4.15
C ALA A 69 -0.53 10.32 -5.08
N ASN A 70 -0.88 9.12 -4.77
CA ASN A 70 -0.55 8.00 -5.62
C ASN A 70 -1.62 7.87 -6.65
N LEU A 71 -2.81 8.34 -6.31
CA LEU A 71 -3.92 8.37 -7.22
C LEU A 71 -3.62 9.25 -8.47
N PRO A 72 -3.43 10.61 -8.35
CA PRO A 72 -3.21 11.46 -9.51
C PRO A 72 -1.86 11.17 -10.18
N LEU A 73 -0.94 10.59 -9.42
CA LEU A 73 0.39 10.30 -9.91
C LEU A 73 0.35 9.11 -10.89
N LEU A 74 0.03 7.93 -10.36
CA LEU A 74 0.04 6.67 -11.13
C LEU A 74 -1.11 6.54 -12.09
N GLN A 75 -2.21 7.24 -11.83
CA GLN A 75 -3.40 7.02 -12.63
C GLN A 75 -3.29 7.16 -14.12
N ARG A 76 -2.58 8.09 -14.69
CA ARG A 76 -2.63 8.22 -16.17
C ARG A 76 -2.06 6.96 -16.85
N GLU A 77 -0.93 6.56 -16.37
CA GLU A 77 -0.23 5.44 -16.91
C GLU A 77 -0.91 4.08 -16.52
N LEU A 78 -1.32 3.94 -15.28
CA LEU A 78 -1.95 2.73 -14.80
C LEU A 78 -3.43 2.62 -15.20
N LEU A 79 -4.11 3.75 -15.32
CA LEU A 79 -5.52 3.77 -15.76
C LEU A 79 -5.59 3.29 -17.20
N HIS A 80 -4.53 3.50 -17.97
CA HIS A 80 -4.48 2.99 -19.35
C HIS A 80 -4.45 1.47 -19.29
N CYS A 81 -3.66 0.94 -18.37
CA CYS A 81 -3.65 -0.50 -18.11
C CYS A 81 -5.10 -0.97 -17.75
N ALA A 82 -5.61 -0.45 -16.63
CA ALA A 82 -7.00 -0.66 -16.12
C ALA A 82 -8.05 -0.67 -17.23
N ARG A 83 -8.14 0.47 -17.96
CA ARG A 83 -9.09 0.68 -19.09
C ARG A 83 -9.15 -0.52 -20.03
N LEU A 84 -7.99 -0.98 -20.48
CA LEU A 84 -7.89 -2.15 -21.37
C LEU A 84 -8.36 -3.43 -20.69
N ALA A 85 -7.84 -3.70 -19.48
CA ALA A 85 -8.16 -4.92 -18.71
C ALA A 85 -9.63 -4.98 -18.34
N LYS A 86 -10.25 -3.80 -18.33
CA LYS A 86 -11.64 -3.62 -17.99
C LYS A 86 -11.83 -3.96 -16.52
N GLN A 87 -11.06 -3.29 -15.72
CA GLN A 87 -11.11 -3.44 -14.28
C GLN A 87 -10.80 -2.12 -13.66
N ASN A 88 -11.17 -1.96 -12.44
CA ASN A 88 -10.95 -0.72 -11.75
C ASN A 88 -9.47 -0.63 -11.41
N PRO A 89 -8.87 0.58 -11.48
CA PRO A 89 -7.45 0.79 -11.19
C PRO A 89 -7.04 0.20 -9.84
N ALA A 90 -7.95 0.29 -8.88
CA ALA A 90 -7.81 -0.29 -7.55
C ALA A 90 -7.48 -1.78 -7.63
N GLN A 91 -8.30 -2.53 -8.38
CA GLN A 91 -8.08 -3.96 -8.52
C GLN A 91 -6.89 -4.27 -9.43
N TYR A 92 -6.54 -3.33 -10.29
CA TYR A 92 -5.37 -3.55 -11.10
C TYR A 92 -4.14 -3.46 -10.24
N LEU A 93 -3.99 -2.36 -9.51
CA LEU A 93 -2.82 -2.15 -8.67
C LEU A 93 -2.70 -3.26 -7.63
N ALA A 94 -3.83 -3.75 -7.15
CA ALA A 94 -3.89 -4.81 -6.16
C ALA A 94 -3.38 -6.13 -6.71
N GLN A 95 -3.98 -6.56 -7.80
CA GLN A 95 -3.70 -7.86 -8.37
C GLN A 95 -2.38 -7.87 -9.13
N HIS A 96 -1.87 -6.70 -9.41
CA HIS A 96 -0.68 -6.61 -10.18
C HIS A 96 0.53 -6.47 -9.28
N GLU A 97 0.50 -5.56 -8.34
CA GLU A 97 1.63 -5.39 -7.44
C GLU A 97 1.82 -6.60 -6.48
N GLN A 98 0.86 -7.52 -6.45
CA GLN A 98 1.18 -8.77 -5.76
C GLN A 98 1.75 -9.79 -6.76
N LEU A 99 1.14 -9.85 -7.94
CA LEU A 99 1.46 -10.88 -8.94
C LEU A 99 2.83 -10.69 -9.57
N LEU A 100 3.36 -9.50 -9.54
CA LEU A 100 4.66 -9.25 -10.17
C LEU A 100 5.80 -9.70 -9.24
N LEU A 101 5.47 -9.84 -7.96
CA LEU A 101 6.43 -10.21 -6.92
C LEU A 101 6.49 -11.74 -6.73
N ASP A 102 5.34 -12.37 -6.83
CA ASP A 102 5.20 -13.78 -6.52
C ASP A 102 5.66 -14.67 -7.68
N ALA A 103 6.03 -15.90 -7.36
CA ALA A 103 6.66 -16.82 -8.32
C ALA A 103 5.66 -17.79 -8.92
N SER A 104 4.39 -17.51 -8.76
CA SER A 104 3.37 -18.35 -9.32
C SER A 104 3.22 -18.17 -10.84
N THR A 105 3.87 -17.16 -11.39
CA THR A 105 3.88 -16.99 -12.81
C THR A 105 4.82 -18.05 -13.40
N THR A 106 4.36 -18.74 -14.40
CA THR A 106 5.11 -19.82 -14.96
C THR A 106 5.76 -19.42 -16.31
N SER A 107 5.45 -18.22 -16.75
CA SER A 107 5.96 -17.69 -18.03
C SER A 107 7.49 -17.75 -18.13
N GLY A 1 4.65 6.65 -12.17
CA GLY A 1 4.25 5.63 -11.22
C GLY A 1 5.47 4.90 -10.71
N ALA A 2 6.56 5.05 -11.42
CA ALA A 2 7.84 4.42 -11.07
C ALA A 2 8.38 5.02 -9.77
N ARG A 3 8.04 6.26 -9.55
CA ARG A 3 8.58 7.02 -8.44
C ARG A 3 7.91 6.62 -7.15
N GLN A 4 6.60 6.60 -7.15
CA GLN A 4 5.84 6.28 -5.96
C GLN A 4 6.09 4.84 -5.52
N LEU A 5 6.43 3.97 -6.46
CA LEU A 5 6.67 2.57 -6.12
C LEU A 5 7.91 2.53 -5.22
N SER A 6 8.98 3.18 -5.66
CA SER A 6 10.18 3.28 -4.85
C SER A 6 9.94 4.08 -3.54
N LYS A 7 8.83 4.82 -3.51
CA LYS A 7 8.50 5.67 -2.37
C LYS A 7 7.67 4.86 -1.36
N LEU A 8 6.75 4.08 -1.90
CA LEU A 8 5.83 3.29 -1.13
C LEU A 8 6.54 2.08 -0.57
N LYS A 9 7.55 1.59 -1.26
CA LYS A 9 8.24 0.40 -0.81
C LYS A 9 9.13 0.78 0.35
N ARG A 10 9.92 1.88 0.19
CA ARG A 10 10.69 2.49 1.33
C ARG A 10 9.75 2.64 2.56
N PHE A 11 8.50 3.00 2.23
CA PHE A 11 7.46 3.34 3.20
C PHE A 11 6.99 2.06 3.91
N LEU A 12 6.89 0.98 3.16
CA LEU A 12 6.51 -0.34 3.67
C LEU A 12 7.58 -0.85 4.62
N THR A 13 8.84 -0.70 4.24
CA THR A 13 9.94 -1.10 5.08
C THR A 13 10.05 -0.19 6.33
N THR A 14 9.42 0.96 6.27
CA THR A 14 9.50 1.89 7.37
C THR A 14 8.46 1.50 8.44
N LEU A 15 7.19 1.41 8.05
CA LEU A 15 6.10 1.02 8.97
C LEU A 15 6.40 -0.28 9.76
N GLN A 16 6.99 -1.25 9.08
CA GLN A 16 7.29 -2.51 9.73
C GLN A 16 8.48 -2.38 10.69
N GLN A 17 9.49 -1.62 10.31
CA GLN A 17 10.64 -1.44 11.20
C GLN A 17 10.29 -0.51 12.36
N TYR A 18 9.25 0.32 12.19
CA TYR A 18 8.79 1.14 13.30
C TYR A 18 8.07 0.28 14.33
N GLY A 19 7.23 -0.64 13.87
CA GLY A 19 6.60 -1.54 14.77
C GLY A 19 7.65 -2.40 15.41
N ASN A 20 8.54 -2.91 14.58
CA ASN A 20 9.67 -3.70 15.03
C ASN A 20 10.55 -2.97 16.10
N ASP A 21 10.51 -1.62 16.10
CA ASP A 21 11.31 -0.81 17.07
C ASP A 21 10.73 -0.91 18.46
N ILE A 22 9.44 -1.20 18.49
CA ILE A 22 8.73 -1.32 19.73
C ILE A 22 9.05 -2.65 20.31
N SER A 23 8.83 -3.72 19.52
CA SER A 23 9.33 -5.15 19.77
C SER A 23 8.44 -6.25 19.22
N PRO A 24 7.13 -6.31 19.63
CA PRO A 24 6.25 -7.42 19.28
C PRO A 24 5.88 -7.48 17.81
N GLU A 25 4.86 -8.28 17.54
CA GLU A 25 4.31 -8.56 16.21
C GLU A 25 3.57 -7.33 15.66
N ILE A 26 3.80 -6.21 16.29
CA ILE A 26 3.16 -5.01 16.00
C ILE A 26 3.69 -4.44 14.68
N GLY A 27 4.95 -4.74 14.33
CA GLY A 27 5.44 -4.30 13.04
C GLY A 27 4.90 -5.18 11.92
N GLU A 28 4.62 -6.40 12.28
CA GLU A 28 4.08 -7.41 11.38
C GLU A 28 2.60 -7.06 11.10
N ARG A 29 1.85 -6.73 12.16
CA ARG A 29 0.44 -6.36 11.98
C ARG A 29 0.30 -5.12 11.11
N VAL A 30 1.14 -4.10 11.39
CA VAL A 30 1.13 -2.86 10.65
C VAL A 30 1.39 -3.13 9.17
N ARG A 31 2.25 -4.09 8.92
CA ARG A 31 2.56 -4.50 7.57
C ARG A 31 1.34 -5.26 6.97
N THR A 32 0.65 -6.02 7.80
CA THR A 32 -0.51 -6.80 7.36
C THR A 32 -1.64 -5.85 6.86
N LEU A 33 -1.83 -4.73 7.57
CA LEU A 33 -2.85 -3.76 7.19
C LEU A 33 -2.48 -3.01 5.92
N VAL A 34 -1.22 -2.69 5.74
CA VAL A 34 -0.80 -1.97 4.51
C VAL A 34 -0.91 -2.92 3.31
N LEU A 35 -0.72 -4.19 3.58
CA LEU A 35 -0.90 -5.20 2.57
C LEU A 35 -2.36 -5.25 2.16
N GLY A 36 -3.23 -5.19 3.16
CA GLY A 36 -4.68 -5.08 2.95
C GLY A 36 -5.06 -3.81 2.14
N LEU A 37 -4.29 -2.78 2.35
CA LEU A 37 -4.49 -1.51 1.67
C LEU A 37 -4.19 -1.64 0.20
N VAL A 38 -3.00 -2.11 -0.12
CA VAL A 38 -2.57 -2.20 -1.50
C VAL A 38 -3.39 -3.19 -2.35
N ASN A 39 -3.76 -4.34 -1.79
CA ASN A 39 -4.50 -5.32 -2.57
C ASN A 39 -5.97 -4.98 -2.68
N SER A 40 -6.37 -3.90 -2.00
CA SER A 40 -7.76 -3.50 -1.95
C SER A 40 -8.60 -4.48 -1.13
N THR A 41 -8.46 -4.40 0.17
CA THR A 41 -9.25 -5.20 1.11
C THR A 41 -9.51 -4.42 2.42
N LEU A 42 -9.11 -3.24 2.40
CA LEU A 42 -9.25 -2.30 3.49
C LEU A 42 -9.68 -0.99 2.90
N THR A 43 -10.51 -0.27 3.59
CA THR A 43 -10.86 1.05 3.18
C THR A 43 -9.77 1.96 3.76
N ILE A 44 -9.47 3.06 3.10
CA ILE A 44 -8.38 3.96 3.51
C ILE A 44 -8.61 4.48 4.94
N GLU A 45 -9.82 4.93 5.19
CA GLU A 45 -10.22 5.43 6.50
C GLU A 45 -10.13 4.30 7.58
N GLU A 46 -10.40 3.07 7.16
CA GLU A 46 -10.29 1.91 8.05
C GLU A 46 -8.82 1.54 8.31
N PHE A 47 -8.05 1.49 7.25
CA PHE A 47 -6.62 1.17 7.31
C PHE A 47 -5.85 2.13 8.20
N HIS A 48 -6.08 3.41 8.03
CA HIS A 48 -5.33 4.41 8.77
C HIS A 48 -5.72 4.36 10.26
N SER A 49 -6.99 4.07 10.50
CA SER A 49 -7.48 3.93 11.84
C SER A 49 -6.89 2.68 12.52
N LYS A 50 -6.83 1.54 11.82
CA LYS A 50 -6.42 0.30 12.48
C LYS A 50 -4.96 0.30 12.82
N LEU A 51 -4.13 0.67 11.87
CA LEU A 51 -2.71 0.88 12.11
C LEU A 51 -2.44 1.69 13.42
N GLN A 52 -3.19 2.77 13.62
CA GLN A 52 -3.01 3.62 14.78
C GLN A 52 -3.62 3.00 16.04
N GLU A 53 -4.72 2.25 15.89
CA GLU A 53 -5.30 1.45 17.02
C GLU A 53 -4.21 0.53 17.59
N ALA A 54 -3.40 -0.03 16.69
CA ALA A 54 -2.36 -0.97 17.03
C ALA A 54 -1.17 -0.27 17.68
N THR A 55 -0.66 0.73 17.05
CA THR A 55 0.54 1.39 17.52
C THR A 55 0.29 2.44 18.58
N ASN A 56 -0.99 2.62 18.97
CA ASN A 56 -1.55 3.74 19.83
C ASN A 56 -0.85 5.10 19.56
N PHE A 57 -0.20 5.21 18.43
CA PHE A 57 0.63 6.33 18.10
C PHE A 57 -0.16 7.43 17.42
N PRO A 58 0.02 8.68 17.81
CA PRO A 58 -0.40 9.78 16.98
C PRO A 58 0.62 9.81 15.86
N LEU A 59 0.19 9.72 14.65
CA LEU A 59 1.10 9.32 13.60
C LEU A 59 1.36 10.51 12.70
N ARG A 60 2.53 10.52 12.03
CA ARG A 60 2.80 11.53 11.05
C ARG A 60 1.73 11.38 9.95
N PRO A 61 0.88 12.39 9.79
CA PRO A 61 -0.35 12.28 9.04
C PRO A 61 -0.20 12.35 7.52
N PHE A 62 1.01 12.17 7.01
CA PHE A 62 1.22 12.28 5.57
C PHE A 62 0.74 11.04 4.83
N VAL A 63 0.39 9.99 5.56
CA VAL A 63 0.02 8.71 4.96
C VAL A 63 -1.21 8.80 4.06
N ILE A 64 -2.29 9.40 4.53
CA ILE A 64 -3.50 9.52 3.69
C ILE A 64 -3.26 10.33 2.39
N PRO A 65 -2.73 11.61 2.49
CA PRO A 65 -2.40 12.41 1.31
C PRO A 65 -1.32 11.76 0.43
N PHE A 66 -0.49 10.93 1.02
CA PHE A 66 0.52 10.16 0.29
C PHE A 66 -0.16 9.31 -0.77
N LEU A 67 -0.97 8.35 -0.33
CA LEU A 67 -1.74 7.54 -1.26
C LEU A 67 -2.75 8.35 -2.07
N LYS A 68 -3.18 9.49 -1.56
CA LYS A 68 -4.04 10.38 -2.33
C LYS A 68 -3.29 10.95 -3.52
N ALA A 69 -2.03 11.34 -3.32
CA ALA A 69 -1.20 11.89 -4.41
C ALA A 69 -0.64 10.78 -5.29
N ASN A 70 -0.89 9.56 -4.91
CA ASN A 70 -0.43 8.42 -5.66
C ASN A 70 -1.44 8.13 -6.72
N LEU A 71 -2.67 8.52 -6.48
CA LEU A 71 -3.69 8.43 -7.49
C LEU A 71 -3.35 9.30 -8.73
N PRO A 72 -3.30 10.69 -8.64
CA PRO A 72 -3.03 11.54 -9.82
C PRO A 72 -1.66 11.29 -10.41
N LEU A 73 -0.79 10.61 -9.65
CA LEU A 73 0.50 10.22 -10.17
C LEU A 73 0.32 9.05 -11.15
N LEU A 74 -0.14 7.92 -10.63
CA LEU A 74 -0.24 6.68 -11.38
C LEU A 74 -1.48 6.56 -12.27
N GLN A 75 -2.54 7.25 -11.96
CA GLN A 75 -3.83 7.07 -12.66
C GLN A 75 -3.80 7.13 -14.17
N ARG A 76 -3.16 8.10 -14.78
CA ARG A 76 -3.21 8.16 -16.25
C ARG A 76 -2.41 6.99 -16.88
N GLU A 77 -1.34 6.59 -16.21
CA GLU A 77 -0.51 5.50 -16.67
C GLU A 77 -1.25 4.16 -16.49
N LEU A 78 -1.77 3.95 -15.29
CA LEU A 78 -2.42 2.70 -14.91
C LEU A 78 -3.82 2.57 -15.52
N LEU A 79 -4.56 3.66 -15.61
CA LEU A 79 -5.93 3.62 -16.17
C LEU A 79 -5.88 3.24 -17.63
N HIS A 80 -4.80 3.59 -18.32
CA HIS A 80 -4.63 3.19 -19.72
C HIS A 80 -4.50 1.66 -19.77
N CYS A 81 -3.68 1.13 -18.90
CA CYS A 81 -3.53 -0.33 -18.77
C CYS A 81 -4.92 -0.96 -18.47
N ALA A 82 -5.47 -0.56 -17.31
CA ALA A 82 -6.78 -0.97 -16.82
C ALA A 82 -7.83 -1.01 -17.91
N ARG A 83 -8.07 0.16 -18.50
CA ARG A 83 -9.07 0.31 -19.51
C ARG A 83 -9.08 -0.72 -20.65
N LEU A 84 -7.90 -1.03 -21.24
CA LEU A 84 -7.85 -2.06 -22.28
C LEU A 84 -8.23 -3.43 -21.73
N ALA A 85 -7.73 -3.74 -20.53
CA ALA A 85 -7.97 -5.02 -19.85
C ALA A 85 -9.43 -5.22 -19.45
N LYS A 86 -10.22 -4.14 -19.61
CA LYS A 86 -11.62 -4.08 -19.24
C LYS A 86 -11.88 -4.46 -17.81
N GLN A 87 -11.24 -3.76 -16.92
CA GLN A 87 -11.42 -4.01 -15.52
C GLN A 87 -11.27 -2.72 -14.75
N ASN A 88 -11.75 -2.72 -13.52
CA ASN A 88 -11.60 -1.57 -12.65
C ASN A 88 -10.16 -1.46 -12.19
N PRO A 89 -9.60 -0.21 -12.20
CA PRO A 89 -8.18 0.06 -11.85
C PRO A 89 -7.80 -0.53 -10.49
N ALA A 90 -8.77 -0.52 -9.58
CA ALA A 90 -8.64 -1.07 -8.24
C ALA A 90 -8.06 -2.48 -8.26
N GLN A 91 -8.72 -3.34 -8.98
CA GLN A 91 -8.32 -4.72 -9.02
C GLN A 91 -7.11 -4.94 -9.94
N TYR A 92 -6.80 -3.94 -10.75
CA TYR A 92 -5.62 -4.02 -11.58
C TYR A 92 -4.43 -3.84 -10.71
N LEU A 93 -4.43 -2.74 -9.96
CA LEU A 93 -3.34 -2.42 -9.05
C LEU A 93 -3.25 -3.48 -7.94
N ALA A 94 -4.39 -4.10 -7.65
CA ALA A 94 -4.43 -5.22 -6.75
C ALA A 94 -3.57 -6.37 -7.31
N GLN A 95 -3.86 -6.75 -8.55
CA GLN A 95 -3.21 -7.87 -9.22
C GLN A 95 -1.74 -7.56 -9.55
N HIS A 96 -1.44 -6.31 -9.75
CA HIS A 96 -0.15 -5.94 -10.28
C HIS A 96 0.81 -5.63 -9.16
N GLU A 97 0.40 -4.74 -8.28
CA GLU A 97 1.19 -4.37 -7.12
C GLU A 97 1.38 -5.53 -6.11
N GLN A 98 0.66 -6.62 -6.29
CA GLN A 98 0.92 -7.81 -5.51
C GLN A 98 1.91 -8.72 -6.21
N LEU A 99 1.89 -8.75 -7.54
CA LEU A 99 2.81 -9.57 -8.31
C LEU A 99 4.23 -8.98 -8.24
N LEU A 100 4.35 -7.66 -8.23
CA LEU A 100 5.67 -7.00 -8.16
C LEU A 100 6.25 -6.96 -6.75
N LEU A 101 5.45 -7.38 -5.79
CA LEU A 101 5.85 -7.34 -4.40
C LEU A 101 6.54 -8.64 -3.99
N ASP A 102 6.14 -9.71 -4.63
CA ASP A 102 6.59 -11.02 -4.25
C ASP A 102 7.81 -11.46 -5.04
N ALA A 103 8.60 -12.30 -4.43
CA ALA A 103 9.89 -12.71 -4.96
C ALA A 103 9.79 -14.00 -5.76
N SER A 104 8.62 -14.25 -6.30
CA SER A 104 8.44 -15.45 -7.07
C SER A 104 8.83 -15.21 -8.53
N THR A 105 8.94 -13.96 -8.89
CA THR A 105 9.35 -13.55 -10.20
C THR A 105 10.88 -13.56 -10.34
N THR A 106 11.37 -14.30 -11.30
CA THR A 106 12.78 -14.27 -11.62
C THR A 106 13.03 -13.22 -12.74
N SER A 107 12.13 -13.17 -13.70
CA SER A 107 12.24 -12.26 -14.83
C SER A 107 11.40 -10.99 -14.66
N GLY A 1 5.42 5.85 -12.96
CA GLY A 1 5.05 4.85 -12.00
C GLY A 1 6.22 4.54 -11.11
N ALA A 2 7.37 4.27 -11.77
CA ALA A 2 8.67 3.92 -11.14
C ALA A 2 9.00 4.77 -9.95
N ARG A 3 8.67 5.99 -10.06
CA ARG A 3 8.96 6.99 -9.09
C ARG A 3 8.21 6.75 -7.76
N GLN A 4 6.92 6.94 -7.77
CA GLN A 4 6.12 6.82 -6.56
C GLN A 4 6.05 5.37 -6.11
N LEU A 5 6.21 4.45 -7.04
CA LEU A 5 6.29 3.02 -6.72
C LEU A 5 7.54 2.78 -5.85
N SER A 6 8.69 3.31 -6.28
CA SER A 6 9.94 3.23 -5.49
C SER A 6 9.81 4.00 -4.17
N LYS A 7 8.78 4.82 -4.07
CA LYS A 7 8.55 5.58 -2.87
C LYS A 7 7.59 4.77 -1.97
N LEU A 8 6.77 3.98 -2.61
CA LEU A 8 5.80 3.12 -1.95
C LEU A 8 6.48 1.95 -1.29
N LYS A 9 7.40 1.29 -1.98
CA LYS A 9 8.00 0.14 -1.36
C LYS A 9 8.99 0.56 -0.29
N ARG A 10 9.62 1.73 -0.49
CA ARG A 10 10.38 2.45 0.54
C ARG A 10 9.54 2.51 1.86
N PHE A 11 8.26 2.84 1.64
CA PHE A 11 7.29 3.14 2.70
C PHE A 11 6.88 1.87 3.46
N LEU A 12 6.75 0.75 2.74
CA LEU A 12 6.41 -0.51 3.36
C LEU A 12 7.56 -0.99 4.25
N THR A 13 8.77 -0.71 3.82
CA THR A 13 9.95 -1.04 4.59
C THR A 13 10.00 -0.18 5.87
N THR A 14 9.38 0.98 5.82
CA THR A 14 9.44 1.90 6.94
C THR A 14 8.44 1.48 8.03
N LEU A 15 7.16 1.29 7.66
CA LEU A 15 6.12 0.83 8.59
C LEU A 15 6.48 -0.43 9.39
N GLN A 16 7.21 -1.34 8.74
CA GLN A 16 7.59 -2.57 9.39
C GLN A 16 8.75 -2.34 10.34
N GLN A 17 9.63 -1.41 10.01
CA GLN A 17 10.73 -1.06 10.92
C GLN A 17 10.17 -0.22 12.06
N TYR A 18 9.09 0.49 11.79
CA TYR A 18 8.40 1.28 12.80
C TYR A 18 7.74 0.39 13.83
N GLY A 19 7.01 -0.62 13.38
CA GLY A 19 6.47 -1.57 14.30
C GLY A 19 7.56 -2.36 15.00
N ASN A 20 8.45 -2.94 14.23
CA ASN A 20 9.53 -3.77 14.79
C ASN A 20 10.41 -3.03 15.83
N ASP A 21 10.50 -1.67 15.67
CA ASP A 21 11.39 -0.83 16.50
C ASP A 21 10.88 -0.76 17.91
N ILE A 22 9.62 -1.04 18.06
CA ILE A 22 8.99 -1.08 19.35
C ILE A 22 9.37 -2.41 20.00
N SER A 23 8.82 -3.51 19.48
CA SER A 23 9.16 -4.90 19.92
C SER A 23 8.29 -6.03 19.34
N PRO A 24 7.01 -6.12 19.74
CA PRO A 24 6.14 -7.28 19.41
C PRO A 24 5.74 -7.41 17.93
N GLU A 25 4.65 -8.17 17.71
CA GLU A 25 4.07 -8.48 16.40
C GLU A 25 3.37 -7.23 15.79
N ILE A 26 3.68 -6.09 16.33
CA ILE A 26 3.09 -4.89 15.98
C ILE A 26 3.59 -4.43 14.60
N GLY A 27 4.81 -4.80 14.20
CA GLY A 27 5.25 -4.44 12.87
C GLY A 27 4.61 -5.34 11.82
N GLU A 28 4.43 -6.58 12.20
CA GLU A 28 3.83 -7.57 11.35
C GLU A 28 2.32 -7.29 11.18
N ARG A 29 1.65 -6.91 12.28
CA ARG A 29 0.24 -6.52 12.22
C ARG A 29 0.06 -5.28 11.32
N VAL A 30 0.90 -4.26 11.52
CA VAL A 30 0.88 -3.03 10.71
C VAL A 30 1.15 -3.35 9.23
N ARG A 31 1.97 -4.37 9.00
CA ARG A 31 2.27 -4.81 7.65
C ARG A 31 1.03 -5.46 7.03
N THR A 32 0.27 -6.14 7.85
CA THR A 32 -0.94 -6.79 7.41
C THR A 32 -1.97 -5.73 6.91
N LEU A 33 -2.01 -4.59 7.58
CA LEU A 33 -2.92 -3.52 7.18
C LEU A 33 -2.48 -2.85 5.89
N VAL A 34 -1.18 -2.67 5.72
CA VAL A 34 -0.66 -2.02 4.52
C VAL A 34 -0.88 -2.92 3.31
N LEU A 35 -0.78 -4.21 3.52
CA LEU A 35 -1.00 -5.17 2.47
C LEU A 35 -2.45 -5.13 2.04
N GLY A 36 -3.33 -5.05 3.02
CA GLY A 36 -4.77 -4.90 2.78
C GLY A 36 -5.08 -3.65 1.97
N LEU A 37 -4.35 -2.61 2.24
CA LEU A 37 -4.55 -1.36 1.54
C LEU A 37 -4.12 -1.49 0.07
N VAL A 38 -2.94 -2.03 -0.15
CA VAL A 38 -2.40 -2.24 -1.50
C VAL A 38 -3.25 -3.17 -2.33
N ASN A 39 -3.60 -4.29 -1.76
CA ASN A 39 -4.37 -5.30 -2.48
C ASN A 39 -5.83 -4.94 -2.60
N SER A 40 -6.19 -3.79 -2.01
CA SER A 40 -7.55 -3.34 -1.95
C SER A 40 -8.40 -4.39 -1.24
N THR A 41 -8.23 -4.43 0.04
CA THR A 41 -8.92 -5.36 0.95
C THR A 41 -9.21 -4.60 2.28
N LEU A 42 -8.80 -3.34 2.32
CA LEU A 42 -9.08 -2.46 3.41
C LEU A 42 -9.48 -1.16 2.82
N THR A 43 -10.33 -0.50 3.49
CA THR A 43 -10.76 0.81 3.12
C THR A 43 -9.71 1.77 3.67
N ILE A 44 -9.58 2.96 3.09
CA ILE A 44 -8.59 3.95 3.56
C ILE A 44 -8.80 4.25 5.04
N GLU A 45 -10.03 4.57 5.36
CA GLU A 45 -10.46 4.89 6.71
C GLU A 45 -10.24 3.70 7.65
N GLU A 46 -10.49 2.49 7.17
CA GLU A 46 -10.33 1.28 7.97
C GLU A 46 -8.86 0.98 8.19
N PHE A 47 -8.08 1.11 7.16
CA PHE A 47 -6.63 0.95 7.26
C PHE A 47 -6.03 1.96 8.25
N HIS A 48 -6.41 3.20 8.14
CA HIS A 48 -5.87 4.24 8.99
C HIS A 48 -6.33 4.12 10.44
N SER A 49 -7.61 3.87 10.62
CA SER A 49 -8.15 3.75 11.96
C SER A 49 -7.62 2.50 12.71
N LYS A 50 -7.50 1.36 12.04
CA LYS A 50 -7.05 0.14 12.75
C LYS A 50 -5.58 0.21 13.08
N LEU A 51 -4.76 0.47 12.06
CA LEU A 51 -3.32 0.64 12.23
C LEU A 51 -2.98 1.53 13.42
N GLN A 52 -3.67 2.67 13.54
CA GLN A 52 -3.37 3.64 14.57
C GLN A 52 -3.80 3.12 15.94
N GLU A 53 -4.96 2.44 15.98
CA GLU A 53 -5.44 1.76 17.20
C GLU A 53 -4.37 0.80 17.77
N ALA A 54 -3.64 0.14 16.87
CA ALA A 54 -2.68 -0.86 17.24
C ALA A 54 -1.41 -0.25 17.82
N THR A 55 -0.90 0.78 17.20
CA THR A 55 0.35 1.37 17.64
C THR A 55 0.17 2.49 18.66
N ASN A 56 -1.10 2.82 18.98
CA ASN A 56 -1.61 4.00 19.83
C ASN A 56 -0.69 5.28 19.83
N PHE A 57 0.16 5.36 18.87
CA PHE A 57 1.14 6.40 18.70
C PHE A 57 0.54 7.59 17.95
N PRO A 58 0.90 8.83 18.32
CA PRO A 58 0.57 9.98 17.49
C PRO A 58 1.47 9.91 16.26
N LEU A 59 0.95 10.14 15.09
CA LEU A 59 1.70 9.80 13.90
C LEU A 59 1.85 11.03 13.04
N ARG A 60 2.94 11.09 12.28
CA ARG A 60 3.16 12.18 11.35
C ARG A 60 2.10 12.01 10.25
N PRO A 61 1.27 13.01 10.05
CA PRO A 61 0.01 12.88 9.28
C PRO A 61 0.14 12.81 7.76
N PHE A 62 1.33 12.57 7.24
CA PHE A 62 1.52 12.60 5.80
C PHE A 62 0.99 11.32 5.11
N VAL A 63 0.60 10.29 5.89
CA VAL A 63 0.12 9.02 5.30
C VAL A 63 -1.18 9.20 4.47
N ILE A 64 -2.11 10.01 4.96
CA ILE A 64 -3.38 10.28 4.22
C ILE A 64 -3.07 10.91 2.83
N PRO A 65 -2.36 12.08 2.78
CA PRO A 65 -2.00 12.71 1.52
C PRO A 65 -1.05 11.86 0.69
N PHE A 66 -0.33 10.97 1.33
CA PHE A 66 0.54 10.03 0.66
C PHE A 66 -0.23 9.24 -0.39
N LEU A 67 -1.13 8.36 0.04
CA LEU A 67 -1.96 7.63 -0.91
C LEU A 67 -2.86 8.55 -1.73
N LYS A 68 -3.24 9.70 -1.17
CA LYS A 68 -4.07 10.64 -1.88
C LYS A 68 -3.36 11.24 -3.07
N ALA A 69 -2.09 11.57 -2.93
CA ALA A 69 -1.28 12.09 -4.05
C ALA A 69 -0.78 10.99 -4.96
N ASN A 70 -0.82 9.78 -4.49
CA ASN A 70 -0.22 8.69 -5.25
C ASN A 70 -1.26 8.14 -6.19
N LEU A 71 -2.53 8.42 -5.89
CA LEU A 71 -3.59 8.06 -6.80
C LEU A 71 -3.49 8.88 -8.11
N PRO A 72 -3.71 10.25 -8.12
CA PRO A 72 -3.69 11.03 -9.36
C PRO A 72 -2.30 11.07 -10.02
N LEU A 73 -1.30 10.58 -9.31
CA LEU A 73 0.01 10.44 -9.88
C LEU A 73 -0.02 9.26 -10.87
N LEU A 74 -0.18 8.09 -10.30
CA LEU A 74 -0.11 6.81 -11.01
C LEU A 74 -1.29 6.54 -11.94
N GLN A 75 -2.43 7.17 -11.69
CA GLN A 75 -3.67 6.84 -12.41
C GLN A 75 -3.60 6.84 -13.92
N ARG A 76 -2.99 7.81 -14.56
CA ARG A 76 -3.02 7.85 -16.04
C ARG A 76 -2.19 6.73 -16.69
N GLU A 77 -1.08 6.39 -16.07
CA GLU A 77 -0.24 5.33 -16.57
C GLU A 77 -0.91 3.97 -16.34
N LEU A 78 -1.41 3.79 -15.14
CA LEU A 78 -1.97 2.53 -14.70
C LEU A 78 -3.35 2.30 -15.30
N LEU A 79 -4.14 3.36 -15.39
CA LEU A 79 -5.47 3.29 -15.95
C LEU A 79 -5.45 2.91 -17.39
N HIS A 80 -4.44 3.34 -18.15
CA HIS A 80 -4.41 3.02 -19.57
C HIS A 80 -4.17 1.51 -19.75
N CYS A 81 -3.32 0.97 -18.88
CA CYS A 81 -3.14 -0.48 -18.80
C CYS A 81 -4.50 -1.14 -18.52
N ALA A 82 -5.05 -0.85 -17.34
CA ALA A 82 -6.41 -1.26 -16.90
C ALA A 82 -7.48 -1.17 -18.02
N ARG A 83 -7.59 0.02 -18.64
CA ARG A 83 -8.52 0.31 -19.76
C ARG A 83 -8.55 -0.82 -20.77
N LEU A 84 -7.37 -1.16 -21.30
CA LEU A 84 -7.21 -2.20 -22.31
C LEU A 84 -7.58 -3.57 -21.79
N ALA A 85 -7.13 -3.87 -20.56
CA ALA A 85 -7.41 -5.15 -19.90
C ALA A 85 -8.90 -5.32 -19.64
N LYS A 86 -9.57 -4.17 -19.63
CA LYS A 86 -10.99 -4.04 -19.48
C LYS A 86 -11.40 -4.49 -18.07
N GLN A 87 -10.73 -3.92 -17.11
CA GLN A 87 -10.97 -4.18 -15.70
C GLN A 87 -10.68 -2.91 -14.96
N ASN A 88 -11.16 -2.79 -13.76
CA ASN A 88 -10.97 -1.58 -12.99
C ASN A 88 -9.55 -1.45 -12.45
N PRO A 89 -9.03 -0.21 -12.43
CA PRO A 89 -7.64 0.08 -12.03
C PRO A 89 -7.30 -0.46 -10.63
N ALA A 90 -8.25 -0.31 -9.71
CA ALA A 90 -8.10 -0.76 -8.31
C ALA A 90 -7.69 -2.22 -8.23
N GLN A 91 -8.43 -3.06 -8.90
CA GLN A 91 -8.17 -4.50 -8.89
C GLN A 91 -6.98 -4.86 -9.77
N TYR A 92 -6.64 -3.98 -10.70
CA TYR A 92 -5.45 -4.21 -11.53
C TYR A 92 -4.20 -4.00 -10.69
N LEU A 93 -4.09 -2.85 -10.04
CA LEU A 93 -2.95 -2.55 -9.19
C LEU A 93 -2.86 -3.56 -8.06
N ALA A 94 -4.04 -4.02 -7.63
CA ALA A 94 -4.18 -5.03 -6.61
C ALA A 94 -3.53 -6.34 -7.04
N GLN A 95 -3.96 -6.85 -8.20
CA GLN A 95 -3.48 -8.13 -8.68
C GLN A 95 -2.05 -8.05 -9.21
N HIS A 96 -1.58 -6.84 -9.36
CA HIS A 96 -0.31 -6.62 -9.96
C HIS A 96 0.72 -6.49 -8.88
N GLU A 97 0.48 -5.61 -7.92
CA GLU A 97 1.42 -5.45 -6.83
C GLU A 97 1.52 -6.66 -5.89
N GLN A 98 0.64 -7.64 -6.06
CA GLN A 98 0.80 -8.89 -5.32
C GLN A 98 1.65 -9.88 -6.16
N LEU A 99 1.35 -10.01 -7.45
CA LEU A 99 2.03 -10.98 -8.31
C LEU A 99 3.44 -10.58 -8.70
N LEU A 100 3.73 -9.31 -8.72
CA LEU A 100 5.06 -8.86 -9.14
C LEU A 100 6.06 -8.95 -7.96
N LEU A 101 5.49 -9.23 -6.78
CA LEU A 101 6.21 -9.33 -5.52
C LEU A 101 6.65 -10.78 -5.29
N ASP A 102 5.89 -11.68 -5.84
CA ASP A 102 6.06 -13.07 -5.53
C ASP A 102 6.86 -13.76 -6.64
N ALA A 103 7.61 -14.78 -6.27
CA ALA A 103 8.45 -15.55 -7.18
C ALA A 103 7.63 -16.55 -8.02
N SER A 104 6.35 -16.30 -8.10
CA SER A 104 5.46 -17.07 -8.92
C SER A 104 5.80 -16.79 -10.38
N THR A 105 6.33 -15.60 -10.58
CA THR A 105 6.87 -15.22 -11.82
C THR A 105 8.37 -15.52 -11.76
N THR A 106 8.78 -16.50 -12.49
CA THR A 106 10.14 -16.91 -12.46
C THR A 106 10.97 -16.15 -13.53
N SER A 107 10.30 -15.31 -14.33
CA SER A 107 10.95 -14.56 -15.41
C SER A 107 12.17 -13.72 -14.89
N GLY A 1 6.02 6.62 -12.79
CA GLY A 1 5.97 5.49 -11.89
C GLY A 1 7.25 5.35 -11.07
N ALA A 2 8.37 5.75 -11.68
CA ALA A 2 9.70 5.63 -11.04
C ALA A 2 9.78 6.35 -9.72
N ARG A 3 9.15 7.49 -9.64
CA ARG A 3 9.24 8.27 -8.45
C ARG A 3 8.24 7.76 -7.43
N GLN A 4 7.05 7.39 -7.89
CA GLN A 4 6.01 6.79 -7.04
C GLN A 4 6.53 5.53 -6.37
N LEU A 5 7.28 4.75 -7.13
CA LEU A 5 7.86 3.48 -6.68
C LEU A 5 8.69 3.73 -5.41
N SER A 6 9.58 4.70 -5.50
CA SER A 6 10.45 5.05 -4.37
C SER A 6 9.62 5.58 -3.16
N LYS A 7 8.51 6.15 -3.47
CA LYS A 7 7.60 6.70 -2.47
C LYS A 7 6.83 5.59 -1.76
N LEU A 8 6.27 4.70 -2.54
CA LEU A 8 5.45 3.62 -2.04
C LEU A 8 6.29 2.57 -1.35
N LYS A 9 7.46 2.30 -1.86
CA LYS A 9 8.25 1.23 -1.32
C LYS A 9 8.82 1.63 0.00
N ARG A 10 9.45 2.81 0.03
CA ARG A 10 9.91 3.41 1.30
C ARG A 10 8.80 3.35 2.38
N PHE A 11 7.56 3.56 1.95
CA PHE A 11 6.42 3.68 2.84
C PHE A 11 6.06 2.34 3.47
N LEU A 12 6.00 1.28 2.66
CA LEU A 12 5.69 -0.03 3.19
C LEU A 12 6.80 -0.51 4.09
N THR A 13 8.02 -0.17 3.73
CA THR A 13 9.19 -0.50 4.52
C THR A 13 9.17 0.26 5.88
N THR A 14 8.45 1.36 5.92
CA THR A 14 8.46 2.22 7.08
C THR A 14 7.50 1.67 8.12
N LEU A 15 6.26 1.48 7.73
CA LEU A 15 5.25 0.90 8.62
C LEU A 15 5.71 -0.41 9.29
N GLN A 16 6.44 -1.24 8.53
CA GLN A 16 6.92 -2.51 9.02
C GLN A 16 8.08 -2.32 9.96
N GLN A 17 9.01 -1.45 9.59
CA GLN A 17 10.18 -1.25 10.42
C GLN A 17 9.85 -0.47 11.66
N TYR A 18 8.79 0.33 11.63
CA TYR A 18 8.40 1.04 12.83
C TYR A 18 7.77 0.10 13.85
N GLY A 19 6.93 -0.81 13.37
CA GLY A 19 6.37 -1.76 14.27
C GLY A 19 7.44 -2.65 14.83
N ASN A 20 8.27 -3.19 13.95
CA ASN A 20 9.40 -4.00 14.37
C ASN A 20 10.37 -3.24 15.34
N ASP A 21 10.41 -1.90 15.18
CA ASP A 21 11.31 -0.99 15.97
C ASP A 21 10.83 -0.87 17.39
N ILE A 22 9.57 -1.18 17.58
CA ILE A 22 8.99 -1.20 18.90
C ILE A 22 9.45 -2.51 19.53
N SER A 23 9.02 -3.63 18.91
CA SER A 23 9.47 -5.05 19.21
C SER A 23 8.54 -6.14 18.68
N PRO A 24 7.25 -6.18 19.17
CA PRO A 24 6.34 -7.31 18.92
C PRO A 24 5.90 -7.47 17.47
N GLU A 25 4.90 -8.33 17.30
CA GLU A 25 4.28 -8.66 16.02
C GLU A 25 3.39 -7.49 15.52
N ILE A 26 3.61 -6.35 16.12
CA ILE A 26 2.91 -5.16 15.83
C ILE A 26 3.38 -4.67 14.45
N GLY A 27 4.64 -5.00 14.05
CA GLY A 27 5.09 -4.66 12.73
C GLY A 27 4.51 -5.60 11.69
N GLU A 28 4.20 -6.80 12.14
CA GLU A 28 3.55 -7.81 11.31
C GLU A 28 2.10 -7.41 11.04
N ARG A 29 1.37 -7.01 12.11
CA ARG A 29 -0.03 -6.56 11.97
C ARG A 29 -0.11 -5.35 11.05
N VAL A 30 0.75 -4.36 11.30
CA VAL A 30 0.82 -3.13 10.51
C VAL A 30 1.18 -3.44 9.03
N ARG A 31 2.02 -4.44 8.83
CA ARG A 31 2.37 -4.91 7.48
C ARG A 31 1.16 -5.62 6.86
N THR A 32 0.43 -6.35 7.66
CA THR A 32 -0.78 -7.04 7.21
C THR A 32 -1.83 -5.99 6.75
N LEU A 33 -1.86 -4.87 7.44
CA LEU A 33 -2.80 -3.81 7.14
C LEU A 33 -2.49 -3.09 5.84
N VAL A 34 -1.22 -2.85 5.53
CA VAL A 34 -0.87 -2.20 4.27
C VAL A 34 -1.14 -3.16 3.11
N LEU A 35 -1.02 -4.45 3.39
CA LEU A 35 -1.34 -5.45 2.40
C LEU A 35 -2.83 -5.45 2.09
N GLY A 36 -3.62 -5.31 3.14
CA GLY A 36 -5.06 -5.15 3.01
C GLY A 36 -5.41 -3.93 2.15
N LEU A 37 -4.58 -2.90 2.31
CA LEU A 37 -4.76 -1.65 1.60
C LEU A 37 -4.45 -1.82 0.11
N VAL A 38 -3.27 -2.34 -0.21
CA VAL A 38 -2.86 -2.50 -1.62
C VAL A 38 -3.74 -3.48 -2.40
N ASN A 39 -4.18 -4.56 -1.77
CA ASN A 39 -5.01 -5.55 -2.48
C ASN A 39 -6.45 -5.08 -2.62
N SER A 40 -6.75 -3.90 -2.06
CA SER A 40 -8.11 -3.39 -1.98
C SER A 40 -9.00 -4.35 -1.23
N THR A 41 -8.79 -4.36 0.05
CA THR A 41 -9.51 -5.22 0.96
C THR A 41 -9.65 -4.48 2.33
N LEU A 42 -9.12 -3.27 2.38
CA LEU A 42 -9.20 -2.40 3.53
C LEU A 42 -9.49 -1.02 3.00
N THR A 43 -10.34 -0.33 3.66
CA THR A 43 -10.65 1.01 3.30
C THR A 43 -9.60 1.92 3.96
N ILE A 44 -9.32 3.05 3.36
CA ILE A 44 -8.33 4.01 3.84
C ILE A 44 -8.61 4.41 5.31
N GLU A 45 -9.84 4.76 5.58
CA GLU A 45 -10.30 5.15 6.92
C GLU A 45 -10.15 3.97 7.92
N GLU A 46 -10.32 2.77 7.40
CA GLU A 46 -10.11 1.55 8.17
C GLU A 46 -8.63 1.33 8.42
N PHE A 47 -7.87 1.32 7.35
CA PHE A 47 -6.43 1.09 7.42
C PHE A 47 -5.74 2.07 8.33
N HIS A 48 -6.06 3.33 8.23
CA HIS A 48 -5.40 4.33 9.04
C HIS A 48 -5.81 4.21 10.52
N SER A 49 -7.09 4.09 10.77
CA SER A 49 -7.59 4.05 12.15
C SER A 49 -7.17 2.76 12.88
N LYS A 50 -7.18 1.63 12.19
CA LYS A 50 -6.85 0.35 12.82
C LYS A 50 -5.34 0.28 13.08
N LEU A 51 -4.56 0.53 12.06
CA LEU A 51 -3.11 0.67 12.18
C LEU A 51 -2.69 1.59 13.36
N GLN A 52 -3.35 2.73 13.46
CA GLN A 52 -3.01 3.73 14.45
C GLN A 52 -3.48 3.30 15.84
N GLU A 53 -4.63 2.63 15.88
CA GLU A 53 -5.13 1.97 17.10
C GLU A 53 -4.06 1.02 17.67
N ALA A 54 -3.43 0.27 16.77
CA ALA A 54 -2.48 -0.77 17.15
C ALA A 54 -1.17 -0.18 17.64
N THR A 55 -0.73 0.84 17.00
CA THR A 55 0.54 1.46 17.35
C THR A 55 0.38 2.57 18.37
N ASN A 56 -0.89 2.85 18.77
CA ASN A 56 -1.40 4.04 19.60
C ASN A 56 -0.56 5.35 19.44
N PHE A 57 0.19 5.41 18.38
CA PHE A 57 1.13 6.46 18.13
C PHE A 57 0.50 7.64 17.42
N PRO A 58 0.72 8.87 17.93
CA PRO A 58 0.48 10.06 17.13
C PRO A 58 1.49 9.95 15.99
N LEU A 59 1.02 9.87 14.79
CA LEU A 59 1.85 9.38 13.72
C LEU A 59 2.22 10.50 12.80
N ARG A 60 3.31 10.34 12.04
CA ARG A 60 3.64 11.30 10.97
C ARG A 60 2.45 11.34 10.00
N PRO A 61 1.89 12.51 9.82
CA PRO A 61 0.61 12.68 9.18
C PRO A 61 0.65 12.72 7.66
N PHE A 62 1.79 12.34 7.07
CA PHE A 62 1.87 12.39 5.61
C PHE A 62 1.16 11.20 4.97
N VAL A 63 0.78 10.19 5.77
CA VAL A 63 0.24 8.95 5.22
C VAL A 63 -1.05 9.14 4.40
N ILE A 64 -2.04 9.83 4.92
CA ILE A 64 -3.30 10.00 4.18
C ILE A 64 -3.08 10.75 2.83
N PRO A 65 -2.47 11.98 2.86
CA PRO A 65 -2.17 12.72 1.63
C PRO A 65 -1.18 11.99 0.72
N PHE A 66 -0.37 11.09 1.31
CA PHE A 66 0.54 10.25 0.53
C PHE A 66 -0.23 9.42 -0.48
N LEU A 67 -1.05 8.47 0.00
CA LEU A 67 -1.92 7.68 -0.87
C LEU A 67 -2.89 8.54 -1.68
N LYS A 68 -3.24 9.70 -1.16
CA LYS A 68 -4.07 10.64 -1.90
C LYS A 68 -3.37 11.18 -3.13
N ALA A 69 -2.11 11.55 -2.99
CA ALA A 69 -1.30 12.04 -4.10
C ALA A 69 -0.78 10.91 -4.96
N ASN A 70 -0.85 9.69 -4.44
CA ASN A 70 -0.27 8.52 -5.10
C ASN A 70 -1.26 7.97 -6.07
N LEU A 71 -2.52 8.29 -5.86
CA LEU A 71 -3.53 7.91 -6.81
C LEU A 71 -3.33 8.69 -8.13
N PRO A 72 -3.53 10.05 -8.20
CA PRO A 72 -3.37 10.78 -9.47
C PRO A 72 -1.94 10.73 -10.00
N LEU A 73 -1.03 10.26 -9.16
CA LEU A 73 0.35 10.14 -9.49
C LEU A 73 0.52 9.00 -10.46
N LEU A 74 0.11 7.79 -10.06
CA LEU A 74 0.28 6.61 -10.91
C LEU A 74 -0.96 6.33 -11.81
N GLN A 75 -2.08 6.97 -11.55
CA GLN A 75 -3.34 6.65 -12.27
C GLN A 75 -3.27 6.65 -13.78
N ARG A 76 -2.59 7.59 -14.41
CA ARG A 76 -2.60 7.61 -15.90
C ARG A 76 -1.86 6.40 -16.49
N GLU A 77 -0.77 6.05 -15.88
CA GLU A 77 0.06 4.93 -16.31
C GLU A 77 -0.62 3.58 -16.00
N LEU A 78 -1.17 3.47 -14.81
CA LEU A 78 -1.78 2.25 -14.36
C LEU A 78 -3.16 2.06 -15.01
N LEU A 79 -3.94 3.14 -15.09
CA LEU A 79 -5.26 3.08 -15.69
C LEU A 79 -5.20 2.74 -17.16
N HIS A 80 -4.10 3.07 -17.84
CA HIS A 80 -3.97 2.72 -19.25
C HIS A 80 -3.90 1.21 -19.34
N CYS A 81 -3.06 0.64 -18.49
CA CYS A 81 -2.96 -0.79 -18.37
C CYS A 81 -4.36 -1.39 -18.02
N ALA A 82 -4.91 -0.94 -16.87
CA ALA A 82 -6.28 -1.26 -16.40
C ALA A 82 -7.32 -1.25 -17.52
N ARG A 83 -7.36 -0.15 -18.28
CA ARG A 83 -8.25 0.01 -19.45
C ARG A 83 -8.27 -1.21 -20.36
N LEU A 84 -7.09 -1.73 -20.74
CA LEU A 84 -7.02 -2.95 -21.57
C LEU A 84 -7.58 -4.14 -20.84
N ALA A 85 -7.26 -4.25 -19.54
CA ALA A 85 -7.72 -5.34 -18.70
C ALA A 85 -9.23 -5.32 -18.52
N LYS A 86 -9.82 -4.17 -18.83
CA LYS A 86 -11.26 -3.95 -18.78
C LYS A 86 -11.75 -4.18 -17.37
N GLN A 87 -11.03 -3.62 -16.43
CA GLN A 87 -11.34 -3.83 -15.03
C GLN A 87 -11.01 -2.60 -14.23
N ASN A 88 -11.42 -2.57 -12.99
CA ASN A 88 -11.16 -1.42 -12.12
C ASN A 88 -9.69 -1.38 -11.70
N PRO A 89 -9.11 -0.15 -11.60
CA PRO A 89 -7.69 0.05 -11.33
C PRO A 89 -7.21 -0.61 -10.04
N ALA A 90 -8.05 -0.55 -9.00
CA ALA A 90 -7.77 -1.17 -7.69
C ALA A 90 -7.41 -2.64 -7.86
N GLN A 91 -8.23 -3.34 -8.59
CA GLN A 91 -8.04 -4.75 -8.83
C GLN A 91 -6.92 -5.00 -9.82
N TYR A 92 -6.58 -4.00 -10.60
CA TYR A 92 -5.47 -4.13 -11.51
C TYR A 92 -4.16 -4.08 -10.74
N LEU A 93 -3.98 -3.00 -9.98
CA LEU A 93 -2.76 -2.78 -9.21
C LEU A 93 -2.45 -3.95 -8.29
N ALA A 94 -3.48 -4.43 -7.60
CA ALA A 94 -3.36 -5.57 -6.71
C ALA A 94 -2.76 -6.78 -7.44
N GLN A 95 -3.36 -7.13 -8.58
CA GLN A 95 -2.90 -8.28 -9.37
C GLN A 95 -1.51 -8.05 -9.93
N HIS A 96 -1.10 -6.83 -10.01
CA HIS A 96 0.08 -6.51 -10.72
C HIS A 96 1.25 -6.49 -9.77
N GLU A 97 1.09 -5.78 -8.64
CA GLU A 97 2.12 -5.71 -7.60
C GLU A 97 2.44 -7.06 -7.01
N GLN A 98 1.53 -7.99 -7.10
CA GLN A 98 1.80 -9.27 -6.50
C GLN A 98 2.47 -10.22 -7.48
N LEU A 99 2.13 -10.11 -8.76
CA LEU A 99 2.78 -10.95 -9.76
C LEU A 99 4.23 -10.52 -10.00
N LEU A 100 4.51 -9.23 -9.84
CA LEU A 100 5.88 -8.73 -10.00
C LEU A 100 6.73 -8.92 -8.72
N LEU A 101 6.06 -9.16 -7.62
CA LEU A 101 6.72 -9.33 -6.34
C LEU A 101 7.06 -10.79 -6.11
N ASP A 102 6.11 -11.64 -6.40
CA ASP A 102 6.23 -13.02 -5.98
C ASP A 102 6.74 -13.96 -7.07
N ALA A 103 7.82 -14.64 -6.70
CA ALA A 103 8.51 -15.69 -7.53
C ALA A 103 7.67 -16.87 -8.04
N SER A 104 6.38 -16.75 -8.04
CA SER A 104 5.53 -17.75 -8.58
C SER A 104 5.20 -17.45 -10.08
N THR A 105 5.76 -16.34 -10.61
CA THR A 105 5.60 -15.99 -12.03
C THR A 105 6.27 -17.05 -12.95
N THR A 106 5.62 -17.32 -14.08
CA THR A 106 6.07 -18.33 -15.00
C THR A 106 7.14 -17.77 -15.98
N SER A 107 7.23 -16.45 -16.07
CA SER A 107 8.18 -15.77 -16.99
C SER A 107 8.09 -16.29 -18.44
N GLY A 1 6.26 6.13 -13.72
CA GLY A 1 5.79 6.22 -12.34
C GLY A 1 6.71 5.48 -11.41
N ALA A 2 7.92 5.29 -11.88
CA ALA A 2 9.00 4.54 -11.16
C ALA A 2 9.35 5.11 -9.79
N ARG A 3 8.99 6.34 -9.56
CA ARG A 3 9.46 7.00 -8.39
C ARG A 3 8.57 6.79 -7.19
N GLN A 4 7.31 7.04 -7.38
CA GLN A 4 6.37 6.97 -6.30
C GLN A 4 6.07 5.52 -5.91
N LEU A 5 6.22 4.60 -6.86
CA LEU A 5 6.09 3.17 -6.53
C LEU A 5 7.24 2.82 -5.59
N SER A 6 8.45 3.11 -6.02
CA SER A 6 9.62 2.83 -5.20
C SER A 6 9.73 3.67 -3.95
N LYS A 7 8.87 4.64 -3.85
CA LYS A 7 8.87 5.52 -2.74
C LYS A 7 8.00 4.80 -1.66
N LEU A 8 6.98 4.08 -2.15
CA LEU A 8 6.05 3.33 -1.33
C LEU A 8 6.70 2.08 -0.84
N LYS A 9 7.73 1.66 -1.49
CA LYS A 9 8.39 0.46 -1.10
C LYS A 9 9.20 0.77 0.15
N ARG A 10 10.00 1.84 0.08
CA ARG A 10 10.70 2.43 1.26
C ARG A 10 9.71 2.60 2.45
N PHE A 11 8.45 2.89 2.09
CA PHE A 11 7.38 3.22 3.04
C PHE A 11 6.97 1.98 3.84
N LEU A 12 6.86 0.83 3.18
CA LEU A 12 6.53 -0.42 3.88
C LEU A 12 7.66 -0.79 4.82
N THR A 13 8.88 -0.53 4.38
CA THR A 13 10.05 -0.81 5.16
C THR A 13 10.11 0.11 6.40
N THR A 14 9.44 1.25 6.35
CA THR A 14 9.48 2.20 7.44
C THR A 14 8.53 1.74 8.54
N LEU A 15 7.27 1.53 8.17
CA LEU A 15 6.25 1.01 9.09
C LEU A 15 6.71 -0.23 9.87
N GLN A 16 7.39 -1.12 9.19
CA GLN A 16 7.85 -2.34 9.81
C GLN A 16 9.07 -2.11 10.72
N GLN A 17 9.92 -1.15 10.38
CA GLN A 17 11.05 -0.81 11.28
C GLN A 17 10.53 -0.10 12.49
N TYR A 18 9.47 0.65 12.33
CA TYR A 18 8.89 1.32 13.45
C TYR A 18 8.18 0.34 14.37
N GLY A 19 7.43 -0.59 13.81
CA GLY A 19 6.76 -1.57 14.60
C GLY A 19 7.74 -2.47 15.30
N ASN A 20 8.64 -3.05 14.53
CA ASN A 20 9.66 -3.96 15.08
C ASN A 20 10.53 -3.30 16.20
N ASP A 21 10.64 -1.97 16.16
CA ASP A 21 11.48 -1.20 17.12
C ASP A 21 10.81 -1.16 18.51
N ILE A 22 9.53 -1.44 18.53
CA ILE A 22 8.81 -1.44 19.76
C ILE A 22 9.07 -2.74 20.50
N SER A 23 8.51 -3.86 20.02
CA SER A 23 8.73 -5.25 20.60
C SER A 23 7.83 -6.37 20.01
N PRO A 24 6.49 -6.31 20.22
CA PRO A 24 5.59 -7.44 19.89
C PRO A 24 5.32 -7.62 18.39
N GLU A 25 4.21 -8.30 18.12
CA GLU A 25 3.68 -8.64 16.76
C GLU A 25 3.24 -7.40 15.98
N ILE A 26 3.65 -6.25 16.44
CA ILE A 26 3.19 -5.06 15.94
C ILE A 26 3.78 -4.77 14.57
N GLY A 27 5.02 -5.23 14.30
CA GLY A 27 5.54 -5.06 12.96
C GLY A 27 4.92 -6.05 11.97
N GLU A 28 4.50 -7.19 12.47
CA GLU A 28 3.82 -8.17 11.64
C GLU A 28 2.41 -7.65 11.30
N ARG A 29 1.69 -7.24 12.35
CA ARG A 29 0.33 -6.76 12.20
C ARG A 29 0.26 -5.51 11.30
N VAL A 30 1.20 -4.58 11.52
CA VAL A 30 1.26 -3.32 10.76
C VAL A 30 1.41 -3.54 9.25
N ARG A 31 2.27 -4.47 8.83
CA ARG A 31 2.45 -4.66 7.38
C ARG A 31 1.23 -5.34 6.82
N THR A 32 0.51 -6.05 7.66
CA THR A 32 -0.67 -6.74 7.24
C THR A 32 -1.74 -5.73 6.79
N LEU A 33 -1.81 -4.63 7.49
CA LEU A 33 -2.71 -3.57 7.16
C LEU A 33 -2.26 -2.84 5.90
N VAL A 34 -0.95 -2.63 5.73
CA VAL A 34 -0.42 -2.00 4.52
C VAL A 34 -0.56 -2.94 3.32
N LEU A 35 -0.42 -4.24 3.59
CA LEU A 35 -0.59 -5.26 2.59
C LEU A 35 -2.06 -5.30 2.13
N GLY A 36 -2.99 -5.21 3.09
CA GLY A 36 -4.41 -5.06 2.78
C GLY A 36 -4.71 -3.81 1.93
N LEU A 37 -3.95 -2.77 2.21
CA LEU A 37 -4.14 -1.49 1.52
C LEU A 37 -3.73 -1.62 0.06
N VAL A 38 -2.53 -2.12 -0.20
CA VAL A 38 -2.06 -2.25 -1.59
C VAL A 38 -2.89 -3.25 -2.40
N ASN A 39 -3.41 -4.29 -1.74
CA ASN A 39 -4.22 -5.30 -2.41
C ASN A 39 -5.63 -4.81 -2.69
N SER A 40 -6.00 -3.71 -2.07
CA SER A 40 -7.35 -3.23 -2.08
C SER A 40 -8.28 -4.23 -1.38
N THR A 41 -8.14 -4.20 -0.09
CA THR A 41 -8.95 -5.00 0.86
C THR A 41 -9.09 -4.27 2.20
N LEU A 42 -8.60 -3.07 2.22
CA LEU A 42 -8.62 -2.16 3.31
C LEU A 42 -9.00 -0.82 2.75
N THR A 43 -9.94 -0.19 3.36
CA THR A 43 -10.35 1.12 2.96
C THR A 43 -9.37 2.10 3.63
N ILE A 44 -9.21 3.31 3.08
CA ILE A 44 -8.25 4.28 3.63
C ILE A 44 -8.53 4.55 5.11
N GLU A 45 -9.77 4.81 5.36
CA GLU A 45 -10.30 5.08 6.71
C GLU A 45 -10.14 3.85 7.62
N GLU A 46 -10.18 2.66 7.03
CA GLU A 46 -9.99 1.40 7.78
C GLU A 46 -8.53 1.24 8.13
N PHE A 47 -7.68 1.36 7.12
CA PHE A 47 -6.24 1.23 7.28
C PHE A 47 -5.67 2.25 8.25
N HIS A 48 -6.08 3.49 8.11
CA HIS A 48 -5.53 4.56 8.96
C HIS A 48 -5.99 4.40 10.42
N SER A 49 -7.28 4.15 10.62
CA SER A 49 -7.81 4.01 11.97
C SER A 49 -7.29 2.74 12.66
N LYS A 50 -7.21 1.63 11.92
CA LYS A 50 -6.77 0.39 12.52
C LYS A 50 -5.28 0.36 12.77
N LEU A 51 -4.49 0.80 11.80
CA LEU A 51 -3.04 1.01 12.00
C LEU A 51 -2.77 1.72 13.33
N GLN A 52 -3.49 2.80 13.57
CA GLN A 52 -3.31 3.60 14.77
C GLN A 52 -3.93 2.92 16.00
N GLU A 53 -5.00 2.16 15.80
CA GLU A 53 -5.60 1.30 16.85
C GLU A 53 -4.50 0.36 17.40
N ALA A 54 -3.69 -0.16 16.48
CA ALA A 54 -2.58 -1.06 16.80
C ALA A 54 -1.36 -0.34 17.42
N THR A 55 -0.92 0.71 16.79
CA THR A 55 0.36 1.37 17.17
C THR A 55 0.22 2.42 18.27
N ASN A 56 -1.02 2.71 18.67
CA ASN A 56 -1.51 3.86 19.57
C ASN A 56 -0.64 5.18 19.56
N PHE A 57 0.22 5.30 18.62
CA PHE A 57 1.06 6.45 18.44
C PHE A 57 0.34 7.49 17.62
N PRO A 58 0.25 8.75 18.10
CA PRO A 58 -0.22 9.86 17.25
C PRO A 58 0.76 9.93 16.07
N LEU A 59 0.24 10.03 14.90
CA LEU A 59 1.02 9.67 13.74
C LEU A 59 0.85 10.71 12.73
N ARG A 60 1.91 10.90 12.00
CA ARG A 60 1.99 11.96 11.03
C ARG A 60 0.98 11.77 9.96
N PRO A 61 0.07 12.70 9.83
CA PRO A 61 -0.99 12.60 8.87
C PRO A 61 -0.51 12.64 7.41
N PHE A 62 0.81 12.59 7.14
CA PHE A 62 1.28 12.71 5.78
C PHE A 62 1.03 11.42 5.02
N VAL A 63 0.67 10.36 5.75
CA VAL A 63 0.33 9.10 5.14
C VAL A 63 -0.88 9.27 4.22
N ILE A 64 -1.84 10.10 4.65
CA ILE A 64 -3.02 10.36 3.85
C ILE A 64 -2.67 10.99 2.48
N PRO A 65 -2.03 12.23 2.45
CA PRO A 65 -1.56 12.85 1.20
C PRO A 65 -0.59 11.98 0.41
N PHE A 66 0.12 11.07 1.09
CA PHE A 66 0.96 10.09 0.39
C PHE A 66 0.10 9.31 -0.61
N LEU A 67 -0.81 8.49 -0.12
CA LEU A 67 -1.74 7.76 -0.96
C LEU A 67 -2.63 8.67 -1.81
N LYS A 68 -2.96 9.85 -1.28
CA LYS A 68 -3.78 10.81 -2.03
C LYS A 68 -3.07 11.32 -3.26
N ALA A 69 -1.77 11.59 -3.16
CA ALA A 69 -0.99 12.07 -4.31
C ALA A 69 -0.56 10.93 -5.23
N ASN A 70 -0.67 9.73 -4.76
CA ASN A 70 -0.13 8.61 -5.51
C ASN A 70 -1.19 8.16 -6.48
N LEU A 71 -2.44 8.42 -6.13
CA LEU A 71 -3.56 8.15 -7.00
C LEU A 71 -3.47 8.97 -8.32
N PRO A 72 -3.55 10.35 -8.33
CA PRO A 72 -3.57 11.09 -9.59
C PRO A 72 -2.23 11.02 -10.33
N LEU A 73 -1.19 10.57 -9.64
CA LEU A 73 0.08 10.33 -10.27
C LEU A 73 -0.01 9.08 -11.16
N LEU A 74 -0.28 7.95 -10.53
CA LEU A 74 -0.28 6.62 -11.15
C LEU A 74 -1.55 6.36 -12.02
N GLN A 75 -2.67 7.00 -11.69
CA GLN A 75 -3.96 6.70 -12.33
C GLN A 75 -4.02 6.70 -13.86
N ARG A 76 -3.37 7.62 -14.57
CA ARG A 76 -3.47 7.56 -16.05
C ARG A 76 -2.72 6.40 -16.66
N GLU A 77 -1.63 5.99 -16.03
CA GLU A 77 -0.87 4.87 -16.54
C GLU A 77 -1.66 3.59 -16.28
N LEU A 78 -2.29 3.54 -15.14
CA LEU A 78 -3.08 2.40 -14.72
C LEU A 78 -4.46 2.33 -15.45
N LEU A 79 -5.11 3.48 -15.58
CA LEU A 79 -6.43 3.58 -16.21
C LEU A 79 -6.39 3.16 -17.66
N HIS A 80 -5.36 3.56 -18.37
CA HIS A 80 -5.27 3.25 -19.79
C HIS A 80 -5.00 1.76 -19.98
N CYS A 81 -4.17 1.21 -19.09
CA CYS A 81 -3.95 -0.25 -19.07
C CYS A 81 -5.29 -0.97 -18.91
N ALA A 82 -5.95 -0.72 -17.77
CA ALA A 82 -7.30 -1.21 -17.47
C ALA A 82 -8.24 -1.13 -18.68
N ARG A 83 -8.37 0.08 -19.22
CA ARG A 83 -9.15 0.31 -20.41
C ARG A 83 -8.95 -0.64 -21.57
N LEU A 84 -7.68 -0.89 -21.94
CA LEU A 84 -7.37 -1.82 -23.01
C LEU A 84 -7.80 -3.23 -22.61
N ALA A 85 -7.48 -3.61 -21.38
CA ALA A 85 -7.80 -4.92 -20.81
C ALA A 85 -9.32 -5.14 -20.63
N LYS A 86 -10.09 -4.08 -20.91
CA LYS A 86 -11.54 -4.03 -20.82
C LYS A 86 -12.09 -4.33 -19.41
N GLN A 87 -11.53 -3.64 -18.46
CA GLN A 87 -11.89 -3.83 -17.08
C GLN A 87 -11.76 -2.53 -16.32
N ASN A 88 -12.40 -2.43 -15.18
CA ASN A 88 -12.35 -1.23 -14.37
C ASN A 88 -11.03 -1.11 -13.69
N PRO A 89 -10.47 0.13 -13.62
CA PRO A 89 -9.15 0.41 -12.99
C PRO A 89 -9.05 -0.17 -11.59
N ALA A 90 -10.18 -0.15 -10.88
CA ALA A 90 -10.33 -0.65 -9.53
C ALA A 90 -9.81 -2.08 -9.38
N GLN A 91 -10.34 -2.96 -10.19
CA GLN A 91 -9.97 -4.36 -10.13
C GLN A 91 -8.61 -4.62 -10.78
N TYR A 92 -8.20 -3.69 -11.65
CA TYR A 92 -6.91 -3.83 -12.31
C TYR A 92 -5.81 -3.58 -11.31
N LEU A 93 -5.92 -2.47 -10.59
CA LEU A 93 -4.94 -2.12 -9.59
C LEU A 93 -4.85 -3.21 -8.51
N ALA A 94 -5.99 -3.83 -8.25
CA ALA A 94 -6.11 -4.90 -7.29
C ALA A 94 -5.26 -6.11 -7.73
N GLN A 95 -5.48 -6.55 -8.96
CA GLN A 95 -4.84 -7.75 -9.48
C GLN A 95 -3.39 -7.48 -9.92
N HIS A 96 -3.02 -6.22 -9.97
CA HIS A 96 -1.71 -5.88 -10.46
C HIS A 96 -0.80 -5.74 -9.28
N GLU A 97 -1.25 -4.94 -8.32
CA GLU A 97 -0.47 -4.69 -7.11
C GLU A 97 -0.33 -5.97 -6.25
N GLN A 98 -1.07 -7.00 -6.60
CA GLN A 98 -0.81 -8.28 -5.99
C GLN A 98 0.23 -9.08 -6.80
N LEU A 99 -0.01 -9.25 -8.09
CA LEU A 99 0.79 -10.16 -8.88
C LEU A 99 2.19 -9.66 -9.20
N LEU A 100 2.43 -8.37 -9.03
CA LEU A 100 3.74 -7.82 -9.31
C LEU A 100 4.71 -8.07 -8.10
N LEU A 101 4.12 -8.47 -6.99
CA LEU A 101 4.85 -8.71 -5.75
C LEU A 101 5.32 -10.15 -5.62
N ASP A 102 4.49 -11.07 -6.09
CA ASP A 102 4.71 -12.48 -5.75
C ASP A 102 5.21 -13.33 -6.92
N ALA A 103 5.89 -14.41 -6.58
CA ALA A 103 6.53 -15.30 -7.52
C ALA A 103 5.65 -16.49 -7.90
N SER A 104 4.38 -16.41 -7.59
CA SER A 104 3.44 -17.46 -7.91
C SER A 104 3.07 -17.45 -9.40
N THR A 105 3.53 -16.45 -10.08
CA THR A 105 3.29 -16.31 -11.46
C THR A 105 4.53 -16.76 -12.25
N THR A 106 4.42 -17.89 -12.91
CA THR A 106 5.46 -18.31 -13.81
C THR A 106 5.17 -17.68 -15.21
N SER A 107 3.99 -17.12 -15.31
CA SER A 107 3.51 -16.46 -16.51
C SER A 107 4.23 -15.12 -16.77
N GLY A 1 5.70 7.69 -13.92
CA GLY A 1 6.77 6.71 -13.94
C GLY A 1 6.79 5.83 -12.71
N ALA A 2 7.85 5.07 -12.56
CA ALA A 2 7.93 4.08 -11.50
C ALA A 2 8.61 4.61 -10.24
N ARG A 3 9.19 5.81 -10.33
CA ARG A 3 9.82 6.46 -9.15
C ARG A 3 8.93 6.41 -7.87
N GLN A 4 7.61 6.65 -8.00
CA GLN A 4 6.72 6.62 -6.84
C GLN A 4 6.49 5.19 -6.33
N LEU A 5 6.43 4.28 -7.27
CA LEU A 5 6.32 2.83 -7.00
C LEU A 5 7.42 2.38 -6.00
N SER A 6 8.68 2.65 -6.34
CA SER A 6 9.78 2.22 -5.48
C SER A 6 9.73 2.86 -4.11
N LYS A 7 9.73 4.19 -4.08
CA LYS A 7 9.48 4.88 -2.80
C LYS A 7 8.28 4.31 -1.97
N LEU A 8 7.27 3.71 -2.64
CA LEU A 8 6.14 3.09 -1.91
C LEU A 8 6.57 1.81 -1.24
N LYS A 9 7.45 1.09 -1.85
CA LYS A 9 7.86 -0.19 -1.32
C LYS A 9 8.79 0.07 -0.12
N ARG A 10 9.69 1.01 -0.31
CA ARG A 10 10.54 1.57 0.76
C ARG A 10 9.68 1.98 2.03
N PHE A 11 8.46 2.43 1.74
CA PHE A 11 7.50 2.90 2.74
C PHE A 11 6.98 1.72 3.56
N LEU A 12 6.74 0.60 2.90
CA LEU A 12 6.30 -0.63 3.57
C LEU A 12 7.41 -1.13 4.49
N THR A 13 8.66 -0.95 4.04
CA THR A 13 9.83 -1.32 4.83
C THR A 13 9.94 -0.44 6.10
N THR A 14 9.34 0.72 6.05
CA THR A 14 9.38 1.64 7.16
C THR A 14 8.31 1.24 8.21
N LEU A 15 7.06 1.09 7.78
CA LEU A 15 5.95 0.64 8.66
C LEU A 15 6.30 -0.62 9.49
N GLN A 16 7.02 -1.53 8.85
CA GLN A 16 7.38 -2.80 9.45
C GLN A 16 8.47 -2.65 10.49
N GLN A 17 9.49 -1.87 10.19
CA GLN A 17 10.57 -1.72 11.14
C GLN A 17 10.19 -0.79 12.29
N TYR A 18 9.17 0.05 12.10
CA TYR A 18 8.71 0.89 13.18
C TYR A 18 7.97 0.07 14.25
N GLY A 19 7.07 -0.80 13.84
CA GLY A 19 6.40 -1.62 14.80
C GLY A 19 7.36 -2.58 15.48
N ASN A 20 8.26 -3.13 14.70
CA ASN A 20 9.30 -4.03 15.20
C ASN A 20 10.13 -3.34 16.36
N ASP A 21 10.51 -2.05 16.14
CA ASP A 21 11.35 -1.27 17.11
C ASP A 21 10.62 -1.02 18.43
N ILE A 22 9.32 -1.25 18.44
CA ILE A 22 8.60 -1.17 19.69
C ILE A 22 8.85 -2.48 20.46
N SER A 23 8.25 -3.57 19.96
CA SER A 23 8.51 -4.96 20.49
C SER A 23 7.59 -6.08 19.96
N PRO A 24 6.26 -6.04 20.29
CA PRO A 24 5.29 -7.10 19.95
C PRO A 24 5.13 -7.42 18.47
N GLU A 25 4.08 -8.18 18.20
CA GLU A 25 3.59 -8.55 16.86
C GLU A 25 3.00 -7.28 16.16
N ILE A 26 3.33 -6.13 16.70
CA ILE A 26 2.79 -4.93 16.27
C ILE A 26 3.38 -4.52 14.92
N GLY A 27 4.67 -4.82 14.67
CA GLY A 27 5.20 -4.51 13.36
C GLY A 27 4.76 -5.50 12.33
N GLU A 28 4.50 -6.69 12.79
CA GLU A 28 4.01 -7.75 11.96
C GLU A 28 2.58 -7.38 11.54
N ARG A 29 1.81 -6.94 12.53
CA ARG A 29 0.43 -6.52 12.38
C ARG A 29 0.35 -5.35 11.38
N VAL A 30 1.19 -4.33 11.61
CA VAL A 30 1.21 -3.11 10.79
C VAL A 30 1.52 -3.41 9.32
N ARG A 31 2.46 -4.30 9.06
CA ARG A 31 2.75 -4.59 7.67
C ARG A 31 1.68 -5.44 7.04
N THR A 32 1.00 -6.20 7.84
CA THR A 32 -0.13 -6.95 7.39
C THR A 32 -1.28 -5.98 6.94
N LEU A 33 -1.41 -4.83 7.63
CA LEU A 33 -2.40 -3.83 7.25
C LEU A 33 -2.01 -3.12 5.95
N VAL A 34 -0.73 -2.77 5.79
CA VAL A 34 -0.29 -2.11 4.56
C VAL A 34 -0.32 -3.08 3.38
N LEU A 35 -0.23 -4.34 3.72
CA LEU A 35 -0.31 -5.38 2.77
C LEU A 35 -1.72 -5.40 2.19
N GLY A 36 -2.70 -5.30 3.08
CA GLY A 36 -4.09 -5.15 2.70
C GLY A 36 -4.34 -3.93 1.84
N LEU A 37 -3.57 -2.89 2.11
CA LEU A 37 -3.71 -1.66 1.34
C LEU A 37 -3.22 -1.87 -0.09
N VAL A 38 -2.03 -2.44 -0.26
CA VAL A 38 -1.52 -2.69 -1.61
C VAL A 38 -2.38 -3.70 -2.40
N ASN A 39 -2.90 -4.73 -1.72
CA ASN A 39 -3.77 -5.71 -2.38
C ASN A 39 -5.18 -5.19 -2.59
N SER A 40 -5.46 -3.98 -2.11
CA SER A 40 -6.81 -3.44 -2.15
C SER A 40 -7.75 -4.38 -1.38
N THR A 41 -7.55 -4.39 -0.10
CA THR A 41 -8.29 -5.25 0.82
C THR A 41 -8.46 -4.51 2.19
N LEU A 42 -8.00 -3.28 2.21
CA LEU A 42 -8.21 -2.39 3.30
C LEU A 42 -8.61 -1.10 2.69
N THR A 43 -9.67 -0.55 3.16
CA THR A 43 -10.15 0.69 2.66
C THR A 43 -9.34 1.77 3.36
N ILE A 44 -9.34 2.97 2.83
CA ILE A 44 -8.52 4.07 3.32
C ILE A 44 -8.78 4.34 4.82
N GLU A 45 -10.03 4.62 5.16
CA GLU A 45 -10.43 4.86 6.55
C GLU A 45 -10.25 3.60 7.42
N GLU A 46 -10.26 2.44 6.79
CA GLU A 46 -10.05 1.17 7.50
C GLU A 46 -8.58 1.00 7.85
N PHE A 47 -7.72 1.11 6.85
CA PHE A 47 -6.28 0.97 7.01
C PHE A 47 -5.70 1.98 8.00
N HIS A 48 -6.09 3.22 7.87
CA HIS A 48 -5.54 4.28 8.68
C HIS A 48 -5.95 4.16 10.14
N SER A 49 -7.23 3.95 10.39
CA SER A 49 -7.73 3.90 11.76
C SER A 49 -7.19 2.68 12.54
N LYS A 50 -7.00 1.57 11.84
CA LYS A 50 -6.52 0.34 12.46
C LYS A 50 -5.06 0.47 12.82
N LEU A 51 -4.25 0.85 11.83
CA LEU A 51 -2.84 1.14 12.03
C LEU A 51 -2.59 2.03 13.28
N GLN A 52 -3.45 3.05 13.47
CA GLN A 52 -3.30 3.96 14.61
C GLN A 52 -3.73 3.28 15.92
N GLU A 53 -4.78 2.44 15.88
CA GLU A 53 -5.21 1.63 17.06
C GLU A 53 -4.00 0.85 17.59
N ALA A 54 -3.27 0.25 16.67
CA ALA A 54 -2.18 -0.63 16.97
C ALA A 54 -0.94 0.12 17.45
N THR A 55 -0.66 1.23 16.88
CA THR A 55 0.55 1.93 17.23
C THR A 55 0.34 2.95 18.34
N ASN A 56 -0.96 3.22 18.65
CA ASN A 56 -1.51 4.33 19.57
C ASN A 56 -0.64 5.64 19.66
N PHE A 57 0.26 5.77 18.77
CA PHE A 57 1.18 6.86 18.68
C PHE A 57 0.57 8.04 17.89
N PRO A 58 0.71 9.27 18.37
CA PRO A 58 0.43 10.44 17.55
C PRO A 58 1.40 10.39 16.36
N LEU A 59 0.91 10.53 15.16
CA LEU A 59 1.69 10.12 14.02
C LEU A 59 1.66 11.21 12.95
N ARG A 60 2.58 11.14 11.99
CA ARG A 60 2.56 12.07 10.86
C ARG A 60 1.33 11.74 10.01
N PRO A 61 0.44 12.68 9.85
CA PRO A 61 -0.86 12.44 9.18
C PRO A 61 -0.79 12.48 7.66
N PHE A 62 0.42 12.45 7.10
CA PHE A 62 0.56 12.62 5.68
C PHE A 62 0.23 11.35 4.89
N VAL A 63 -0.04 10.23 5.60
CA VAL A 63 -0.35 8.96 4.93
C VAL A 63 -1.63 9.05 4.09
N ILE A 64 -2.65 9.71 4.62
CA ILE A 64 -3.92 9.87 3.88
C ILE A 64 -3.73 10.66 2.56
N PRO A 65 -3.23 11.94 2.62
CA PRO A 65 -2.95 12.75 1.43
C PRO A 65 -1.90 12.09 0.51
N PHE A 66 -1.09 11.20 1.08
CA PHE A 66 -0.11 10.40 0.34
C PHE A 66 -0.81 9.55 -0.70
N LEU A 67 -1.63 8.60 -0.28
CA LEU A 67 -2.43 7.80 -1.21
C LEU A 67 -3.36 8.66 -2.07
N LYS A 68 -3.74 9.80 -1.55
CA LYS A 68 -4.54 10.74 -2.31
C LYS A 68 -3.73 11.29 -3.50
N ALA A 69 -2.45 11.60 -3.30
CA ALA A 69 -1.52 12.07 -4.35
C ALA A 69 -1.00 10.94 -5.21
N ASN A 70 -1.25 9.73 -4.78
CA ASN A 70 -0.78 8.57 -5.50
C ASN A 70 -1.83 8.21 -6.53
N LEU A 71 -3.02 8.75 -6.33
CA LEU A 71 -4.06 8.62 -7.32
C LEU A 71 -3.74 9.48 -8.59
N PRO A 72 -3.80 10.86 -8.56
CA PRO A 72 -3.57 11.67 -9.76
C PRO A 72 -2.20 11.47 -10.41
N LEU A 73 -1.23 10.94 -9.66
CA LEU A 73 0.06 10.66 -10.24
C LEU A 73 0.02 9.45 -11.16
N LEU A 74 -0.12 8.29 -10.53
CA LEU A 74 0.04 7.01 -11.21
C LEU A 74 -1.21 6.63 -12.01
N GLN A 75 -2.33 7.21 -11.68
CA GLN A 75 -3.57 6.87 -12.37
C GLN A 75 -3.53 7.04 -13.85
N ARG A 76 -2.86 8.03 -14.41
CA ARG A 76 -2.94 8.18 -15.87
C ARG A 76 -2.28 7.03 -16.64
N GLU A 77 -1.12 6.61 -16.23
CA GLU A 77 -0.48 5.48 -16.89
C GLU A 77 -1.17 4.15 -16.55
N LEU A 78 -1.58 4.00 -15.30
CA LEU A 78 -2.22 2.77 -14.85
C LEU A 78 -3.70 2.66 -15.29
N LEU A 79 -4.42 3.79 -15.31
CA LEU A 79 -5.81 3.85 -15.78
C LEU A 79 -5.89 3.53 -17.27
N HIS A 80 -4.84 3.84 -18.02
CA HIS A 80 -4.82 3.51 -19.45
C HIS A 80 -4.78 1.99 -19.58
N CYS A 81 -3.96 1.40 -18.75
CA CYS A 81 -3.89 -0.04 -18.60
C CYS A 81 -5.30 -0.60 -18.20
N ALA A 82 -5.78 -0.18 -17.03
CA ALA A 82 -7.13 -0.48 -16.50
C ALA A 82 -8.24 -0.35 -17.59
N ARG A 83 -8.21 0.76 -18.33
CA ARG A 83 -9.06 0.98 -19.51
C ARG A 83 -9.14 -0.22 -20.45
N LEU A 84 -7.96 -0.70 -20.91
CA LEU A 84 -7.88 -1.85 -21.81
C LEU A 84 -8.36 -3.11 -21.14
N ALA A 85 -7.91 -3.33 -19.91
CA ALA A 85 -8.27 -4.50 -19.11
C ALA A 85 -9.76 -4.53 -18.80
N LYS A 86 -10.36 -3.35 -18.88
CA LYS A 86 -11.76 -3.08 -18.62
C LYS A 86 -12.09 -3.44 -17.18
N GLN A 87 -11.30 -2.92 -16.28
CA GLN A 87 -11.48 -3.17 -14.88
C GLN A 87 -11.05 -1.98 -14.06
N ASN A 88 -11.36 -1.98 -12.77
CA ASN A 88 -10.99 -0.85 -11.88
C ASN A 88 -9.52 -0.82 -11.55
N PRO A 89 -8.91 0.40 -11.48
CA PRO A 89 -7.47 0.59 -11.23
C PRO A 89 -7.04 -0.01 -9.90
N ALA A 90 -7.92 0.11 -8.89
CA ALA A 90 -7.72 -0.49 -7.56
C ALA A 90 -7.41 -1.98 -7.70
N GLN A 91 -8.23 -2.65 -8.47
CA GLN A 91 -8.11 -4.06 -8.72
C GLN A 91 -6.94 -4.34 -9.63
N TYR A 92 -6.56 -3.35 -10.42
CA TYR A 92 -5.49 -3.54 -11.38
C TYR A 92 -4.18 -3.64 -10.64
N LEU A 93 -3.89 -2.67 -9.82
CA LEU A 93 -2.64 -2.67 -9.03
C LEU A 93 -2.51 -3.92 -8.15
N ALA A 94 -3.64 -4.40 -7.67
CA ALA A 94 -3.64 -5.61 -6.85
C ALA A 94 -3.29 -6.84 -7.71
N GLN A 95 -4.04 -7.04 -8.80
CA GLN A 95 -3.85 -8.21 -9.63
C GLN A 95 -2.61 -8.11 -10.48
N HIS A 96 -2.12 -6.91 -10.65
CA HIS A 96 -1.00 -6.68 -11.48
C HIS A 96 0.24 -6.75 -10.69
N GLU A 97 0.21 -6.40 -9.37
CA GLU A 97 1.54 -6.60 -8.74
C GLU A 97 1.69 -8.09 -8.33
N GLN A 98 0.59 -8.89 -8.42
CA GLN A 98 0.69 -10.28 -8.05
C GLN A 98 1.01 -11.17 -9.23
N LEU A 99 0.19 -11.11 -10.27
CA LEU A 99 0.30 -12.06 -11.38
C LEU A 99 1.48 -11.78 -12.28
N LEU A 100 2.15 -10.65 -12.09
CA LEU A 100 3.32 -10.34 -12.87
C LEU A 100 4.56 -11.05 -12.25
N LEU A 101 4.38 -11.49 -11.00
CA LEU A 101 5.44 -12.10 -10.18
C LEU A 101 5.49 -13.63 -10.34
N ASP A 102 4.32 -14.22 -10.39
CA ASP A 102 4.22 -15.67 -10.32
C ASP A 102 3.80 -16.26 -11.66
N ALA A 103 4.58 -17.19 -12.12
CA ALA A 103 4.44 -17.77 -13.44
C ALA A 103 3.52 -18.99 -13.48
N SER A 104 2.54 -19.02 -12.62
CA SER A 104 1.61 -20.12 -12.62
C SER A 104 0.45 -19.83 -13.58
N THR A 105 0.56 -18.70 -14.27
CA THR A 105 -0.39 -18.26 -15.26
C THR A 105 -0.50 -19.31 -16.39
N THR A 106 -1.66 -19.41 -17.00
CA THR A 106 -1.95 -20.51 -17.89
C THR A 106 -1.38 -20.33 -19.32
N SER A 107 -1.72 -19.24 -19.97
CA SER A 107 -1.29 -19.05 -21.35
C SER A 107 -0.16 -18.01 -21.45
N GLY A 1 5.03 6.51 -12.93
CA GLY A 1 4.70 5.93 -11.65
C GLY A 1 5.91 5.31 -11.01
N ALA A 2 6.98 5.20 -11.79
CA ALA A 2 8.23 4.53 -11.38
C ALA A 2 8.88 5.17 -10.15
N ARG A 3 8.69 6.45 -9.99
CA ARG A 3 9.37 7.17 -8.92
C ARG A 3 8.57 7.03 -7.64
N GLN A 4 7.26 7.13 -7.78
CA GLN A 4 6.34 6.99 -6.67
C GLN A 4 6.34 5.53 -6.20
N LEU A 5 6.66 4.65 -7.12
CA LEU A 5 6.83 3.22 -6.85
C LEU A 5 7.88 3.01 -5.74
N SER A 6 9.13 3.44 -5.97
CA SER A 6 10.17 3.24 -4.94
C SER A 6 9.92 4.05 -3.69
N LYS A 7 9.45 5.22 -3.91
CA LYS A 7 8.86 6.02 -2.87
C LYS A 7 7.97 5.12 -1.92
N LEU A 8 7.07 4.33 -2.51
CA LEU A 8 6.15 3.46 -1.78
C LEU A 8 6.84 2.22 -1.23
N LYS A 9 7.90 1.80 -1.87
CA LYS A 9 8.57 0.61 -1.44
C LYS A 9 9.34 0.93 -0.17
N ARG A 10 10.11 2.02 -0.22
CA ARG A 10 10.78 2.58 0.98
C ARG A 10 9.77 2.76 2.15
N PHE A 11 8.51 3.02 1.77
CA PHE A 11 7.42 3.30 2.71
C PHE A 11 7.03 2.03 3.45
N LEU A 12 6.89 0.90 2.73
CA LEU A 12 6.59 -0.36 3.41
C LEU A 12 7.74 -0.75 4.31
N THR A 13 8.93 -0.44 3.88
CA THR A 13 10.14 -0.72 4.64
C THR A 13 10.17 0.13 5.95
N THR A 14 9.44 1.23 5.97
CA THR A 14 9.44 2.12 7.10
C THR A 14 8.51 1.59 8.21
N LEU A 15 7.25 1.38 7.86
CA LEU A 15 6.25 0.81 8.80
C LEU A 15 6.71 -0.48 9.51
N GLN A 16 7.51 -1.27 8.80
CA GLN A 16 8.00 -2.54 9.33
C GLN A 16 9.11 -2.29 10.35
N GLN A 17 9.96 -1.33 10.05
CA GLN A 17 11.05 -0.99 10.98
C GLN A 17 10.49 -0.22 12.17
N TYR A 18 9.36 0.44 11.98
CA TYR A 18 8.70 1.12 13.09
C TYR A 18 8.12 0.11 14.07
N GLY A 19 7.36 -0.85 13.56
CA GLY A 19 6.77 -1.82 14.43
C GLY A 19 7.82 -2.65 15.11
N ASN A 20 8.74 -3.16 14.33
CA ASN A 20 9.82 -4.00 14.86
C ASN A 20 10.66 -3.28 15.97
N ASP A 21 10.69 -1.93 15.91
CA ASP A 21 11.52 -1.10 16.82
C ASP A 21 10.95 -1.12 18.24
N ILE A 22 9.67 -1.43 18.34
CA ILE A 22 9.03 -1.52 19.64
C ILE A 22 9.35 -2.89 20.27
N SER A 23 8.73 -3.97 19.73
CA SER A 23 9.03 -5.39 20.14
C SER A 23 8.05 -6.48 19.65
N PRO A 24 6.76 -6.44 20.11
CA PRO A 24 5.71 -7.47 19.86
C PRO A 24 5.41 -7.78 18.35
N GLU A 25 4.14 -8.14 18.08
CA GLU A 25 3.84 -8.69 16.73
C GLU A 25 3.50 -7.48 15.81
N ILE A 26 3.83 -6.29 16.32
CA ILE A 26 3.31 -5.06 15.90
C ILE A 26 3.87 -4.63 14.56
N GLY A 27 5.08 -5.06 14.20
CA GLY A 27 5.57 -4.69 12.87
C GLY A 27 4.91 -5.52 11.79
N GLU A 28 4.63 -6.75 12.13
CA GLU A 28 3.98 -7.70 11.22
C GLU A 28 2.52 -7.28 11.07
N ARG A 29 1.93 -6.92 12.20
CA ARG A 29 0.53 -6.51 12.31
C ARG A 29 0.27 -5.26 11.46
N VAL A 30 1.13 -4.25 11.63
CA VAL A 30 1.10 -3.03 10.82
C VAL A 30 1.29 -3.36 9.33
N ARG A 31 2.13 -4.34 9.07
CA ARG A 31 2.41 -4.79 7.71
C ARG A 31 1.21 -5.55 7.12
N THR A 32 0.46 -6.20 7.95
CA THR A 32 -0.74 -6.93 7.54
C THR A 32 -1.80 -5.95 6.97
N LEU A 33 -1.95 -4.84 7.62
CA LEU A 33 -2.92 -3.85 7.22
C LEU A 33 -2.51 -3.13 5.91
N VAL A 34 -1.22 -2.88 5.72
CA VAL A 34 -0.74 -2.22 4.50
C VAL A 34 -0.88 -3.14 3.27
N LEU A 35 -0.79 -4.44 3.55
CA LEU A 35 -1.04 -5.44 2.58
C LEU A 35 -2.48 -5.36 2.18
N GLY A 36 -3.41 -5.39 3.16
CA GLY A 36 -4.83 -5.28 2.84
C GLY A 36 -5.19 -3.99 2.08
N LEU A 37 -4.42 -2.88 2.37
CA LEU A 37 -4.58 -1.60 1.69
C LEU A 37 -4.22 -1.68 0.22
N VAL A 38 -2.97 -2.07 -0.10
CA VAL A 38 -2.52 -2.08 -1.52
C VAL A 38 -3.32 -3.06 -2.40
N ASN A 39 -3.88 -4.13 -1.80
CA ASN A 39 -4.67 -5.06 -2.51
C ASN A 39 -6.06 -4.57 -2.71
N SER A 40 -6.40 -3.47 -2.05
CA SER A 40 -7.70 -2.91 -2.09
C SER A 40 -8.68 -3.90 -1.41
N THR A 41 -8.57 -3.96 -0.10
CA THR A 41 -9.41 -4.82 0.69
C THR A 41 -9.71 -4.01 1.97
N LEU A 42 -8.65 -3.14 2.33
CA LEU A 42 -8.80 -2.04 3.27
C LEU A 42 -9.17 -0.74 2.62
N THR A 43 -10.29 -0.18 3.11
CA THR A 43 -10.76 1.18 2.79
C THR A 43 -9.90 2.10 3.66
N ILE A 44 -9.68 3.31 3.19
CA ILE A 44 -8.75 4.30 3.80
C ILE A 44 -9.03 4.54 5.30
N GLU A 45 -10.27 4.82 5.63
CA GLU A 45 -10.63 5.06 7.03
C GLU A 45 -10.38 3.84 7.91
N GLU A 46 -10.52 2.65 7.34
CA GLU A 46 -10.29 1.44 8.09
C GLU A 46 -8.83 1.19 8.30
N PHE A 47 -8.05 1.28 7.24
CA PHE A 47 -6.63 1.09 7.36
C PHE A 47 -6.00 2.12 8.30
N HIS A 48 -6.35 3.37 8.14
CA HIS A 48 -5.78 4.42 8.97
C HIS A 48 -6.23 4.32 10.40
N SER A 49 -7.49 4.02 10.61
CA SER A 49 -7.96 3.88 11.97
C SER A 49 -7.38 2.63 12.62
N LYS A 50 -7.41 1.49 11.95
CA LYS A 50 -7.00 0.26 12.61
C LYS A 50 -5.50 0.21 12.84
N LEU A 51 -4.72 0.54 11.81
CA LEU A 51 -3.27 0.69 11.93
C LEU A 51 -2.89 1.49 13.20
N GLN A 52 -3.54 2.63 13.36
CA GLN A 52 -3.23 3.54 14.45
C GLN A 52 -3.80 3.04 15.78
N GLU A 53 -4.98 2.42 15.76
CA GLU A 53 -5.51 1.76 16.96
C GLU A 53 -4.49 0.73 17.51
N ALA A 54 -3.76 0.06 16.58
CA ALA A 54 -2.77 -0.97 16.94
C ALA A 54 -1.50 -0.35 17.51
N THR A 55 -1.18 0.84 17.08
CA THR A 55 0.07 1.44 17.44
C THR A 55 -0.07 2.55 18.47
N ASN A 56 -1.33 2.90 18.82
CA ASN A 56 -1.79 4.09 19.67
C ASN A 56 -0.88 5.37 19.65
N PHE A 57 0.00 5.44 18.70
CA PHE A 57 0.94 6.52 18.52
C PHE A 57 0.30 7.66 17.74
N PRO A 58 0.38 8.91 18.21
CA PRO A 58 -0.07 10.01 17.38
C PRO A 58 0.94 10.21 16.25
N LEU A 59 0.49 9.88 15.07
CA LEU A 59 1.32 9.89 13.89
C LEU A 59 1.38 11.25 13.19
N ARG A 60 2.34 11.35 12.27
CA ARG A 60 2.44 12.45 11.35
C ARG A 60 1.44 12.15 10.25
N PRO A 61 0.51 13.07 9.99
CA PRO A 61 -0.64 12.84 9.10
C PRO A 61 -0.31 12.71 7.60
N PHE A 62 0.95 12.51 7.24
CA PHE A 62 1.33 12.51 5.84
C PHE A 62 0.95 11.21 5.10
N VAL A 63 0.59 10.15 5.85
CA VAL A 63 0.22 8.89 5.19
C VAL A 63 -1.02 9.05 4.33
N ILE A 64 -1.99 9.84 4.79
CA ILE A 64 -3.17 10.06 3.96
C ILE A 64 -2.80 10.75 2.62
N PRO A 65 -2.09 11.93 2.65
CA PRO A 65 -1.59 12.57 1.43
C PRO A 65 -0.67 11.67 0.59
N PHE A 66 0.04 10.71 1.23
CA PHE A 66 0.84 9.72 0.51
C PHE A 66 -0.01 9.01 -0.54
N LEU A 67 -0.95 8.19 -0.08
CA LEU A 67 -1.89 7.55 -0.99
C LEU A 67 -2.72 8.55 -1.79
N LYS A 68 -3.02 9.73 -1.24
CA LYS A 68 -3.80 10.72 -1.97
C LYS A 68 -3.05 11.23 -3.19
N ALA A 69 -1.74 11.47 -3.08
CA ALA A 69 -0.92 11.92 -4.21
C ALA A 69 -0.55 10.77 -5.12
N ASN A 70 -0.68 9.57 -4.62
CA ASN A 70 -0.27 8.39 -5.35
C ASN A 70 -1.40 7.96 -6.26
N LEU A 71 -2.61 8.33 -5.89
CA LEU A 71 -3.75 8.09 -6.73
C LEU A 71 -3.64 8.87 -8.10
N PRO A 72 -3.83 10.25 -8.16
CA PRO A 72 -3.89 10.97 -9.45
C PRO A 72 -2.55 11.00 -10.19
N LEU A 73 -1.47 10.61 -9.51
CA LEU A 73 -0.18 10.52 -10.15
C LEU A 73 -0.20 9.30 -11.08
N LEU A 74 -0.31 8.15 -10.47
CA LEU A 74 -0.23 6.84 -11.13
C LEU A 74 -1.46 6.51 -11.99
N GLN A 75 -2.57 7.20 -11.75
CA GLN A 75 -3.83 6.93 -12.46
C GLN A 75 -3.73 6.91 -13.97
N ARG A 76 -3.06 7.86 -14.58
CA ARG A 76 -3.08 7.90 -16.06
C ARG A 76 -2.40 6.70 -16.73
N GLU A 77 -1.23 6.33 -16.28
CA GLU A 77 -0.51 5.23 -16.92
C GLU A 77 -1.15 3.88 -16.61
N LEU A 78 -1.56 3.70 -15.37
CA LEU A 78 -2.05 2.42 -14.89
C LEU A 78 -3.49 2.19 -15.38
N LEU A 79 -4.30 3.24 -15.35
CA LEU A 79 -5.68 3.19 -15.84
C LEU A 79 -5.72 2.90 -17.33
N HIS A 80 -4.69 3.27 -18.08
CA HIS A 80 -4.68 3.00 -19.52
C HIS A 80 -4.58 1.49 -19.75
N CYS A 81 -3.62 0.87 -19.10
CA CYS A 81 -3.51 -0.59 -19.20
C CYS A 81 -4.84 -1.23 -18.74
N ALA A 82 -5.26 -0.87 -17.52
CA ALA A 82 -6.58 -1.24 -16.96
C ALA A 82 -7.72 -1.16 -18.00
N ARG A 83 -7.80 0.00 -18.69
CA ARG A 83 -8.77 0.23 -19.78
C ARG A 83 -8.88 -0.94 -20.74
N LEU A 84 -7.75 -1.39 -21.27
CA LEU A 84 -7.74 -2.50 -22.22
C LEU A 84 -8.20 -3.79 -21.58
N ALA A 85 -7.76 -4.03 -20.35
CA ALA A 85 -8.15 -5.23 -19.58
C ALA A 85 -9.64 -5.23 -19.29
N LYS A 86 -10.23 -4.02 -19.40
CA LYS A 86 -11.64 -3.77 -19.21
C LYS A 86 -11.99 -4.09 -17.76
N GLN A 87 -11.22 -3.52 -16.86
CA GLN A 87 -11.39 -3.71 -15.45
C GLN A 87 -11.00 -2.43 -14.75
N ASN A 88 -11.43 -2.25 -13.52
CA ASN A 88 -11.08 -1.05 -12.77
C ASN A 88 -9.63 -1.12 -12.32
N PRO A 89 -8.95 0.05 -12.30
CA PRO A 89 -7.54 0.16 -11.91
C PRO A 89 -7.24 -0.47 -10.56
N ALA A 90 -8.15 -0.31 -9.62
CA ALA A 90 -8.02 -0.90 -8.29
C ALA A 90 -7.74 -2.40 -8.40
N GLN A 91 -8.48 -3.06 -9.27
CA GLN A 91 -8.28 -4.45 -9.52
C GLN A 91 -7.01 -4.68 -10.35
N TYR A 92 -6.69 -3.73 -11.21
CA TYR A 92 -5.48 -3.82 -12.03
C TYR A 92 -4.25 -3.53 -11.19
N LEU A 93 -4.43 -3.03 -10.00
CA LEU A 93 -3.22 -2.62 -9.31
C LEU A 93 -2.86 -3.74 -8.37
N ALA A 94 -3.91 -4.21 -7.73
CA ALA A 94 -3.85 -5.37 -6.86
C ALA A 94 -3.29 -6.59 -7.63
N GLN A 95 -3.89 -6.88 -8.77
CA GLN A 95 -3.52 -8.04 -9.57
C GLN A 95 -2.20 -7.85 -10.33
N HIS A 96 -1.77 -6.63 -10.52
CA HIS A 96 -0.54 -6.39 -11.25
C HIS A 96 0.60 -6.30 -10.30
N GLU A 97 0.29 -5.88 -9.07
CA GLU A 97 1.43 -5.62 -8.12
C GLU A 97 1.88 -6.99 -7.48
N GLN A 98 0.90 -7.87 -7.34
CA GLN A 98 1.09 -9.12 -6.64
C GLN A 98 1.49 -10.24 -7.56
N LEU A 99 1.05 -10.21 -8.82
CA LEU A 99 1.54 -11.19 -9.77
C LEU A 99 2.99 -10.93 -10.15
N LEU A 100 3.44 -9.68 -9.98
CA LEU A 100 4.83 -9.37 -10.23
C LEU A 100 5.72 -9.70 -9.01
N LEU A 101 5.06 -9.97 -7.88
CA LEU A 101 5.73 -10.31 -6.62
C LEU A 101 5.92 -11.82 -6.48
N ASP A 102 4.94 -12.58 -6.91
CA ASP A 102 4.92 -14.02 -6.71
C ASP A 102 5.72 -14.72 -7.83
N ALA A 103 5.97 -16.00 -7.66
CA ALA A 103 6.80 -16.81 -8.56
C ALA A 103 6.06 -17.20 -9.86
N SER A 104 5.10 -16.38 -10.24
CA SER A 104 4.36 -16.56 -11.46
C SER A 104 5.08 -15.81 -12.61
N THR A 105 6.23 -15.23 -12.28
CA THR A 105 7.03 -14.55 -13.26
C THR A 105 7.89 -15.56 -14.02
N THR A 106 7.62 -15.70 -15.29
CA THR A 106 8.35 -16.59 -16.14
C THR A 106 9.50 -15.87 -16.87
N SER A 107 9.57 -14.56 -16.66
CA SER A 107 10.58 -13.69 -17.30
C SER A 107 10.74 -13.95 -18.80
N GLY A 1 4.58 7.82 -11.80
CA GLY A 1 5.50 6.99 -12.57
C GLY A 1 6.29 6.09 -11.65
N ALA A 2 7.56 5.88 -11.97
CA ALA A 2 8.46 5.01 -11.18
C ALA A 2 8.80 5.61 -9.83
N ARG A 3 8.42 6.85 -9.68
CA ARG A 3 8.75 7.66 -8.54
C ARG A 3 8.07 7.16 -7.28
N GLN A 4 6.74 7.11 -7.31
CA GLN A 4 5.99 6.77 -6.13
C GLN A 4 6.26 5.34 -5.71
N LEU A 5 6.56 4.48 -6.67
CA LEU A 5 6.85 3.08 -6.38
C LEU A 5 8.12 3.01 -5.52
N SER A 6 9.17 3.67 -5.98
CA SER A 6 10.42 3.69 -5.26
C SER A 6 10.36 4.33 -3.88
N LYS A 7 9.43 5.19 -3.68
CA LYS A 7 9.38 5.88 -2.43
C LYS A 7 8.45 5.11 -1.49
N LEU A 8 7.51 4.39 -2.09
CA LEU A 8 6.60 3.58 -1.34
C LEU A 8 7.31 2.34 -0.87
N LYS A 9 8.42 2.01 -1.50
CA LYS A 9 9.16 0.86 -1.10
C LYS A 9 9.84 1.24 0.20
N ARG A 10 10.57 2.38 0.18
CA ARG A 10 11.20 2.95 1.40
C ARG A 10 10.21 2.99 2.59
N PHE A 11 8.94 3.22 2.25
CA PHE A 11 7.89 3.46 3.21
C PHE A 11 7.50 2.19 3.96
N LEU A 12 7.43 1.06 3.25
CA LEU A 12 7.13 -0.20 3.91
C LEU A 12 8.25 -0.59 4.83
N THR A 13 9.48 -0.33 4.40
CA THR A 13 10.66 -0.67 5.16
C THR A 13 10.71 0.14 6.47
N THR A 14 10.05 1.29 6.47
CA THR A 14 10.06 2.14 7.63
C THR A 14 8.99 1.63 8.62
N LEU A 15 7.75 1.52 8.16
CA LEU A 15 6.63 1.03 8.98
C LEU A 15 6.96 -0.32 9.67
N GLN A 16 7.72 -1.18 8.96
CA GLN A 16 8.06 -2.51 9.44
C GLN A 16 9.12 -2.44 10.53
N GLN A 17 10.15 -1.61 10.33
CA GLN A 17 11.19 -1.51 11.34
C GLN A 17 10.72 -0.71 12.54
N TYR A 18 9.71 0.13 12.34
CA TYR A 18 9.15 0.85 13.46
C TYR A 18 8.33 -0.06 14.39
N GLY A 19 7.40 -0.83 13.84
CA GLY A 19 6.60 -1.68 14.66
C GLY A 19 7.42 -2.76 15.31
N ASN A 20 8.27 -3.40 14.53
CA ASN A 20 9.13 -4.46 15.03
C ASN A 20 9.99 -4.00 16.24
N ASP A 21 10.63 -2.83 16.10
CA ASP A 21 11.53 -2.24 17.16
C ASP A 21 10.75 -1.78 18.43
N ILE A 22 9.44 -1.84 18.39
CA ILE A 22 8.67 -1.61 19.63
C ILE A 22 8.78 -2.87 20.45
N SER A 23 8.44 -4.01 19.80
CA SER A 23 8.71 -5.43 20.29
C SER A 23 7.74 -6.51 19.78
N PRO A 24 6.41 -6.38 20.04
CA PRO A 24 5.44 -7.43 19.72
C PRO A 24 5.19 -7.61 18.22
N GLU A 25 4.14 -8.36 17.90
CA GLU A 25 3.70 -8.66 16.52
C GLU A 25 3.15 -7.42 15.84
N ILE A 26 3.42 -6.26 16.41
CA ILE A 26 2.84 -5.06 16.01
C ILE A 26 3.40 -4.62 14.66
N GLY A 27 4.65 -4.95 14.34
CA GLY A 27 5.17 -4.61 13.02
C GLY A 27 4.67 -5.55 11.95
N GLU A 28 4.45 -6.78 12.34
CA GLU A 28 3.94 -7.81 11.45
C GLU A 28 2.47 -7.45 11.13
N ARG A 29 1.73 -7.13 12.19
CA ARG A 29 0.34 -6.74 12.11
C ARG A 29 0.17 -5.44 11.27
N VAL A 30 1.01 -4.45 11.54
CA VAL A 30 1.02 -3.16 10.84
C VAL A 30 1.24 -3.32 9.32
N ARG A 31 2.17 -4.17 8.93
CA ARG A 31 2.44 -4.34 7.52
C ARG A 31 1.34 -5.13 6.85
N THR A 32 0.66 -5.92 7.61
CA THR A 32 -0.47 -6.67 7.12
C THR A 32 -1.64 -5.71 6.71
N LEU A 33 -1.83 -4.63 7.47
CA LEU A 33 -2.83 -3.61 7.12
C LEU A 33 -2.40 -2.82 5.89
N VAL A 34 -1.07 -2.63 5.72
CA VAL A 34 -0.55 -1.94 4.54
C VAL A 34 -0.78 -2.79 3.30
N LEU A 35 -0.64 -4.09 3.44
CA LEU A 35 -0.89 -5.00 2.35
C LEU A 35 -2.38 -4.98 1.98
N GLY A 36 -3.24 -4.88 2.99
CA GLY A 36 -4.67 -4.71 2.77
C GLY A 36 -4.98 -3.45 1.94
N LEU A 37 -4.26 -2.40 2.26
CA LEU A 37 -4.43 -1.12 1.57
C LEU A 37 -3.91 -1.20 0.12
N VAL A 38 -2.70 -1.71 -0.02
CA VAL A 38 -2.04 -1.84 -1.34
C VAL A 38 -2.79 -2.78 -2.27
N ASN A 39 -3.26 -3.91 -1.76
CA ASN A 39 -3.97 -4.87 -2.62
C ASN A 39 -5.40 -4.41 -2.89
N SER A 40 -5.79 -3.26 -2.30
CA SER A 40 -7.17 -2.78 -2.32
C SER A 40 -8.10 -3.85 -1.76
N THR A 41 -7.99 -4.00 -0.49
CA THR A 41 -8.68 -5.01 0.26
C THR A 41 -9.03 -4.43 1.67
N LEU A 42 -8.64 -3.17 1.88
CA LEU A 42 -8.98 -2.40 3.05
C LEU A 42 -9.32 -1.01 2.57
N THR A 43 -10.19 -0.34 3.25
CA THR A 43 -10.54 1.00 2.90
C THR A 43 -9.50 1.94 3.56
N ILE A 44 -9.32 3.14 3.03
CA ILE A 44 -8.32 4.11 3.51
C ILE A 44 -8.55 4.45 5.00
N GLU A 45 -9.74 4.90 5.30
CA GLU A 45 -10.14 5.32 6.64
C GLU A 45 -10.09 4.12 7.61
N GLU A 46 -10.32 2.97 7.06
CA GLU A 46 -10.25 1.72 7.81
C GLU A 46 -8.81 1.35 8.11
N PHE A 47 -7.97 1.44 7.11
CA PHE A 47 -6.54 1.18 7.26
C PHE A 47 -5.88 2.10 8.28
N HIS A 48 -6.21 3.38 8.22
CA HIS A 48 -5.59 4.36 9.11
C HIS A 48 -6.01 4.16 10.55
N SER A 49 -7.30 4.02 10.78
CA SER A 49 -7.80 3.91 12.14
C SER A 49 -7.32 2.62 12.83
N LYS A 50 -7.17 1.56 12.07
CA LYS A 50 -6.72 0.29 12.63
C LYS A 50 -5.26 0.33 12.96
N LEU A 51 -4.45 0.70 11.99
CA LEU A 51 -3.02 0.90 12.18
C LEU A 51 -2.73 1.67 13.49
N GLN A 52 -3.47 2.77 13.70
CA GLN A 52 -3.27 3.63 14.86
C GLN A 52 -3.86 3.00 16.13
N GLU A 53 -4.93 2.21 16.00
CA GLU A 53 -5.42 1.40 17.13
C GLU A 53 -4.33 0.52 17.67
N ALA A 54 -3.54 -0.05 16.76
CA ALA A 54 -2.52 -1.00 17.09
C ALA A 54 -1.30 -0.36 17.77
N THR A 55 -0.77 0.68 17.17
CA THR A 55 0.40 1.32 17.71
C THR A 55 0.07 2.39 18.76
N ASN A 56 -1.24 2.66 18.96
CA ASN A 56 -1.87 3.84 19.74
C ASN A 56 -1.04 5.15 19.74
N PHE A 57 -0.14 5.23 18.81
CA PHE A 57 0.76 6.32 18.68
C PHE A 57 0.11 7.47 17.90
N PRO A 58 0.24 8.72 18.37
CA PRO A 58 -0.17 9.87 17.58
C PRO A 58 0.79 9.95 16.41
N LEU A 59 0.33 10.28 15.23
CA LEU A 59 1.14 10.01 14.07
C LEU A 59 1.23 11.23 13.16
N ARG A 60 2.23 11.21 12.26
CA ARG A 60 2.35 12.17 11.17
C ARG A 60 1.28 11.85 10.11
N PRO A 61 0.34 12.76 9.89
CA PRO A 61 -0.87 12.51 9.06
C PRO A 61 -0.64 12.48 7.53
N PHE A 62 0.60 12.36 7.09
CA PHE A 62 0.90 12.50 5.68
C PHE A 62 0.53 11.23 4.87
N VAL A 63 0.18 10.14 5.54
CA VAL A 63 -0.15 8.90 4.85
C VAL A 63 -1.37 9.02 3.94
N ILE A 64 -2.42 9.74 4.37
CA ILE A 64 -3.61 9.91 3.49
C ILE A 64 -3.24 10.60 2.16
N PRO A 65 -2.68 11.85 2.19
CA PRO A 65 -2.27 12.56 0.99
C PRO A 65 -1.20 11.82 0.18
N PHE A 66 -0.47 10.92 0.83
CA PHE A 66 0.48 10.04 0.17
C PHE A 66 -0.22 9.19 -0.91
N LEU A 67 -1.09 8.26 -0.50
CA LEU A 67 -1.89 7.48 -1.47
C LEU A 67 -2.78 8.36 -2.34
N LYS A 68 -3.18 9.50 -1.80
CA LYS A 68 -4.00 10.43 -2.53
C LYS A 68 -3.26 11.01 -3.71
N ALA A 69 -1.97 11.25 -3.56
CA ALA A 69 -1.13 11.73 -4.67
C ALA A 69 -0.71 10.60 -5.59
N ASN A 70 -0.84 9.39 -5.12
CA ASN A 70 -0.35 8.23 -5.86
C ASN A 70 -1.43 7.82 -6.84
N LEU A 71 -2.67 8.10 -6.51
CA LEU A 71 -3.74 7.84 -7.46
C LEU A 71 -3.58 8.69 -8.75
N PRO A 72 -3.85 10.04 -8.77
CA PRO A 72 -3.88 10.82 -10.02
C PRO A 72 -2.52 10.92 -10.70
N LEU A 73 -1.48 10.58 -9.97
CA LEU A 73 -0.15 10.60 -10.50
C LEU A 73 0.03 9.43 -11.48
N LEU A 74 -0.08 8.22 -10.97
CA LEU A 74 0.23 7.05 -11.74
C LEU A 74 -1.01 6.50 -12.47
N GLN A 75 -2.20 6.96 -12.07
CA GLN A 75 -3.45 6.50 -12.69
C GLN A 75 -3.53 6.63 -14.19
N ARG A 76 -2.87 7.57 -14.83
CA ARG A 76 -3.05 7.70 -16.29
C ARG A 76 -2.55 6.44 -17.02
N GLU A 77 -1.44 5.93 -16.60
CA GLU A 77 -0.90 4.71 -17.18
C GLU A 77 -1.70 3.48 -16.71
N LEU A 78 -1.96 3.41 -15.42
CA LEU A 78 -2.64 2.28 -14.82
C LEU A 78 -4.16 2.24 -15.17
N LEU A 79 -4.76 3.40 -15.34
CA LEU A 79 -6.14 3.51 -15.80
C LEU A 79 -6.26 3.02 -17.21
N HIS A 80 -5.26 3.32 -18.04
CA HIS A 80 -5.28 2.90 -19.44
C HIS A 80 -5.17 1.38 -19.50
N CYS A 81 -4.39 0.82 -18.61
CA CYS A 81 -4.32 -0.61 -18.45
C CYS A 81 -5.73 -1.15 -18.13
N ALA A 82 -6.28 -0.72 -16.99
CA ALA A 82 -7.66 -0.99 -16.56
C ALA A 82 -8.69 -0.88 -17.71
N ARG A 83 -8.76 0.31 -18.34
CA ARG A 83 -9.63 0.59 -19.51
C ARG A 83 -9.57 -0.53 -20.56
N LEU A 84 -8.33 -0.89 -20.97
CA LEU A 84 -8.10 -1.91 -21.97
C LEU A 84 -8.60 -3.28 -21.48
N ALA A 85 -8.25 -3.63 -20.25
CA ALA A 85 -8.66 -4.87 -19.62
C ALA A 85 -10.19 -4.90 -19.39
N LYS A 86 -10.79 -3.71 -19.43
CA LYS A 86 -12.21 -3.48 -19.21
C LYS A 86 -12.58 -3.86 -17.77
N GLN A 87 -11.83 -3.30 -16.83
CA GLN A 87 -12.05 -3.57 -15.42
C GLN A 87 -11.65 -2.37 -14.59
N ASN A 88 -11.95 -2.43 -13.30
CA ASN A 88 -11.58 -1.39 -12.36
C ASN A 88 -10.09 -1.47 -12.10
N PRO A 89 -9.39 -0.32 -11.95
CA PRO A 89 -7.95 -0.32 -11.69
C PRO A 89 -7.61 -1.02 -10.40
N ALA A 90 -8.52 -0.91 -9.43
CA ALA A 90 -8.38 -1.50 -8.10
C ALA A 90 -8.04 -2.98 -8.19
N GLN A 91 -8.87 -3.69 -8.89
CA GLN A 91 -8.74 -5.12 -9.03
C GLN A 91 -7.59 -5.48 -9.98
N TYR A 92 -7.21 -4.54 -10.82
CA TYR A 92 -6.10 -4.75 -11.71
C TYR A 92 -4.79 -4.69 -10.93
N LEU A 93 -4.55 -3.58 -10.26
CA LEU A 93 -3.28 -3.35 -9.56
C LEU A 93 -3.01 -4.43 -8.49
N ALA A 94 -4.10 -4.92 -7.93
CA ALA A 94 -4.07 -5.96 -6.92
C ALA A 94 -3.49 -7.23 -7.48
N GLN A 95 -4.06 -7.66 -8.57
CA GLN A 95 -3.69 -8.92 -9.17
C GLN A 95 -2.46 -8.76 -10.05
N HIS A 96 -1.92 -7.57 -10.04
CA HIS A 96 -0.74 -7.27 -10.81
C HIS A 96 0.44 -7.42 -9.92
N GLU A 97 0.43 -6.76 -8.77
CA GLU A 97 1.51 -6.89 -7.81
C GLU A 97 1.58 -8.30 -7.19
N GLN A 98 0.54 -9.08 -7.38
CA GLN A 98 0.57 -10.43 -6.86
C GLN A 98 1.14 -11.40 -7.90
N LEU A 99 0.68 -11.33 -9.14
CA LEU A 99 1.17 -12.28 -10.18
C LEU A 99 2.60 -11.97 -10.61
N LEU A 100 3.02 -10.71 -10.50
CA LEU A 100 4.33 -10.35 -10.98
C LEU A 100 5.38 -10.73 -9.93
N LEU A 101 4.94 -10.94 -8.70
CA LEU A 101 5.79 -11.29 -7.58
C LEU A 101 5.89 -12.81 -7.42
N ASP A 102 4.79 -13.49 -7.73
CA ASP A 102 4.67 -14.90 -7.49
C ASP A 102 5.29 -15.71 -8.64
N ALA A 103 5.52 -16.98 -8.40
CA ALA A 103 6.21 -17.85 -9.36
C ALA A 103 5.21 -18.61 -10.25
N SER A 104 3.97 -18.19 -10.21
CA SER A 104 2.95 -18.78 -11.02
C SER A 104 3.05 -18.37 -12.49
N THR A 105 3.73 -17.26 -12.76
CA THR A 105 4.02 -16.85 -14.11
C THR A 105 5.12 -17.76 -14.67
N THR A 106 5.03 -18.12 -15.93
CA THR A 106 6.02 -18.96 -16.53
C THR A 106 7.23 -18.14 -17.02
N SER A 107 7.06 -16.84 -17.04
CA SER A 107 8.13 -15.94 -17.45
C SER A 107 9.11 -15.71 -16.29
N GLY A 1 5.54 4.81 -13.63
CA GLY A 1 4.99 4.61 -12.29
C GLY A 1 6.10 4.30 -11.31
N ALA A 2 7.31 4.32 -11.85
CA ALA A 2 8.54 3.97 -11.13
C ALA A 2 8.74 4.76 -9.87
N ARG A 3 8.36 5.98 -9.93
CA ARG A 3 8.61 6.94 -8.90
C ARG A 3 7.79 6.62 -7.64
N GLN A 4 6.49 6.63 -7.81
CA GLN A 4 5.53 6.40 -6.75
C GLN A 4 5.77 5.07 -6.10
N LEU A 5 5.88 4.09 -6.94
CA LEU A 5 6.17 2.70 -6.53
C LEU A 5 7.48 2.66 -5.67
N SER A 6 8.54 3.29 -6.15
CA SER A 6 9.81 3.34 -5.41
C SER A 6 9.66 4.08 -4.05
N LYS A 7 8.63 4.90 -3.92
CA LYS A 7 8.42 5.66 -2.71
C LYS A 7 7.54 4.85 -1.77
N LEU A 8 6.70 4.03 -2.37
CA LEU A 8 5.81 3.15 -1.65
C LEU A 8 6.61 2.01 -1.07
N LYS A 9 7.71 1.70 -1.70
CA LYS A 9 8.53 0.61 -1.26
C LYS A 9 9.24 1.03 0.00
N ARG A 10 9.95 2.19 -0.04
CA ARG A 10 10.51 2.82 1.20
C ARG A 10 9.50 2.85 2.35
N PHE A 11 8.24 3.01 1.97
CA PHE A 11 7.16 3.20 2.91
C PHE A 11 6.88 1.90 3.67
N LEU A 12 6.81 0.77 2.97
CA LEU A 12 6.51 -0.51 3.62
C LEU A 12 7.65 -0.95 4.55
N THR A 13 8.88 -0.69 4.14
CA THR A 13 10.05 -1.02 4.94
C THR A 13 10.09 -0.15 6.23
N THR A 14 9.42 0.97 6.20
CA THR A 14 9.41 1.85 7.35
C THR A 14 8.37 1.34 8.36
N LEU A 15 7.15 1.10 7.90
CA LEU A 15 6.05 0.56 8.72
C LEU A 15 6.46 -0.70 9.52
N GLN A 16 7.25 -1.56 8.90
CA GLN A 16 7.67 -2.81 9.51
C GLN A 16 8.74 -2.58 10.57
N GLN A 17 9.72 -1.74 10.26
CA GLN A 17 10.80 -1.49 11.21
C GLN A 17 10.36 -0.62 12.35
N TYR A 18 9.32 0.17 12.15
CA TYR A 18 8.78 0.93 13.26
C TYR A 18 8.08 -0.01 14.25
N GLY A 19 7.31 -0.96 13.75
CA GLY A 19 6.68 -1.89 14.62
C GLY A 19 7.72 -2.76 15.31
N ASN A 20 8.68 -3.25 14.56
CA ASN A 20 9.76 -4.08 15.10
C ASN A 20 10.54 -3.38 16.28
N ASP A 21 10.57 -2.03 16.28
CA ASP A 21 11.35 -1.25 17.30
C ASP A 21 10.69 -1.38 18.67
N ILE A 22 9.41 -1.68 18.63
CA ILE A 22 8.64 -1.83 19.83
C ILE A 22 8.91 -3.20 20.42
N SER A 23 8.53 -4.27 19.67
CA SER A 23 8.89 -5.73 19.96
C SER A 23 7.93 -6.78 19.38
N PRO A 24 6.60 -6.75 19.77
CA PRO A 24 5.63 -7.82 19.43
C PRO A 24 5.33 -7.93 17.93
N GLU A 25 4.26 -8.63 17.57
CA GLU A 25 3.86 -8.85 16.15
C GLU A 25 3.35 -7.54 15.51
N ILE A 26 3.65 -6.43 16.15
CA ILE A 26 3.12 -5.20 15.81
C ILE A 26 3.75 -4.69 14.51
N GLY A 27 5.00 -5.08 14.19
CA GLY A 27 5.57 -4.68 12.91
C GLY A 27 4.99 -5.49 11.76
N GLU A 28 4.65 -6.73 12.05
CA GLU A 28 4.07 -7.60 11.04
C GLU A 28 2.62 -7.18 10.79
N ARG A 29 1.91 -6.94 11.90
CA ARG A 29 0.48 -6.54 11.92
C ARG A 29 0.30 -5.25 11.10
N VAL A 30 1.21 -4.31 11.33
CA VAL A 30 1.24 -3.05 10.64
C VAL A 30 1.41 -3.22 9.11
N ARG A 31 2.33 -4.11 8.67
CA ARG A 31 2.52 -4.25 7.22
C ARG A 31 1.36 -5.00 6.62
N THR A 32 0.70 -5.81 7.41
CA THR A 32 -0.44 -6.58 6.98
C THR A 32 -1.58 -5.63 6.55
N LEU A 33 -1.75 -4.57 7.32
CA LEU A 33 -2.74 -3.56 7.01
C LEU A 33 -2.30 -2.73 5.81
N VAL A 34 -0.99 -2.48 5.67
CA VAL A 34 -0.46 -1.75 4.49
C VAL A 34 -0.59 -2.63 3.23
N LEU A 35 -0.43 -3.93 3.42
CA LEU A 35 -0.64 -4.88 2.36
C LEU A 35 -2.11 -4.88 1.93
N GLY A 36 -3.00 -4.83 2.92
CA GLY A 36 -4.43 -4.69 2.66
C GLY A 36 -4.75 -3.40 1.87
N LEU A 37 -3.95 -2.41 2.11
CA LEU A 37 -4.10 -1.15 1.46
C LEU A 37 -3.78 -1.26 -0.04
N VAL A 38 -2.59 -1.76 -0.36
CA VAL A 38 -2.16 -1.88 -1.76
C VAL A 38 -3.02 -2.89 -2.55
N ASN A 39 -3.47 -3.96 -1.88
CA ASN A 39 -4.27 -5.00 -2.52
C ASN A 39 -5.72 -4.55 -2.71
N SER A 40 -6.06 -3.41 -2.10
CA SER A 40 -7.43 -2.95 -2.09
C SER A 40 -8.29 -3.91 -1.26
N THR A 41 -8.09 -3.83 0.01
CA THR A 41 -8.80 -4.62 1.01
C THR A 41 -8.97 -3.85 2.33
N LEU A 42 -8.48 -2.64 2.31
CA LEU A 42 -8.58 -1.69 3.39
C LEU A 42 -8.86 -0.33 2.80
N THR A 43 -9.85 0.33 3.34
CA THR A 43 -10.17 1.67 2.92
C THR A 43 -9.28 2.65 3.71
N ILE A 44 -9.17 3.91 3.27
CA ILE A 44 -8.25 4.90 3.90
C ILE A 44 -8.53 5.04 5.39
N GLU A 45 -9.74 5.40 5.73
CA GLU A 45 -10.13 5.65 7.11
C GLU A 45 -10.02 4.38 8.00
N GLU A 46 -10.14 3.20 7.40
CA GLU A 46 -9.95 1.93 8.13
C GLU A 46 -8.46 1.70 8.38
N PHE A 47 -7.67 1.78 7.32
CA PHE A 47 -6.24 1.55 7.41
C PHE A 47 -5.57 2.52 8.39
N HIS A 48 -5.91 3.77 8.33
CA HIS A 48 -5.31 4.75 9.21
C HIS A 48 -5.75 4.60 10.67
N SER A 49 -7.03 4.35 10.89
CA SER A 49 -7.54 4.22 12.25
C SER A 49 -7.03 2.95 12.98
N LYS A 50 -7.08 1.84 12.30
CA LYS A 50 -6.75 0.55 12.92
C LYS A 50 -5.25 0.43 13.14
N LEU A 51 -4.48 0.73 12.09
CA LEU A 51 -3.01 0.77 12.18
C LEU A 51 -2.54 1.51 13.46
N GLN A 52 -3.08 2.70 13.66
CA GLN A 52 -2.67 3.56 14.76
C GLN A 52 -3.23 3.10 16.09
N GLU A 53 -4.43 2.55 16.05
CA GLU A 53 -5.01 1.92 17.24
C GLU A 53 -4.05 0.83 17.76
N ALA A 54 -3.39 0.15 16.83
CA ALA A 54 -2.44 -0.90 17.14
C ALA A 54 -1.13 -0.32 17.70
N THR A 55 -0.66 0.74 17.11
CA THR A 55 0.61 1.32 17.52
C THR A 55 0.46 2.34 18.67
N ASN A 56 -0.80 2.54 19.11
CA ASN A 56 -1.28 3.65 20.06
C ASN A 56 -0.53 5.00 19.90
N PHE A 57 0.15 5.17 18.80
CA PHE A 57 1.01 6.29 18.56
C PHE A 57 0.25 7.46 17.91
N PRO A 58 0.46 8.71 18.40
CA PRO A 58 -0.01 9.92 17.70
C PRO A 58 0.73 10.01 16.36
N LEU A 59 0.13 10.53 15.31
CA LEU A 59 0.76 10.34 14.03
C LEU A 59 0.61 11.54 13.15
N ARG A 60 1.60 11.69 12.32
CA ARG A 60 1.74 12.69 11.30
C ARG A 60 0.74 12.30 10.19
N PRO A 61 -0.22 13.17 9.88
CA PRO A 61 -1.33 12.87 8.96
C PRO A 61 -0.95 12.85 7.46
N PHE A 62 0.32 12.80 7.14
CA PHE A 62 0.72 12.91 5.75
C PHE A 62 0.49 11.59 4.98
N VAL A 63 0.27 10.48 5.68
CA VAL A 63 0.04 9.18 5.02
C VAL A 63 -1.25 9.21 4.21
N ILE A 64 -2.28 9.91 4.70
CA ILE A 64 -3.54 9.98 3.94
C ILE A 64 -3.30 10.62 2.55
N PRO A 65 -2.78 11.88 2.47
CA PRO A 65 -2.44 12.50 1.20
C PRO A 65 -1.37 11.72 0.42
N PHE A 66 -0.57 10.88 1.10
CA PHE A 66 0.38 10.01 0.42
C PHE A 66 -0.34 9.14 -0.61
N LEU A 67 -1.17 8.22 -0.12
CA LEU A 67 -1.99 7.40 -1.01
C LEU A 67 -3.01 8.21 -1.81
N LYS A 68 -3.47 9.33 -1.27
CA LYS A 68 -4.41 10.17 -1.99
C LYS A 68 -3.78 10.76 -3.23
N ALA A 69 -2.50 11.10 -3.14
CA ALA A 69 -1.72 11.59 -4.28
C ALA A 69 -1.20 10.44 -5.10
N ASN A 70 -1.21 9.25 -4.57
CA ASN A 70 -0.58 8.12 -5.22
C ASN A 70 -1.54 7.52 -6.20
N LEU A 71 -2.81 7.67 -5.90
CA LEU A 71 -3.84 7.25 -6.82
C LEU A 71 -3.73 8.04 -8.16
N PRO A 72 -4.00 9.39 -8.22
CA PRO A 72 -3.95 10.16 -9.49
C PRO A 72 -2.54 10.22 -10.10
N LEU A 73 -1.54 9.85 -9.33
CA LEU A 73 -0.19 9.73 -9.85
C LEU A 73 -0.09 8.51 -10.74
N LEU A 74 -0.40 7.36 -10.17
CA LEU A 74 -0.31 6.08 -10.85
C LEU A 74 -1.43 5.90 -11.90
N GLN A 75 -2.51 6.65 -11.74
CA GLN A 75 -3.69 6.50 -12.57
C GLN A 75 -3.48 6.57 -14.05
N ARG A 76 -2.81 7.57 -14.60
CA ARG A 76 -2.83 7.70 -16.08
C ARG A 76 -2.07 6.53 -16.76
N GLU A 77 -1.00 6.08 -16.16
CA GLU A 77 -0.27 4.94 -16.70
C GLU A 77 -1.05 3.61 -16.49
N LEU A 78 -1.62 3.42 -15.28
CA LEU A 78 -2.36 2.18 -14.95
C LEU A 78 -3.78 2.15 -15.56
N LEU A 79 -4.41 3.31 -15.65
CA LEU A 79 -5.76 3.46 -16.21
C LEU A 79 -5.75 3.08 -17.66
N HIS A 80 -4.66 3.41 -18.35
CA HIS A 80 -4.55 3.08 -19.76
C HIS A 80 -4.43 1.55 -19.91
N CYS A 81 -3.67 0.94 -19.01
CA CYS A 81 -3.58 -0.52 -18.95
C CYS A 81 -4.99 -1.14 -18.78
N ALA A 82 -5.66 -0.79 -17.67
CA ALA A 82 -7.08 -1.13 -17.40
C ALA A 82 -7.94 -0.97 -18.66
N ARG A 83 -7.89 0.24 -19.24
CA ARG A 83 -8.57 0.60 -20.50
C ARG A 83 -8.50 -0.48 -21.56
N LEU A 84 -7.28 -0.93 -21.88
CA LEU A 84 -7.05 -1.93 -22.91
C LEU A 84 -7.69 -3.25 -22.54
N ALA A 85 -7.53 -3.65 -21.28
CA ALA A 85 -8.07 -4.91 -20.76
C ALA A 85 -9.60 -4.93 -20.76
N LYS A 86 -10.20 -3.74 -20.93
CA LYS A 86 -11.64 -3.52 -20.94
C LYS A 86 -12.23 -3.94 -19.59
N GLN A 87 -11.65 -3.39 -18.54
CA GLN A 87 -12.04 -3.68 -17.19
C GLN A 87 -11.80 -2.44 -16.33
N ASN A 88 -12.38 -2.41 -15.15
CA ASN A 88 -12.25 -1.27 -14.25
C ASN A 88 -10.87 -1.28 -13.61
N PRO A 89 -10.22 -0.09 -13.49
CA PRO A 89 -8.86 0.03 -12.93
C PRO A 89 -8.73 -0.61 -11.55
N ALA A 90 -9.80 -0.53 -10.75
CA ALA A 90 -9.88 -1.09 -9.42
C ALA A 90 -9.52 -2.59 -9.40
N GLN A 91 -10.18 -3.38 -10.25
CA GLN A 91 -9.92 -4.82 -10.30
C GLN A 91 -8.59 -5.11 -10.96
N TYR A 92 -8.11 -4.16 -11.73
CA TYR A 92 -6.84 -4.34 -12.37
C TYR A 92 -5.73 -4.20 -11.33
N LEU A 93 -5.73 -3.07 -10.63
CA LEU A 93 -4.70 -2.78 -9.63
C LEU A 93 -4.69 -3.82 -8.53
N ALA A 94 -5.86 -4.30 -8.17
CA ALA A 94 -6.02 -5.32 -7.13
C ALA A 94 -5.28 -6.62 -7.52
N GLN A 95 -5.57 -7.11 -8.73
CA GLN A 95 -4.99 -8.34 -9.20
C GLN A 95 -3.58 -8.15 -9.70
N HIS A 96 -3.16 -6.91 -9.82
CA HIS A 96 -1.83 -6.65 -10.34
C HIS A 96 -0.87 -6.44 -9.22
N GLU A 97 -1.19 -5.51 -8.32
CA GLU A 97 -0.36 -5.24 -7.14
C GLU A 97 -0.38 -6.46 -6.15
N GLN A 98 -1.22 -7.43 -6.38
CA GLN A 98 -1.09 -8.66 -5.62
C GLN A 98 -0.15 -9.65 -6.39
N LEU A 99 -0.35 -9.78 -7.69
CA LEU A 99 0.37 -10.78 -8.47
C LEU A 99 1.84 -10.43 -8.71
N LEU A 100 2.18 -9.16 -8.68
CA LEU A 100 3.57 -8.73 -8.98
C LEU A 100 4.48 -8.93 -7.76
N LEU A 101 3.86 -9.25 -6.67
CA LEU A 101 4.51 -9.49 -5.40
C LEU A 101 4.91 -10.95 -5.31
N ASP A 102 4.14 -11.78 -5.96
CA ASP A 102 4.27 -13.22 -5.85
C ASP A 102 5.45 -13.77 -6.63
N ALA A 103 5.89 -14.94 -6.25
CA ALA A 103 7.07 -15.57 -6.80
C ALA A 103 6.79 -16.19 -8.14
N SER A 104 5.50 -16.52 -8.38
CA SER A 104 5.03 -17.03 -9.72
C SER A 104 5.70 -16.48 -11.04
N THR A 105 6.45 -15.41 -11.00
CA THR A 105 7.31 -15.09 -12.13
C THR A 105 8.58 -15.98 -12.02
N THR A 106 8.81 -16.82 -13.02
CA THR A 106 9.84 -17.86 -12.93
C THR A 106 11.28 -17.30 -12.87
N SER A 107 11.50 -16.16 -13.52
CA SER A 107 12.84 -15.50 -13.58
C SER A 107 13.93 -16.45 -14.13
N GLY A 1 10.00 7.90 -13.48
CA GLY A 1 9.23 6.83 -12.85
C GLY A 1 9.86 6.42 -11.52
N ALA A 2 11.10 6.84 -11.32
CA ALA A 2 11.91 6.52 -10.13
C ALA A 2 11.30 6.99 -8.81
N ARG A 3 10.39 7.89 -8.93
CA ARG A 3 9.78 8.54 -7.82
C ARG A 3 8.76 7.64 -7.10
N GLN A 4 7.66 7.33 -7.77
CA GLN A 4 6.53 6.52 -7.21
C GLN A 4 7.03 5.19 -6.58
N LEU A 5 8.03 4.61 -7.22
CA LEU A 5 8.61 3.33 -6.79
C LEU A 5 9.31 3.50 -5.42
N SER A 6 10.23 4.45 -5.33
CA SER A 6 10.95 4.73 -4.10
C SER A 6 9.99 5.21 -3.00
N LYS A 7 8.94 5.84 -3.47
CA LYS A 7 7.91 6.36 -2.61
C LYS A 7 7.12 5.24 -1.94
N LEU A 8 6.75 4.26 -2.74
CA LEU A 8 6.02 3.11 -2.21
C LEU A 8 6.91 2.25 -1.33
N LYS A 9 8.16 2.05 -1.72
CA LYS A 9 8.98 1.17 -0.92
C LYS A 9 9.43 1.82 0.37
N ARG A 10 9.78 3.12 0.35
CA ARG A 10 10.09 3.87 1.58
C ARG A 10 9.04 3.62 2.64
N PHE A 11 7.78 3.66 2.19
CA PHE A 11 6.64 3.66 3.08
C PHE A 11 6.49 2.30 3.75
N LEU A 12 6.60 1.23 2.96
CA LEU A 12 6.50 -0.10 3.51
C LEU A 12 7.67 -0.39 4.45
N THR A 13 8.84 0.11 4.11
CA THR A 13 10.02 -0.06 4.95
C THR A 13 9.87 0.70 6.29
N THR A 14 9.13 1.80 6.26
CA THR A 14 8.98 2.62 7.43
C THR A 14 7.92 2.04 8.38
N LEU A 15 6.71 1.87 7.92
CA LEU A 15 5.66 1.24 8.74
C LEU A 15 6.06 -0.13 9.31
N GLN A 16 6.86 -0.88 8.54
CA GLN A 16 7.29 -2.21 8.93
C GLN A 16 8.39 -2.11 9.99
N GLN A 17 9.33 -1.16 9.80
CA GLN A 17 10.40 -1.01 10.77
C GLN A 17 9.88 -0.34 12.02
N TYR A 18 8.80 0.42 11.93
CA TYR A 18 8.27 1.04 13.12
C TYR A 18 7.63 0.00 14.04
N GLY A 19 6.88 -0.90 13.48
CA GLY A 19 6.30 -1.94 14.28
C GLY A 19 7.37 -2.85 14.85
N ASN A 20 8.25 -3.32 13.99
CA ASN A 20 9.36 -4.19 14.40
C ASN A 20 10.21 -3.53 15.54
N ASP A 21 10.57 -2.25 15.33
CA ASP A 21 11.40 -1.47 16.26
C ASP A 21 10.71 -1.18 17.59
N ILE A 22 9.43 -1.52 17.67
CA ILE A 22 8.79 -1.58 18.96
C ILE A 22 9.20 -2.91 19.57
N SER A 23 8.66 -4.01 19.01
CA SER A 23 9.03 -5.44 19.38
C SER A 23 8.15 -6.53 18.75
N PRO A 24 6.85 -6.61 19.14
CA PRO A 24 6.02 -7.78 18.84
C PRO A 24 5.54 -7.86 17.39
N GLU A 25 4.45 -8.60 17.23
CA GLU A 25 3.75 -8.86 15.98
C GLU A 25 3.06 -7.59 15.48
N ILE A 26 3.44 -6.47 16.06
CA ILE A 26 2.88 -5.25 15.75
C ILE A 26 3.40 -4.79 14.40
N GLY A 27 4.63 -5.19 14.03
CA GLY A 27 5.09 -4.88 12.69
C GLY A 27 4.46 -5.82 11.68
N GLU A 28 4.09 -6.98 12.15
CA GLU A 28 3.37 -7.96 11.34
C GLU A 28 1.98 -7.42 11.04
N ARG A 29 1.27 -7.08 12.12
CA ARG A 29 -0.08 -6.61 12.10
C ARG A 29 -0.19 -5.33 11.28
N VAL A 30 0.69 -4.36 11.57
CA VAL A 30 0.70 -3.10 10.90
C VAL A 30 0.94 -3.24 9.40
N ARG A 31 1.90 -4.08 9.01
CA ARG A 31 2.17 -4.18 7.59
C ARG A 31 1.13 -4.99 6.88
N THR A 32 0.48 -5.82 7.61
CA THR A 32 -0.63 -6.58 7.10
C THR A 32 -1.78 -5.62 6.70
N LEU A 33 -1.93 -4.52 7.45
CA LEU A 33 -2.90 -3.47 7.10
C LEU A 33 -2.42 -2.72 5.86
N VAL A 34 -1.11 -2.55 5.72
CA VAL A 34 -0.53 -1.86 4.56
C VAL A 34 -0.74 -2.68 3.29
N LEU A 35 -0.61 -3.99 3.42
CA LEU A 35 -0.92 -4.90 2.33
C LEU A 35 -2.42 -4.86 2.03
N GLY A 36 -3.23 -4.84 3.08
CA GLY A 36 -4.68 -4.69 2.93
C GLY A 36 -5.04 -3.41 2.18
N LEU A 37 -4.25 -2.39 2.41
CA LEU A 37 -4.44 -1.10 1.78
C LEU A 37 -4.13 -1.18 0.30
N VAL A 38 -2.93 -1.66 -0.07
CA VAL A 38 -2.56 -1.75 -1.49
C VAL A 38 -3.45 -2.75 -2.24
N ASN A 39 -3.85 -3.81 -1.55
CA ASN A 39 -4.76 -4.81 -2.08
C ASN A 39 -6.22 -4.32 -2.14
N SER A 40 -6.49 -3.07 -1.68
CA SER A 40 -7.86 -2.50 -1.69
C SER A 40 -8.83 -3.39 -0.88
N THR A 41 -8.28 -3.98 0.17
CA THR A 41 -8.99 -4.91 0.99
C THR A 41 -9.58 -4.12 2.20
N LEU A 42 -9.09 -2.89 2.36
CA LEU A 42 -9.40 -2.03 3.48
C LEU A 42 -9.63 -0.64 2.95
N THR A 43 -10.30 0.16 3.72
CA THR A 43 -10.49 1.54 3.37
C THR A 43 -9.34 2.33 3.87
N ILE A 44 -9.22 3.56 3.43
CA ILE A 44 -8.21 4.47 3.90
C ILE A 44 -8.39 4.63 5.41
N GLU A 45 -9.62 4.94 5.79
CA GLU A 45 -9.98 5.11 7.19
C GLU A 45 -9.81 3.83 7.99
N GLU A 46 -10.24 2.69 7.47
CA GLU A 46 -10.08 1.47 8.26
C GLU A 46 -8.66 0.97 8.34
N PHE A 47 -7.88 1.16 7.29
CA PHE A 47 -6.45 0.89 7.36
C PHE A 47 -5.79 1.73 8.45
N HIS A 48 -6.11 3.00 8.44
CA HIS A 48 -5.47 3.94 9.33
C HIS A 48 -5.92 3.74 10.79
N SER A 49 -7.20 3.56 11.00
CA SER A 49 -7.74 3.44 12.37
C SER A 49 -7.30 2.15 13.10
N LYS A 50 -7.19 1.06 12.38
CA LYS A 50 -6.78 -0.19 13.03
C LYS A 50 -5.29 -0.12 13.30
N LEU A 51 -4.53 0.23 12.27
CA LEU A 51 -3.10 0.46 12.36
C LEU A 51 -2.72 1.34 13.56
N GLN A 52 -3.42 2.46 13.74
CA GLN A 52 -3.11 3.38 14.81
C GLN A 52 -3.57 2.83 16.15
N GLU A 53 -4.74 2.21 16.20
CA GLU A 53 -5.19 1.55 17.46
C GLU A 53 -4.12 0.54 17.96
N ALA A 54 -3.39 -0.05 17.02
CA ALA A 54 -2.34 -1.00 17.32
C ALA A 54 -1.05 -0.33 17.83
N THR A 55 -0.74 0.83 17.31
CA THR A 55 0.50 1.52 17.64
C THR A 55 0.31 2.62 18.69
N ASN A 56 -0.96 2.92 19.00
CA ASN A 56 -1.46 4.10 19.82
C ASN A 56 -0.64 5.39 19.58
N PHE A 57 0.07 5.46 18.49
CA PHE A 57 0.98 6.52 18.21
C PHE A 57 0.32 7.71 17.49
N PRO A 58 0.47 8.93 18.02
CA PRO A 58 0.17 10.14 17.23
C PRO A 58 1.21 10.18 16.12
N LEU A 59 0.80 10.35 14.89
CA LEU A 59 1.70 10.03 13.80
C LEU A 59 1.77 11.19 12.83
N ARG A 60 2.76 11.20 11.93
CA ARG A 60 2.87 12.26 10.95
C ARG A 60 1.77 12.05 9.89
N PRO A 61 0.96 13.08 9.65
CA PRO A 61 -0.25 12.99 8.81
C PRO A 61 -0.02 12.84 7.28
N PHE A 62 1.21 12.55 6.85
CA PHE A 62 1.48 12.46 5.40
C PHE A 62 1.00 11.12 4.82
N VAL A 63 0.54 10.27 5.71
CA VAL A 63 0.15 8.90 5.33
C VAL A 63 -1.03 8.91 4.37
N ILE A 64 -2.14 9.51 4.77
CA ILE A 64 -3.33 9.54 3.93
C ILE A 64 -3.06 10.23 2.57
N PRO A 65 -2.51 11.49 2.56
CA PRO A 65 -2.13 12.17 1.32
C PRO A 65 -1.15 11.38 0.47
N PHE A 66 -0.28 10.56 1.09
CA PHE A 66 0.63 9.70 0.34
C PHE A 66 -0.13 8.79 -0.63
N LEU A 67 -0.89 7.83 -0.10
CA LEU A 67 -1.74 6.96 -0.95
C LEU A 67 -2.67 7.75 -1.86
N LYS A 68 -3.13 8.88 -1.37
CA LYS A 68 -3.98 9.74 -2.15
C LYS A 68 -3.23 10.36 -3.35
N ALA A 69 -1.95 10.64 -3.18
CA ALA A 69 -1.09 11.18 -4.23
C ALA A 69 -0.59 10.14 -5.17
N ASN A 70 -0.64 8.88 -4.77
CA ASN A 70 -0.11 7.84 -5.60
C ASN A 70 -1.15 7.38 -6.56
N LEU A 71 -2.42 7.70 -6.24
CA LEU A 71 -3.51 7.43 -7.15
C LEU A 71 -3.39 8.29 -8.45
N PRO A 72 -3.58 9.65 -8.43
CA PRO A 72 -3.55 10.47 -9.66
C PRO A 72 -2.17 10.51 -10.29
N LEU A 73 -1.18 10.06 -9.54
CA LEU A 73 0.17 9.96 -10.02
C LEU A 73 0.25 8.79 -11.01
N LEU A 74 0.08 7.58 -10.48
CA LEU A 74 0.19 6.34 -11.25
C LEU A 74 -1.03 6.08 -12.15
N GLN A 75 -2.18 6.67 -11.81
CA GLN A 75 -3.40 6.41 -12.56
C GLN A 75 -3.37 6.65 -14.04
N ARG A 76 -2.64 7.59 -14.59
CA ARG A 76 -2.68 7.73 -16.07
C ARG A 76 -2.06 6.53 -16.73
N GLU A 77 -0.99 6.04 -16.14
CA GLU A 77 -0.29 4.90 -16.65
C GLU A 77 -1.10 3.63 -16.39
N LEU A 78 -1.59 3.48 -15.17
CA LEU A 78 -2.31 2.30 -14.74
C LEU A 78 -3.77 2.23 -15.25
N LEU A 79 -4.43 3.38 -15.37
CA LEU A 79 -5.80 3.44 -15.91
C LEU A 79 -5.80 3.02 -17.35
N HIS A 80 -4.74 3.35 -18.07
CA HIS A 80 -4.65 2.98 -19.48
C HIS A 80 -4.56 1.47 -19.60
N CYS A 81 -3.78 0.88 -18.73
CA CYS A 81 -3.65 -0.55 -18.64
C CYS A 81 -5.05 -1.17 -18.38
N ALA A 82 -5.63 -0.78 -17.24
CA ALA A 82 -7.02 -1.11 -16.85
C ALA A 82 -8.00 -1.04 -18.01
N ARG A 83 -7.95 0.07 -18.76
CA ARG A 83 -8.76 0.26 -19.97
C ARG A 83 -8.78 -0.94 -20.90
N LEU A 84 -7.59 -1.38 -21.36
CA LEU A 84 -7.48 -2.53 -22.26
C LEU A 84 -7.96 -3.83 -21.61
N ALA A 85 -7.61 -4.00 -20.33
CA ALA A 85 -8.02 -5.16 -19.55
C ALA A 85 -9.54 -5.22 -19.37
N LYS A 86 -10.19 -4.06 -19.56
CA LYS A 86 -11.62 -3.87 -19.41
C LYS A 86 -12.01 -4.12 -17.95
N GLN A 87 -11.28 -3.47 -17.07
CA GLN A 87 -11.51 -3.63 -15.66
C GLN A 87 -11.22 -2.33 -14.95
N ASN A 88 -11.62 -2.24 -13.69
CA ASN A 88 -11.37 -1.06 -12.88
C ASN A 88 -9.91 -0.96 -12.43
N PRO A 89 -9.35 0.27 -12.37
CA PRO A 89 -7.97 0.53 -11.97
C PRO A 89 -7.66 0.01 -10.57
N ALA A 90 -8.64 0.12 -9.67
CA ALA A 90 -8.52 -0.34 -8.27
C ALA A 90 -8.12 -1.82 -8.17
N GLN A 91 -8.83 -2.67 -8.90
CA GLN A 91 -8.55 -4.11 -8.90
C GLN A 91 -7.28 -4.41 -9.67
N TYR A 92 -6.93 -3.49 -10.54
CA TYR A 92 -5.70 -3.62 -11.30
C TYR A 92 -4.49 -3.36 -10.39
N LEU A 93 -4.50 -2.23 -9.67
CA LEU A 93 -3.40 -1.88 -8.76
C LEU A 93 -3.22 -2.90 -7.66
N ALA A 94 -4.34 -3.34 -7.11
CA ALA A 94 -4.35 -4.32 -6.02
C ALA A 94 -3.62 -5.61 -6.40
N GLN A 95 -4.04 -6.22 -7.52
CA GLN A 95 -3.45 -7.49 -7.98
C GLN A 95 -2.02 -7.30 -8.51
N HIS A 96 -1.67 -6.08 -8.77
CA HIS A 96 -0.38 -5.83 -9.34
C HIS A 96 0.63 -5.50 -8.30
N GLU A 97 0.37 -4.51 -7.45
CA GLU A 97 1.34 -4.15 -6.41
C GLU A 97 1.54 -5.27 -5.36
N GLN A 98 0.67 -6.30 -5.39
CA GLN A 98 0.85 -7.45 -4.52
C GLN A 98 1.73 -8.49 -5.25
N LEU A 99 1.62 -8.55 -6.58
CA LEU A 99 2.43 -9.48 -7.38
C LEU A 99 3.88 -9.02 -7.45
N LEU A 100 4.05 -7.77 -7.75
CA LEU A 100 5.38 -7.17 -7.95
C LEU A 100 6.06 -6.73 -6.65
N LEU A 101 5.52 -7.15 -5.50
CA LEU A 101 6.07 -6.68 -4.25
C LEU A 101 7.43 -7.32 -3.98
N ASP A 102 7.53 -8.62 -4.09
CA ASP A 102 8.81 -9.25 -3.98
C ASP A 102 9.17 -9.77 -5.35
N ALA A 103 10.26 -9.26 -5.86
CA ALA A 103 10.60 -9.51 -7.25
C ALA A 103 11.90 -10.28 -7.40
N SER A 104 12.80 -10.12 -6.44
CA SER A 104 14.09 -10.85 -6.40
C SER A 104 13.94 -12.39 -6.30
N THR A 105 12.78 -12.89 -6.59
CA THR A 105 12.45 -14.26 -6.51
C THR A 105 12.94 -15.05 -7.76
N THR A 106 13.94 -15.91 -7.58
CA THR A 106 14.46 -16.71 -8.68
C THR A 106 13.94 -18.16 -8.59
N SER A 107 13.23 -18.45 -7.54
CA SER A 107 12.70 -19.79 -7.31
C SER A 107 11.24 -19.93 -7.76
N GLY A 1 6.09 5.52 -13.41
CA GLY A 1 5.31 4.83 -12.42
C GLY A 1 6.19 4.24 -11.36
N ALA A 2 7.45 4.04 -11.70
CA ALA A 2 8.41 3.42 -10.79
C ALA A 2 8.73 4.31 -9.60
N ARG A 3 8.43 5.56 -9.75
CA ARG A 3 8.79 6.56 -8.77
C ARG A 3 7.98 6.39 -7.48
N GLN A 4 6.67 6.44 -7.59
CA GLN A 4 5.83 6.28 -6.41
C GLN A 4 5.87 4.85 -5.89
N LEU A 5 6.17 3.91 -6.78
CA LEU A 5 6.35 2.53 -6.38
C LEU A 5 7.55 2.46 -5.42
N SER A 6 8.63 3.11 -5.81
CA SER A 6 9.82 3.26 -4.97
C SER A 6 9.52 4.08 -3.71
N LYS A 7 8.42 4.84 -3.73
CA LYS A 7 8.05 5.68 -2.62
C LYS A 7 7.25 4.86 -1.62
N LEU A 8 6.43 3.99 -2.16
CA LEU A 8 5.57 3.14 -1.43
C LEU A 8 6.37 2.07 -0.77
N LYS A 9 7.37 1.57 -1.45
CA LYS A 9 8.11 0.47 -0.93
C LYS A 9 9.04 0.96 0.20
N ARG A 10 9.64 2.17 0.03
CA ARG A 10 10.32 2.88 1.13
C ARG A 10 9.45 2.88 2.39
N PHE A 11 8.15 3.14 2.16
CA PHE A 11 7.18 3.39 3.20
C PHE A 11 6.82 2.10 3.91
N LEU A 12 6.79 1.01 3.15
CA LEU A 12 6.48 -0.31 3.69
C LEU A 12 7.56 -0.74 4.64
N THR A 13 8.78 -0.48 4.24
CA THR A 13 9.94 -0.81 5.03
C THR A 13 9.97 0.05 6.31
N THR A 14 9.29 1.19 6.28
CA THR A 14 9.32 2.10 7.39
C THR A 14 8.33 1.61 8.46
N LEU A 15 7.08 1.34 8.07
CA LEU A 15 6.08 0.76 8.99
C LEU A 15 6.60 -0.49 9.70
N GLN A 16 7.32 -1.29 8.95
CA GLN A 16 7.72 -2.60 9.39
C GLN A 16 8.84 -2.47 10.41
N GLN A 17 9.82 -1.59 10.15
CA GLN A 17 10.87 -1.39 11.13
C GLN A 17 10.37 -0.56 12.30
N TYR A 18 9.31 0.24 12.09
CA TYR A 18 8.71 1.00 13.17
C TYR A 18 7.96 0.09 14.14
N GLY A 19 7.15 -0.83 13.61
CA GLY A 19 6.46 -1.74 14.47
C GLY A 19 7.45 -2.64 15.18
N ASN A 20 8.37 -3.18 14.44
CA ASN A 20 9.46 -4.01 14.99
C ASN A 20 10.28 -3.26 16.08
N ASP A 21 10.40 -1.94 15.92
CA ASP A 21 11.23 -1.05 16.79
C ASP A 21 10.61 -0.90 18.17
N ILE A 22 9.32 -1.17 18.22
CA ILE A 22 8.62 -1.14 19.48
C ILE A 22 8.94 -2.43 20.23
N SER A 23 8.47 -3.59 19.73
CA SER A 23 8.83 -4.96 20.24
C SER A 23 8.00 -6.12 19.69
N PRO A 24 6.66 -6.15 19.99
CA PRO A 24 5.81 -7.30 19.67
C PRO A 24 5.51 -7.48 18.17
N GLU A 25 4.48 -8.25 17.92
CA GLU A 25 3.95 -8.58 16.58
C GLU A 25 3.28 -7.36 15.94
N ILE A 26 3.55 -6.20 16.47
CA ILE A 26 2.96 -5.02 16.04
C ILE A 26 3.53 -4.63 14.68
N GLY A 27 4.77 -5.07 14.38
CA GLY A 27 5.31 -4.84 13.03
C GLY A 27 4.70 -5.80 12.02
N GLU A 28 4.29 -6.94 12.48
CA GLU A 28 3.63 -7.93 11.62
C GLU A 28 2.24 -7.38 11.31
N ARG A 29 1.61 -6.88 12.37
CA ARG A 29 0.28 -6.30 12.33
C ARG A 29 0.20 -5.08 11.38
N VAL A 30 1.14 -4.13 11.53
CA VAL A 30 1.20 -2.94 10.66
C VAL A 30 1.39 -3.35 9.19
N ARG A 31 2.13 -4.42 8.99
CA ARG A 31 2.36 -4.99 7.67
C ARG A 31 1.09 -5.63 7.13
N THR A 32 0.32 -6.25 7.99
CA THR A 32 -0.90 -6.91 7.56
C THR A 32 -1.92 -5.86 7.02
N LEU A 33 -1.98 -4.72 7.68
CA LEU A 33 -2.86 -3.64 7.24
C LEU A 33 -2.39 -2.99 5.95
N VAL A 34 -1.10 -2.74 5.80
CA VAL A 34 -0.60 -2.11 4.56
C VAL A 34 -0.69 -3.09 3.38
N LEU A 35 -0.51 -4.37 3.68
CA LEU A 35 -0.67 -5.39 2.65
C LEU A 35 -2.13 -5.45 2.20
N GLY A 36 -3.04 -5.32 3.15
CA GLY A 36 -4.44 -5.19 2.83
C GLY A 36 -4.73 -3.97 1.92
N LEU A 37 -4.00 -2.91 2.17
CA LEU A 37 -4.20 -1.68 1.44
C LEU A 37 -3.79 -1.85 0.00
N VAL A 38 -2.58 -2.31 -0.24
CA VAL A 38 -2.07 -2.46 -1.62
C VAL A 38 -2.85 -3.52 -2.42
N ASN A 39 -3.29 -4.59 -1.77
CA ASN A 39 -4.03 -5.66 -2.45
C ASN A 39 -5.48 -5.25 -2.74
N SER A 40 -5.88 -4.05 -2.31
CA SER A 40 -7.27 -3.61 -2.38
C SER A 40 -8.11 -4.57 -1.55
N THR A 41 -7.94 -4.47 -0.28
CA THR A 41 -8.57 -5.35 0.70
C THR A 41 -8.82 -4.56 2.01
N LEU A 42 -8.36 -3.32 2.06
CA LEU A 42 -8.59 -2.43 3.14
C LEU A 42 -8.90 -1.07 2.56
N THR A 43 -9.87 -0.43 3.10
CA THR A 43 -10.25 0.89 2.67
C THR A 43 -9.35 1.89 3.42
N ILE A 44 -9.20 3.11 2.92
CA ILE A 44 -8.27 4.12 3.49
C ILE A 44 -8.60 4.37 4.97
N GLU A 45 -9.85 4.61 5.22
CA GLU A 45 -10.38 4.88 6.55
C GLU A 45 -10.17 3.69 7.50
N GLU A 46 -10.32 2.49 6.98
CA GLU A 46 -10.15 1.27 7.76
C GLU A 46 -8.67 0.97 8.01
N PHE A 47 -7.87 1.13 6.98
CA PHE A 47 -6.43 0.93 7.08
C PHE A 47 -5.79 1.86 8.11
N HIS A 48 -6.08 3.13 8.02
CA HIS A 48 -5.40 4.11 8.83
C HIS A 48 -5.82 4.01 10.31
N SER A 49 -7.10 3.77 10.53
CA SER A 49 -7.66 3.71 11.89
C SER A 49 -7.16 2.51 12.72
N LYS A 50 -7.09 1.34 12.09
CA LYS A 50 -6.69 0.14 12.81
C LYS A 50 -5.19 0.18 13.06
N LEU A 51 -4.45 0.54 12.02
CA LEU A 51 -3.01 0.77 12.09
C LEU A 51 -2.64 1.63 13.31
N GLN A 52 -3.35 2.76 13.46
CA GLN A 52 -3.08 3.69 14.55
C GLN A 52 -3.62 3.17 15.88
N GLU A 53 -4.76 2.49 15.85
CA GLU A 53 -5.27 1.81 17.06
C GLU A 53 -4.18 0.86 17.62
N ALA A 54 -3.42 0.25 16.71
CA ALA A 54 -2.37 -0.69 17.06
C ALA A 54 -1.15 0.00 17.66
N THR A 55 -0.71 1.04 17.04
CA THR A 55 0.51 1.71 17.43
C THR A 55 0.27 2.83 18.45
N ASN A 56 -1.02 3.05 18.75
CA ASN A 56 -1.64 4.19 19.57
C ASN A 56 -0.87 5.56 19.57
N PHE A 57 0.07 5.69 18.70
CA PHE A 57 0.88 6.84 18.54
C PHE A 57 0.21 7.82 17.59
N PRO A 58 0.19 9.11 17.92
CA PRO A 58 -0.16 10.13 16.95
C PRO A 58 0.85 10.00 15.81
N LEU A 59 0.38 9.87 14.60
CA LEU A 59 1.24 9.37 13.56
C LEU A 59 1.40 10.46 12.57
N ARG A 60 2.53 10.51 11.88
CA ARG A 60 2.75 11.50 10.87
C ARG A 60 1.70 11.40 9.78
N PRO A 61 0.88 12.46 9.63
CA PRO A 61 -0.29 12.47 8.78
C PRO A 61 -0.01 12.55 7.29
N PHE A 62 1.23 12.35 6.87
CA PHE A 62 1.57 12.47 5.48
C PHE A 62 1.11 11.24 4.72
N VAL A 63 0.73 10.17 5.45
CA VAL A 63 0.34 8.90 4.84
C VAL A 63 -0.88 9.05 3.94
N ILE A 64 -1.92 9.71 4.43
CA ILE A 64 -3.12 9.87 3.63
C ILE A 64 -2.85 10.66 2.34
N PRO A 65 -2.27 11.92 2.43
CA PRO A 65 -1.87 12.67 1.24
C PRO A 65 -0.84 11.93 0.35
N PHE A 66 -0.08 11.02 0.96
CA PHE A 66 0.84 10.17 0.22
C PHE A 66 0.05 9.37 -0.82
N LEU A 67 -0.82 8.47 -0.34
CA LEU A 67 -1.68 7.70 -1.24
C LEU A 67 -2.66 8.59 -2.02
N LYS A 68 -2.94 9.77 -1.49
CA LYS A 68 -3.81 10.73 -2.15
C LYS A 68 -3.14 11.35 -3.38
N ALA A 69 -1.86 11.66 -3.29
CA ALA A 69 -1.07 12.18 -4.40
C ALA A 69 -0.62 11.06 -5.29
N ASN A 70 -0.84 9.85 -4.85
CA ASN A 70 -0.37 8.69 -5.56
C ASN A 70 -1.39 8.33 -6.58
N LEU A 71 -2.66 8.57 -6.26
CA LEU A 71 -3.72 8.33 -7.21
C LEU A 71 -3.57 9.20 -8.49
N PRO A 72 -3.66 10.58 -8.45
CA PRO A 72 -3.55 11.41 -9.67
C PRO A 72 -2.21 11.25 -10.37
N LEU A 73 -1.24 10.74 -9.63
CA LEU A 73 0.06 10.47 -10.15
C LEU A 73 -0.04 9.23 -11.05
N LEU A 74 -0.42 8.09 -10.45
CA LEU A 74 -0.52 6.80 -11.13
C LEU A 74 -1.68 6.68 -12.11
N GLN A 75 -2.72 7.48 -11.90
CA GLN A 75 -3.96 7.37 -12.67
C GLN A 75 -3.80 7.31 -14.15
N ARG A 76 -3.08 8.21 -14.79
CA ARG A 76 -3.04 8.14 -16.23
C ARG A 76 -2.30 6.90 -16.77
N GLU A 77 -1.25 6.50 -16.10
CA GLU A 77 -0.51 5.33 -16.55
C GLU A 77 -1.32 4.04 -16.27
N LEU A 78 -1.77 3.85 -15.03
CA LEU A 78 -2.45 2.63 -14.65
C LEU A 78 -3.90 2.55 -15.14
N LEU A 79 -4.58 3.68 -15.21
CA LEU A 79 -5.98 3.69 -15.71
C LEU A 79 -6.05 3.30 -17.16
N HIS A 80 -5.02 3.65 -17.95
CA HIS A 80 -4.99 3.23 -19.34
C HIS A 80 -4.83 1.72 -19.40
N CYS A 81 -3.98 1.21 -18.53
CA CYS A 81 -3.78 -0.20 -18.39
C CYS A 81 -5.15 -0.87 -18.04
N ALA A 82 -5.75 -0.42 -16.92
CA ALA A 82 -7.11 -0.81 -16.51
C ALA A 82 -8.09 -0.83 -17.69
N ARG A 83 -8.21 0.32 -18.35
CA ARG A 83 -9.04 0.51 -19.57
C ARG A 83 -8.87 -0.63 -20.58
N LEU A 84 -7.63 -0.98 -20.87
CA LEU A 84 -7.29 -2.05 -21.81
C LEU A 84 -7.80 -3.40 -21.30
N ALA A 85 -7.50 -3.68 -20.05
CA ALA A 85 -7.86 -4.92 -19.38
C ALA A 85 -9.37 -5.08 -19.25
N LYS A 86 -10.04 -3.94 -19.23
CA LYS A 86 -11.47 -3.85 -19.06
C LYS A 86 -11.89 -4.37 -17.70
N GLN A 87 -11.25 -3.80 -16.71
CA GLN A 87 -11.52 -4.07 -15.34
C GLN A 87 -11.19 -2.79 -14.61
N ASN A 88 -11.69 -2.60 -13.43
CA ASN A 88 -11.48 -1.34 -12.74
C ASN A 88 -10.09 -1.27 -12.18
N PRO A 89 -9.52 -0.03 -12.02
CA PRO A 89 -8.16 0.18 -11.55
C PRO A 89 -7.87 -0.56 -10.23
N ALA A 90 -8.86 -0.59 -9.33
CA ALA A 90 -8.80 -1.34 -8.07
C ALA A 90 -8.44 -2.81 -8.32
N GLN A 91 -9.15 -3.43 -9.25
CA GLN A 91 -8.95 -4.83 -9.60
C GLN A 91 -7.65 -5.02 -10.36
N TYR A 92 -7.24 -3.99 -11.07
CA TYR A 92 -6.01 -4.07 -11.82
C TYR A 92 -4.82 -4.02 -10.85
N LEU A 93 -4.79 -3.03 -9.97
CA LEU A 93 -3.71 -2.87 -9.03
C LEU A 93 -3.64 -4.04 -8.07
N ALA A 94 -4.79 -4.60 -7.73
CA ALA A 94 -4.86 -5.76 -6.82
C ALA A 94 -4.14 -6.97 -7.42
N GLN A 95 -4.51 -7.32 -8.61
CA GLN A 95 -3.96 -8.50 -9.28
C GLN A 95 -2.55 -8.23 -9.79
N HIS A 96 -2.14 -6.99 -9.78
CA HIS A 96 -0.84 -6.67 -10.31
C HIS A 96 0.16 -6.62 -9.20
N GLU A 97 -0.15 -5.85 -8.17
CA GLU A 97 0.76 -5.72 -7.04
C GLU A 97 0.93 -7.05 -6.25
N GLN A 98 0.09 -8.03 -6.50
CA GLN A 98 0.39 -9.31 -5.94
C GLN A 98 1.21 -10.16 -6.92
N LEU A 99 0.80 -10.21 -8.18
CA LEU A 99 1.46 -11.08 -9.17
C LEU A 99 2.83 -10.59 -9.63
N LEU A 100 3.16 -9.33 -9.36
CA LEU A 100 4.49 -8.83 -9.72
C LEU A 100 5.51 -9.21 -8.64
N LEU A 101 5.01 -9.43 -7.43
CA LEU A 101 5.78 -9.84 -6.28
C LEU A 101 5.83 -11.38 -6.16
N ASP A 102 4.68 -11.99 -6.39
CA ASP A 102 4.50 -13.42 -6.25
C ASP A 102 5.23 -14.16 -7.37
N ALA A 103 5.62 -15.37 -7.09
CA ALA A 103 6.43 -16.14 -8.01
C ALA A 103 5.78 -17.44 -8.45
N SER A 104 4.49 -17.56 -8.24
CA SER A 104 3.78 -18.75 -8.69
C SER A 104 3.47 -18.63 -10.19
N THR A 105 3.82 -17.50 -10.73
CA THR A 105 3.68 -17.21 -12.12
C THR A 105 5.07 -17.19 -12.76
N THR A 106 5.36 -18.15 -13.58
CA THR A 106 6.64 -18.23 -14.23
C THR A 106 6.60 -17.69 -15.66
N SER A 107 5.40 -17.47 -16.16
CA SER A 107 5.23 -16.93 -17.49
C SER A 107 5.61 -15.44 -17.54
N GLY A 1 4.47 4.38 -13.05
CA GLY A 1 4.21 4.66 -11.64
C GLY A 1 5.45 4.38 -10.82
N ALA A 2 6.55 4.16 -11.54
CA ALA A 2 7.87 3.80 -11.00
C ALA A 2 8.32 4.64 -9.81
N ARG A 3 8.08 5.92 -9.90
CA ARG A 3 8.57 6.85 -8.91
C ARG A 3 7.83 6.73 -7.59
N GLN A 4 6.51 6.80 -7.66
CA GLN A 4 5.71 6.66 -6.49
C GLN A 4 5.87 5.25 -5.91
N LEU A 5 6.07 4.29 -6.79
CA LEU A 5 6.37 2.90 -6.40
C LEU A 5 7.65 2.88 -5.51
N SER A 6 8.69 3.53 -5.96
CA SER A 6 9.94 3.64 -5.20
C SER A 6 9.76 4.40 -3.86
N LYS A 7 8.71 5.20 -3.77
CA LYS A 7 8.47 5.99 -2.56
C LYS A 7 7.64 5.10 -1.61
N LEU A 8 6.83 4.27 -2.23
CA LEU A 8 5.93 3.35 -1.55
C LEU A 8 6.71 2.22 -0.94
N LYS A 9 7.81 1.82 -1.56
CA LYS A 9 8.55 0.75 -1.01
C LYS A 9 9.32 1.18 0.21
N ARG A 10 10.00 2.37 0.18
CA ARG A 10 10.55 2.90 1.46
C ARG A 10 9.47 2.88 2.58
N PHE A 11 8.23 3.14 2.16
CA PHE A 11 7.11 3.36 3.06
C PHE A 11 6.76 2.07 3.78
N LEU A 12 6.59 0.97 3.05
CA LEU A 12 6.25 -0.27 3.71
C LEU A 12 7.38 -0.74 4.60
N THR A 13 8.61 -0.51 4.18
CA THR A 13 9.73 -0.87 5.00
C THR A 13 9.84 0.04 6.28
N THR A 14 9.11 1.13 6.30
CA THR A 14 9.10 2.00 7.44
C THR A 14 8.13 1.42 8.48
N LEU A 15 6.92 1.06 8.00
CA LEU A 15 5.89 0.39 8.81
C LEU A 15 6.42 -0.81 9.58
N GLN A 16 7.18 -1.64 8.88
CA GLN A 16 7.64 -2.88 9.45
C GLN A 16 8.74 -2.69 10.48
N GLN A 17 9.70 -1.83 10.21
CA GLN A 17 10.77 -1.65 11.18
C GLN A 17 10.30 -0.81 12.35
N TYR A 18 9.25 -0.03 12.17
CA TYR A 18 8.70 0.75 13.27
C TYR A 18 8.02 -0.15 14.28
N GLY A 19 7.17 -1.05 13.82
CA GLY A 19 6.54 -1.94 14.72
C GLY A 19 7.55 -2.87 15.36
N ASN A 20 8.41 -3.45 14.54
CA ASN A 20 9.46 -4.37 15.00
C ASN A 20 10.36 -3.75 16.11
N ASP A 21 10.46 -2.42 16.10
CA ASP A 21 11.37 -1.72 17.04
C ASP A 21 10.85 -1.80 18.47
N ILE A 22 9.55 -1.88 18.62
CA ILE A 22 8.94 -1.75 19.93
C ILE A 22 9.12 -3.05 20.74
N SER A 23 8.41 -4.10 20.36
CA SER A 23 8.56 -5.42 21.02
C SER A 23 7.54 -6.46 20.56
N PRO A 24 6.22 -6.20 20.74
CA PRO A 24 5.21 -7.18 20.39
C PRO A 24 5.09 -7.39 18.88
N GLU A 25 4.10 -8.17 18.50
CA GLU A 25 3.75 -8.50 17.11
C GLU A 25 3.20 -7.28 16.33
N ILE A 26 3.49 -6.11 16.84
CA ILE A 26 2.94 -4.90 16.40
C ILE A 26 3.50 -4.52 15.02
N GLY A 27 4.73 -4.96 14.70
CA GLY A 27 5.23 -4.70 13.35
C GLY A 27 4.63 -5.62 12.34
N GLU A 28 4.35 -6.83 12.76
CA GLU A 28 3.73 -7.82 11.89
C GLU A 28 2.28 -7.43 11.67
N ARG A 29 1.64 -7.03 12.76
CA ARG A 29 0.24 -6.58 12.78
C ARG A 29 0.05 -5.36 11.86
N VAL A 30 0.91 -4.36 12.03
CA VAL A 30 0.92 -3.17 11.17
C VAL A 30 1.19 -3.53 9.71
N ARG A 31 2.03 -4.52 9.52
CA ARG A 31 2.40 -4.96 8.18
C ARG A 31 1.24 -5.71 7.53
N THR A 32 0.44 -6.38 8.32
CA THR A 32 -0.76 -7.03 7.82
C THR A 32 -1.73 -5.95 7.26
N LEU A 33 -1.75 -4.81 7.92
CA LEU A 33 -2.57 -3.70 7.52
C LEU A 33 -2.07 -3.02 6.26
N VAL A 34 -0.74 -2.80 6.14
CA VAL A 34 -0.25 -2.22 4.90
C VAL A 34 -0.37 -3.17 3.74
N LEU A 35 -0.28 -4.46 3.99
CA LEU A 35 -0.48 -5.43 2.93
C LEU A 35 -1.93 -5.35 2.49
N GLY A 36 -2.84 -5.25 3.46
CA GLY A 36 -4.25 -5.07 3.16
C GLY A 36 -4.53 -3.83 2.31
N LEU A 37 -3.82 -2.76 2.61
CA LEU A 37 -4.00 -1.50 1.89
C LEU A 37 -3.46 -1.64 0.49
N VAL A 38 -2.25 -2.13 0.39
CA VAL A 38 -1.55 -2.34 -0.85
C VAL A 38 -2.30 -3.32 -1.77
N ASN A 39 -2.61 -4.50 -1.24
CA ASN A 39 -3.22 -5.56 -2.03
C ASN A 39 -4.70 -5.26 -2.27
N SER A 40 -5.17 -4.15 -1.73
CA SER A 40 -6.55 -3.76 -1.81
C SER A 40 -7.47 -4.80 -1.17
N THR A 41 -7.43 -4.81 0.11
CA THR A 41 -8.20 -5.72 0.95
C THR A 41 -8.53 -4.99 2.31
N LEU A 42 -8.18 -3.72 2.36
CA LEU A 42 -8.43 -2.82 3.46
C LEU A 42 -8.87 -1.52 2.88
N THR A 43 -9.84 -0.88 3.49
CA THR A 43 -10.30 0.39 3.02
C THR A 43 -9.35 1.46 3.60
N ILE A 44 -9.26 2.64 2.96
CA ILE A 44 -8.32 3.70 3.39
C ILE A 44 -8.57 4.08 4.85
N GLU A 45 -9.81 4.37 5.15
CA GLU A 45 -10.25 4.74 6.48
C GLU A 45 -9.98 3.62 7.49
N GLU A 46 -10.15 2.37 7.06
CA GLU A 46 -9.94 1.21 7.95
C GLU A 46 -8.46 0.98 8.22
N PHE A 47 -7.68 1.10 7.18
CA PHE A 47 -6.25 1.00 7.27
C PHE A 47 -5.70 2.07 8.20
N HIS A 48 -6.15 3.27 8.02
CA HIS A 48 -5.66 4.38 8.80
C HIS A 48 -6.10 4.28 10.27
N SER A 49 -7.35 3.98 10.51
CA SER A 49 -7.86 3.85 11.87
C SER A 49 -7.28 2.65 12.62
N LYS A 50 -7.23 1.50 11.97
CA LYS A 50 -6.80 0.28 12.65
C LYS A 50 -5.31 0.25 12.92
N LEU A 51 -4.51 0.43 11.88
CA LEU A 51 -3.03 0.55 12.03
C LEU A 51 -2.64 1.51 13.16
N GLN A 52 -3.30 2.65 13.17
CA GLN A 52 -3.00 3.68 14.13
C GLN A 52 -3.54 3.30 15.52
N GLU A 53 -4.76 2.75 15.58
CA GLU A 53 -5.32 2.23 16.85
C GLU A 53 -4.36 1.19 17.49
N ALA A 54 -3.63 0.47 16.63
CA ALA A 54 -2.68 -0.55 17.09
C ALA A 54 -1.43 0.10 17.68
N THR A 55 -0.86 1.03 16.96
CA THR A 55 0.39 1.66 17.37
C THR A 55 0.18 2.80 18.39
N ASN A 56 -1.10 3.13 18.61
CA ASN A 56 -1.67 4.31 19.41
C ASN A 56 -0.78 5.60 19.50
N PHE A 57 0.21 5.68 18.65
CA PHE A 57 1.18 6.75 18.61
C PHE A 57 0.67 7.92 17.78
N PRO A 58 0.89 9.18 18.23
CA PRO A 58 0.63 10.36 17.41
C PRO A 58 1.49 10.25 16.13
N LEU A 59 0.89 10.39 14.95
CA LEU A 59 1.55 9.99 13.75
C LEU A 59 1.52 11.14 12.76
N ARG A 60 2.58 11.25 12.00
CA ARG A 60 2.73 12.31 11.08
C ARG A 60 1.76 12.09 9.89
N PRO A 61 1.06 13.16 9.53
CA PRO A 61 -0.12 13.11 8.63
C PRO A 61 0.15 12.98 7.14
N PHE A 62 1.35 12.63 6.75
CA PHE A 62 1.67 12.59 5.33
C PHE A 62 1.04 11.36 4.65
N VAL A 63 0.61 10.37 5.44
CA VAL A 63 0.10 9.11 4.92
C VAL A 63 -1.14 9.26 4.04
N ILE A 64 -2.14 10.01 4.49
CA ILE A 64 -3.35 10.16 3.65
C ILE A 64 -3.02 10.78 2.26
N PRO A 65 -2.38 11.99 2.20
CA PRO A 65 -1.99 12.58 0.92
C PRO A 65 -0.94 11.77 0.15
N PHE A 66 -0.28 10.84 0.83
CA PHE A 66 0.68 9.94 0.20
C PHE A 66 -0.06 9.07 -0.83
N LEU A 67 -0.91 8.18 -0.35
CA LEU A 67 -1.75 7.38 -1.22
C LEU A 67 -2.72 8.23 -2.05
N LYS A 68 -3.09 9.39 -1.54
CA LYS A 68 -3.95 10.30 -2.28
C LYS A 68 -3.25 10.83 -3.50
N ALA A 69 -1.98 11.17 -3.40
CA ALA A 69 -1.20 11.67 -4.54
C ALA A 69 -0.73 10.51 -5.41
N ASN A 70 -0.94 9.31 -4.94
CA ASN A 70 -0.48 8.13 -5.65
C ASN A 70 -1.53 7.79 -6.67
N LEU A 71 -2.75 8.20 -6.42
CA LEU A 71 -3.80 8.05 -7.38
C LEU A 71 -3.62 8.97 -8.61
N PRO A 72 -3.79 10.35 -8.52
CA PRO A 72 -3.62 11.28 -9.68
C PRO A 72 -2.33 11.07 -10.47
N LEU A 73 -1.29 10.55 -9.82
CA LEU A 73 -0.05 10.27 -10.49
C LEU A 73 -0.22 9.08 -11.44
N LEU A 74 -0.55 7.94 -10.85
CA LEU A 74 -0.66 6.68 -11.54
C LEU A 74 -1.85 6.60 -12.48
N GLN A 75 -2.92 7.31 -12.15
CA GLN A 75 -4.22 7.16 -12.83
C GLN A 75 -4.19 7.24 -14.34
N ARG A 76 -3.59 8.25 -14.93
CA ARG A 76 -3.68 8.37 -16.41
C ARG A 76 -2.90 7.26 -17.13
N GLU A 77 -1.78 6.88 -16.56
CA GLU A 77 -0.97 5.79 -17.12
C GLU A 77 -1.67 4.41 -16.89
N LEU A 78 -2.27 4.26 -15.72
CA LEU A 78 -2.96 3.04 -15.34
C LEU A 78 -4.32 2.92 -16.05
N LEU A 79 -5.04 4.02 -16.16
CA LEU A 79 -6.35 4.05 -16.81
C LEU A 79 -6.27 3.67 -18.29
N HIS A 80 -5.17 4.02 -18.92
CA HIS A 80 -4.98 3.69 -20.35
C HIS A 80 -4.86 2.17 -20.48
N CYS A 81 -4.01 1.61 -19.64
CA CYS A 81 -3.84 0.18 -19.57
C CYS A 81 -5.22 -0.49 -19.24
N ALA A 82 -5.77 -0.14 -18.04
CA ALA A 82 -7.10 -0.56 -17.55
C ALA A 82 -8.17 -0.57 -18.67
N ARG A 83 -8.39 0.61 -19.27
CA ARG A 83 -9.35 0.78 -20.36
C ARG A 83 -9.29 -0.30 -21.43
N LEU A 84 -8.08 -0.62 -21.90
CA LEU A 84 -7.89 -1.61 -22.94
C LEU A 84 -8.32 -3.01 -22.48
N ALA A 85 -8.01 -3.34 -21.22
CA ALA A 85 -8.36 -4.64 -20.63
C ALA A 85 -9.87 -4.79 -20.50
N LYS A 86 -10.53 -3.64 -20.43
CA LYS A 86 -11.95 -3.50 -20.20
C LYS A 86 -12.30 -3.95 -18.78
N GLN A 87 -11.81 -3.19 -17.83
CA GLN A 87 -12.20 -3.34 -16.42
C GLN A 87 -12.09 -2.00 -15.71
N ASN A 88 -12.77 -1.87 -14.59
CA ASN A 88 -12.75 -0.62 -13.80
C ASN A 88 -11.43 -0.49 -13.08
N PRO A 89 -10.80 0.69 -13.14
CA PRO A 89 -9.44 0.90 -12.60
C PRO A 89 -9.31 0.50 -11.12
N ALA A 90 -10.38 0.68 -10.35
CA ALA A 90 -10.45 0.32 -8.92
C ALA A 90 -10.04 -1.15 -8.69
N GLN A 91 -10.84 -2.06 -9.23
CA GLN A 91 -10.56 -3.46 -9.04
C GLN A 91 -9.43 -3.93 -9.94
N TYR A 92 -9.10 -3.10 -10.92
CA TYR A 92 -7.99 -3.35 -11.81
C TYR A 92 -6.72 -3.22 -11.04
N LEU A 93 -6.54 -2.10 -10.34
CA LEU A 93 -5.31 -1.86 -9.61
C LEU A 93 -5.09 -2.94 -8.54
N ALA A 94 -6.19 -3.41 -7.99
CA ALA A 94 -6.17 -4.50 -7.02
C ALA A 94 -5.68 -5.82 -7.69
N GLN A 95 -6.36 -6.19 -8.78
CA GLN A 95 -6.05 -7.43 -9.49
C GLN A 95 -4.80 -7.28 -10.37
N HIS A 96 -4.19 -6.13 -10.34
CA HIS A 96 -3.05 -5.88 -11.19
C HIS A 96 -1.83 -6.16 -10.40
N GLU A 97 -1.79 -5.65 -9.17
CA GLU A 97 -0.67 -5.95 -8.31
C GLU A 97 -0.63 -7.43 -7.97
N GLN A 98 -1.72 -8.08 -7.97
CA GLN A 98 -1.68 -9.49 -7.60
C GLN A 98 -1.35 -10.33 -8.82
N LEU A 99 -1.63 -9.80 -10.00
CA LEU A 99 -1.19 -10.43 -11.23
C LEU A 99 0.35 -10.27 -11.37
N LEU A 100 0.88 -9.12 -10.95
CA LEU A 100 2.32 -8.85 -11.05
C LEU A 100 3.16 -9.40 -9.88
N LEU A 101 2.60 -9.39 -8.67
CA LEU A 101 3.33 -9.79 -7.48
C LEU A 101 3.21 -11.28 -7.18
N ASP A 102 2.00 -11.79 -7.23
CA ASP A 102 1.83 -13.19 -6.92
C ASP A 102 1.95 -13.99 -8.18
N ALA A 103 2.88 -14.93 -8.17
CA ALA A 103 3.14 -15.74 -9.34
C ALA A 103 2.50 -17.13 -9.25
N SER A 104 1.50 -17.27 -8.40
CA SER A 104 0.82 -18.53 -8.27
C SER A 104 -0.42 -18.53 -9.18
N THR A 105 -0.44 -17.56 -10.09
CA THR A 105 -1.49 -17.33 -11.05
C THR A 105 -1.75 -18.55 -11.98
N THR A 106 -3.00 -18.65 -12.41
CA THR A 106 -3.52 -19.75 -13.19
C THR A 106 -2.94 -19.81 -14.63
N SER A 107 -3.09 -18.75 -15.39
CA SER A 107 -2.68 -18.74 -16.79
C SER A 107 -1.17 -18.67 -16.97
N GLY A 1 8.26 6.18 -13.23
CA GLY A 1 7.75 5.16 -12.34
C GLY A 1 8.70 4.93 -11.20
N ALA A 2 9.97 5.19 -11.49
CA ALA A 2 11.10 5.06 -10.56
C ALA A 2 10.87 5.86 -9.31
N ARG A 3 10.10 6.89 -9.46
CA ARG A 3 9.81 7.77 -8.40
C ARG A 3 8.79 7.21 -7.43
N GLN A 4 7.58 6.88 -7.91
CA GLN A 4 6.54 6.35 -6.99
C GLN A 4 6.99 5.04 -6.38
N LEU A 5 7.77 4.29 -7.13
CA LEU A 5 8.30 2.99 -6.70
C LEU A 5 9.10 3.15 -5.37
N SER A 6 10.04 4.08 -5.36
CA SER A 6 10.86 4.36 -4.16
C SER A 6 9.96 4.88 -3.01
N LYS A 7 8.93 5.57 -3.39
CA LYS A 7 8.00 6.16 -2.43
C LYS A 7 7.11 5.08 -1.80
N LEU A 8 6.69 4.15 -2.62
CA LEU A 8 5.85 3.06 -2.19
C LEU A 8 6.66 2.08 -1.37
N LYS A 9 7.90 1.85 -1.75
CA LYS A 9 8.71 0.91 -1.03
C LYS A 9 9.10 1.53 0.29
N ARG A 10 9.48 2.82 0.26
CA ARG A 10 9.75 3.62 1.46
C ARG A 10 8.67 3.40 2.52
N PHE A 11 7.44 3.30 2.05
CA PHE A 11 6.29 3.25 2.91
C PHE A 11 6.19 1.93 3.65
N LEU A 12 6.29 0.82 2.94
CA LEU A 12 6.19 -0.48 3.57
C LEU A 12 7.36 -0.72 4.51
N THR A 13 8.55 -0.30 4.10
CA THR A 13 9.73 -0.42 4.94
C THR A 13 9.64 0.50 6.20
N THR A 14 8.85 1.56 6.12
CA THR A 14 8.71 2.46 7.26
C THR A 14 7.73 1.85 8.24
N LEU A 15 6.57 1.44 7.75
CA LEU A 15 5.58 0.72 8.55
C LEU A 15 6.17 -0.47 9.30
N GLN A 16 7.05 -1.19 8.62
CA GLN A 16 7.63 -2.40 9.15
C GLN A 16 8.62 -2.06 10.23
N GLN A 17 9.54 -1.14 9.96
CA GLN A 17 10.57 -0.82 10.94
C GLN A 17 10.04 0.00 12.07
N TYR A 18 8.93 0.68 11.89
CA TYR A 18 8.34 1.39 13.00
C TYR A 18 7.74 0.41 14.00
N GLY A 19 6.94 -0.53 13.53
CA GLY A 19 6.36 -1.50 14.40
C GLY A 19 7.46 -2.37 15.00
N ASN A 20 8.34 -2.86 14.16
CA ASN A 20 9.48 -3.69 14.57
C ASN A 20 10.34 -2.99 15.70
N ASP A 21 10.42 -1.65 15.62
CA ASP A 21 11.31 -0.85 16.50
C ASP A 21 10.80 -0.87 17.93
N ILE A 22 9.55 -1.21 18.08
CA ILE A 22 8.95 -1.23 19.39
C ILE A 22 9.34 -2.53 20.12
N SER A 23 8.79 -3.66 19.70
CA SER A 23 9.09 -5.02 20.28
C SER A 23 8.21 -6.17 19.71
N PRO A 24 6.85 -6.15 19.95
CA PRO A 24 6.00 -7.31 19.64
C PRO A 24 5.72 -7.49 18.15
N GLU A 25 4.71 -8.30 17.87
CA GLU A 25 4.28 -8.65 16.51
C GLU A 25 3.61 -7.45 15.81
N ILE A 26 3.81 -6.26 16.35
CA ILE A 26 3.15 -5.11 15.97
C ILE A 26 3.64 -4.65 14.60
N GLY A 27 4.89 -4.96 14.25
CA GLY A 27 5.36 -4.64 12.90
C GLY A 27 4.85 -5.62 11.87
N GLU A 28 4.59 -6.81 12.30
CA GLU A 28 4.00 -7.83 11.46
C GLU A 28 2.51 -7.48 11.23
N ARG A 29 1.83 -7.09 12.32
CA ARG A 29 0.44 -6.66 12.25
C ARG A 29 0.24 -5.42 11.37
N VAL A 30 1.11 -4.40 11.52
CA VAL A 30 1.03 -3.18 10.70
C VAL A 30 1.23 -3.52 9.21
N ARG A 31 2.02 -4.56 8.98
CA ARG A 31 2.27 -5.07 7.63
C ARG A 31 1.00 -5.73 7.08
N THR A 32 0.24 -6.35 7.94
CA THR A 32 -1.00 -7.01 7.55
C THR A 32 -2.00 -5.95 7.01
N LEU A 33 -2.03 -4.80 7.66
CA LEU A 33 -2.91 -3.73 7.27
C LEU A 33 -2.47 -3.03 6.00
N VAL A 34 -1.16 -2.89 5.80
CA VAL A 34 -0.66 -2.29 4.55
C VAL A 34 -0.94 -3.25 3.39
N LEU A 35 -0.86 -4.53 3.67
CA LEU A 35 -1.21 -5.54 2.69
C LEU A 35 -2.69 -5.48 2.34
N GLY A 36 -3.52 -5.26 3.37
CA GLY A 36 -4.96 -5.07 3.17
C GLY A 36 -5.25 -3.89 2.24
N LEU A 37 -4.45 -2.87 2.39
CA LEU A 37 -4.57 -1.67 1.60
C LEU A 37 -4.12 -1.96 0.16
N VAL A 38 -2.94 -2.58 0.04
CA VAL A 38 -2.35 -2.90 -1.26
C VAL A 38 -3.23 -3.84 -2.08
N ASN A 39 -3.76 -4.88 -1.46
CA ASN A 39 -4.58 -5.83 -2.17
C ASN A 39 -5.98 -5.31 -2.44
N SER A 40 -6.27 -4.09 -1.96
CA SER A 40 -7.60 -3.53 -2.00
C SER A 40 -8.59 -4.44 -1.32
N THR A 41 -8.51 -4.43 -0.01
CA THR A 41 -9.37 -5.24 0.82
C THR A 41 -9.65 -4.48 2.14
N LEU A 42 -9.16 -3.25 2.19
CA LEU A 42 -9.33 -2.38 3.31
C LEU A 42 -9.66 -0.99 2.82
N THR A 43 -10.48 -0.28 3.57
CA THR A 43 -10.76 1.07 3.24
C THR A 43 -9.64 1.93 3.83
N ILE A 44 -9.34 3.04 3.20
CA ILE A 44 -8.26 3.96 3.63
C ILE A 44 -8.49 4.43 5.08
N GLU A 45 -9.72 4.83 5.36
CA GLU A 45 -10.12 5.28 6.69
C GLU A 45 -9.94 4.13 7.72
N GLU A 46 -10.18 2.90 7.27
CA GLU A 46 -10.03 1.71 8.13
C GLU A 46 -8.59 1.39 8.38
N PHE A 47 -7.81 1.40 7.31
CA PHE A 47 -6.40 1.14 7.38
C PHE A 47 -5.74 2.09 8.33
N HIS A 48 -6.10 3.34 8.27
CA HIS A 48 -5.48 4.31 9.14
C HIS A 48 -5.96 4.16 10.62
N SER A 49 -7.27 3.94 10.80
CA SER A 49 -7.84 3.82 12.15
C SER A 49 -7.40 2.53 12.88
N LYS A 50 -7.30 1.42 12.15
CA LYS A 50 -6.90 0.16 12.76
C LYS A 50 -5.43 0.15 13.05
N LEU A 51 -4.63 0.52 12.07
CA LEU A 51 -3.20 0.73 12.22
C LEU A 51 -2.86 1.49 13.51
N GLN A 52 -3.56 2.59 13.70
CA GLN A 52 -3.31 3.48 14.80
C GLN A 52 -3.86 2.91 16.10
N GLU A 53 -4.95 2.13 16.02
CA GLU A 53 -5.46 1.38 17.19
C GLU A 53 -4.32 0.49 17.74
N ALA A 54 -3.58 -0.10 16.80
CA ALA A 54 -2.50 -1.01 17.11
C ALA A 54 -1.26 -0.29 17.67
N THR A 55 -0.83 0.75 17.00
CA THR A 55 0.42 1.40 17.37
C THR A 55 0.26 2.65 18.24
N ASN A 56 -1.02 3.05 18.48
CA ASN A 56 -1.53 4.27 19.27
C ASN A 56 -0.63 5.55 19.31
N PHE A 57 0.28 5.61 18.45
CA PHE A 57 1.20 6.69 18.30
C PHE A 57 0.58 7.79 17.44
N PRO A 58 0.69 9.07 17.84
CA PRO A 58 0.38 10.14 16.94
C PRO A 58 1.41 10.05 15.82
N LEU A 59 0.97 9.88 14.62
CA LEU A 59 1.84 9.38 13.59
C LEU A 59 1.95 10.41 12.53
N ARG A 60 3.02 10.33 11.72
CA ARG A 60 3.16 11.18 10.56
C ARG A 60 1.97 10.95 9.63
N PRO A 61 1.07 11.93 9.56
CA PRO A 61 -0.22 11.77 8.91
C PRO A 61 -0.16 12.01 7.41
N PHE A 62 1.04 11.99 6.87
CA PHE A 62 1.21 12.22 5.46
C PHE A 62 0.84 10.97 4.69
N VAL A 63 0.51 9.88 5.39
CA VAL A 63 0.16 8.62 4.76
C VAL A 63 -1.10 8.76 3.90
N ILE A 64 -2.20 9.19 4.49
CA ILE A 64 -3.42 9.43 3.69
C ILE A 64 -3.18 10.37 2.45
N PRO A 65 -2.55 11.58 2.60
CA PRO A 65 -2.21 12.39 1.44
C PRO A 65 -1.22 11.67 0.47
N PHE A 66 -0.33 10.85 1.04
CA PHE A 66 0.62 10.04 0.27
C PHE A 66 -0.11 9.19 -0.79
N LEU A 67 -0.92 8.24 -0.33
CA LEU A 67 -1.72 7.42 -1.24
C LEU A 67 -2.69 8.26 -2.09
N LYS A 68 -3.12 9.41 -1.57
CA LYS A 68 -3.96 10.29 -2.34
C LYS A 68 -3.18 10.85 -3.51
N ALA A 69 -1.92 11.18 -3.28
CA ALA A 69 -1.01 11.68 -4.31
C ALA A 69 -0.47 10.59 -5.20
N ASN A 70 -0.78 9.34 -4.88
CA ASN A 70 -0.31 8.24 -5.71
C ASN A 70 -1.34 8.03 -6.78
N LEU A 71 -2.54 8.53 -6.50
CA LEU A 71 -3.59 8.52 -7.47
C LEU A 71 -3.26 9.46 -8.70
N PRO A 72 -3.18 10.82 -8.56
CA PRO A 72 -2.86 11.68 -9.72
C PRO A 72 -1.44 11.46 -10.26
N LEU A 73 -0.62 10.77 -9.48
CA LEU A 73 0.73 10.48 -9.86
C LEU A 73 0.73 9.42 -10.95
N LEU A 74 0.35 8.19 -10.60
CA LEU A 74 0.44 7.07 -11.52
C LEU A 74 -0.85 6.76 -12.30
N GLN A 75 -2.00 7.27 -11.86
CA GLN A 75 -3.26 6.81 -12.45
C GLN A 75 -3.41 6.94 -13.94
N ARG A 76 -2.84 7.93 -14.60
CA ARG A 76 -3.10 8.06 -16.04
C ARG A 76 -2.48 6.89 -16.83
N GLU A 77 -1.25 6.57 -16.56
CA GLU A 77 -0.57 5.53 -17.27
C GLU A 77 -1.08 4.15 -16.79
N LEU A 78 -1.45 4.07 -15.52
CA LEU A 78 -1.92 2.83 -14.94
C LEU A 78 -3.37 2.55 -15.34
N LEU A 79 -4.21 3.59 -15.31
CA LEU A 79 -5.61 3.50 -15.73
C LEU A 79 -5.70 3.15 -17.17
N HIS A 80 -4.69 3.49 -17.96
CA HIS A 80 -4.67 3.12 -19.39
C HIS A 80 -4.60 1.60 -19.51
N CYS A 81 -3.72 1.03 -18.72
CA CYS A 81 -3.61 -0.41 -18.62
C CYS A 81 -4.99 -1.01 -18.18
N ALA A 82 -5.42 -0.61 -16.97
CA ALA A 82 -6.76 -0.97 -16.40
C ALA A 82 -7.91 -0.88 -17.44
N ARG A 83 -7.97 0.28 -18.13
CA ARG A 83 -8.94 0.59 -19.20
C ARG A 83 -9.20 -0.57 -20.11
N LEU A 84 -8.15 -1.03 -20.77
CA LEU A 84 -8.25 -2.10 -21.73
C LEU A 84 -8.71 -3.41 -21.09
N ALA A 85 -8.17 -3.69 -19.92
CA ALA A 85 -8.47 -4.89 -19.14
C ALA A 85 -9.91 -4.95 -18.59
N LYS A 86 -10.68 -3.84 -18.84
CA LYS A 86 -12.10 -3.74 -18.45
C LYS A 86 -12.23 -3.86 -16.90
N GLN A 87 -11.36 -3.20 -16.17
CA GLN A 87 -11.36 -3.32 -14.72
C GLN A 87 -10.94 -2.02 -14.06
N ASN A 88 -11.23 -1.90 -12.77
CA ASN A 88 -10.89 -0.71 -12.00
C ASN A 88 -9.41 -0.68 -11.73
N PRO A 89 -8.76 0.51 -11.87
CA PRO A 89 -7.33 0.69 -11.66
C PRO A 89 -6.90 0.20 -10.27
N ALA A 90 -7.75 0.44 -9.26
CA ALA A 90 -7.55 0.03 -7.89
C ALA A 90 -7.26 -1.48 -7.80
N GLN A 91 -8.13 -2.28 -8.39
CA GLN A 91 -7.96 -3.72 -8.34
C GLN A 91 -6.83 -4.17 -9.25
N TYR A 92 -6.52 -3.37 -10.27
CA TYR A 92 -5.44 -3.73 -11.16
C TYR A 92 -4.11 -3.58 -10.46
N LEU A 93 -3.87 -2.42 -9.85
CA LEU A 93 -2.59 -2.14 -9.18
C LEU A 93 -2.31 -3.17 -8.09
N ALA A 94 -3.37 -3.61 -7.42
CA ALA A 94 -3.30 -4.64 -6.39
C ALA A 94 -2.73 -5.93 -6.98
N GLN A 95 -3.33 -6.37 -8.08
CA GLN A 95 -2.96 -7.62 -8.73
C GLN A 95 -1.64 -7.48 -9.48
N HIS A 96 -1.20 -6.26 -9.67
CA HIS A 96 -0.05 -5.99 -10.47
C HIS A 96 1.16 -5.98 -9.58
N GLU A 97 1.15 -5.11 -8.58
CA GLU A 97 2.25 -5.02 -7.66
C GLU A 97 2.43 -6.26 -6.75
N GLN A 98 1.47 -7.16 -6.75
CA GLN A 98 1.67 -8.42 -6.06
C GLN A 98 2.23 -9.53 -6.94
N LEU A 99 1.87 -9.51 -8.23
CA LEU A 99 2.41 -10.46 -9.25
C LEU A 99 3.91 -10.10 -9.55
N LEU A 100 4.37 -9.06 -8.86
CA LEU A 100 5.72 -8.58 -9.13
C LEU A 100 6.66 -8.98 -7.99
N LEU A 101 6.06 -9.04 -6.77
CA LEU A 101 6.74 -9.44 -5.54
C LEU A 101 6.64 -10.95 -5.30
N ASP A 102 5.45 -11.51 -5.53
CA ASP A 102 5.17 -12.93 -5.30
C ASP A 102 5.74 -13.84 -6.39
N ALA A 103 6.33 -14.93 -5.97
CA ALA A 103 7.01 -15.87 -6.85
C ALA A 103 6.09 -16.97 -7.40
N SER A 104 4.79 -16.76 -7.42
CA SER A 104 3.90 -17.74 -8.01
C SER A 104 3.77 -17.51 -9.52
N THR A 105 4.42 -16.47 -10.02
CA THR A 105 4.44 -16.17 -11.42
C THR A 105 5.34 -17.18 -12.17
N THR A 106 4.96 -17.51 -13.39
CA THR A 106 5.72 -18.42 -14.22
C THR A 106 6.48 -17.57 -15.27
N SER A 107 6.20 -16.25 -15.24
CA SER A 107 6.74 -15.27 -16.19
C SER A 107 6.66 -15.75 -17.66
N GLY A 1 5.50 4.87 -13.51
CA GLY A 1 4.93 4.51 -12.22
C GLY A 1 6.00 4.30 -11.18
N ALA A 2 7.23 4.21 -11.66
CA ALA A 2 8.43 3.91 -10.84
C ALA A 2 8.60 4.80 -9.63
N ARG A 3 8.22 6.03 -9.79
CA ARG A 3 8.40 7.06 -8.80
C ARG A 3 7.64 6.73 -7.51
N GLN A 4 6.35 6.56 -7.65
CA GLN A 4 5.51 6.17 -6.55
C GLN A 4 5.96 4.85 -5.95
N LEU A 5 6.26 3.88 -6.80
CA LEU A 5 6.70 2.56 -6.37
C LEU A 5 7.96 2.68 -5.47
N SER A 6 8.94 3.44 -5.91
CA SER A 6 10.16 3.63 -5.16
C SER A 6 9.90 4.27 -3.78
N LYS A 7 8.83 5.04 -3.66
CA LYS A 7 8.60 5.73 -2.39
C LYS A 7 7.72 4.83 -1.51
N LEU A 8 6.89 4.04 -2.15
CA LEU A 8 5.94 3.16 -1.50
C LEU A 8 6.65 1.99 -0.89
N LYS A 9 7.70 1.54 -1.53
CA LYS A 9 8.40 0.39 -1.04
C LYS A 9 9.19 0.81 0.17
N ARG A 10 9.90 1.95 0.03
CA ARG A 10 10.61 2.60 1.16
C ARG A 10 9.67 2.70 2.41
N PHE A 11 8.38 2.91 2.11
CA PHE A 11 7.35 3.13 3.10
C PHE A 11 7.01 1.84 3.84
N LEU A 12 6.88 0.72 3.10
CA LEU A 12 6.58 -0.56 3.73
C LEU A 12 7.75 -1.01 4.59
N THR A 13 8.96 -0.72 4.13
CA THR A 13 10.17 -1.05 4.89
C THR A 13 10.24 -0.20 6.18
N THR A 14 9.54 0.92 6.19
CA THR A 14 9.55 1.80 7.31
C THR A 14 8.58 1.31 8.38
N LEU A 15 7.32 1.16 8.03
CA LEU A 15 6.29 0.67 8.96
C LEU A 15 6.67 -0.63 9.67
N GLN A 16 7.38 -1.51 8.94
CA GLN A 16 7.79 -2.80 9.45
C GLN A 16 8.95 -2.63 10.44
N GLN A 17 9.89 -1.74 10.12
CA GLN A 17 10.99 -1.45 11.03
C GLN A 17 10.52 -0.61 12.20
N TYR A 18 9.45 0.17 12.02
CA TYR A 18 8.89 0.96 13.12
C TYR A 18 8.20 0.08 14.16
N GLY A 19 7.37 -0.86 13.73
CA GLY A 19 6.75 -1.72 14.67
C GLY A 19 7.80 -2.58 15.35
N ASN A 20 8.65 -3.18 14.57
CA ASN A 20 9.75 -3.99 15.09
C ASN A 20 10.69 -3.20 16.06
N ASP A 21 10.70 -1.86 15.90
CA ASP A 21 11.57 -0.94 16.69
C ASP A 21 11.10 -0.90 18.12
N ILE A 22 9.83 -1.16 18.31
CA ILE A 22 9.25 -1.15 19.64
C ILE A 22 9.59 -2.47 20.33
N SER A 23 8.95 -3.57 19.89
CA SER A 23 9.24 -4.90 20.46
C SER A 23 8.29 -6.01 19.99
N PRO A 24 6.96 -5.89 20.28
CA PRO A 24 6.01 -6.99 20.06
C PRO A 24 5.67 -7.26 18.59
N GLU A 25 4.56 -7.97 18.39
CA GLU A 25 3.99 -8.35 17.06
C GLU A 25 3.46 -7.13 16.30
N ILE A 26 3.80 -5.96 16.79
CA ILE A 26 3.25 -4.78 16.34
C ILE A 26 3.77 -4.40 14.96
N GLY A 27 4.98 -4.84 14.59
CA GLY A 27 5.45 -4.53 13.25
C GLY A 27 4.81 -5.40 12.17
N GLU A 28 4.62 -6.65 12.47
CA GLU A 28 4.02 -7.55 11.48
C GLU A 28 2.51 -7.29 11.40
N ARG A 29 1.90 -6.95 12.56
CA ARG A 29 0.49 -6.56 12.65
C ARG A 29 0.23 -5.36 11.72
N VAL A 30 1.08 -4.35 11.84
CA VAL A 30 1.05 -3.14 11.00
C VAL A 30 1.24 -3.47 9.51
N ARG A 31 2.11 -4.44 9.24
CA ARG A 31 2.39 -4.83 7.85
C ARG A 31 1.17 -5.54 7.25
N THR A 32 0.46 -6.25 8.08
CA THR A 32 -0.73 -6.98 7.68
C THR A 32 -1.82 -6.00 7.17
N LEU A 33 -1.98 -4.89 7.86
CA LEU A 33 -2.97 -3.89 7.48
C LEU A 33 -2.59 -3.15 6.22
N VAL A 34 -1.29 -2.92 6.02
CA VAL A 34 -0.83 -2.26 4.80
C VAL A 34 -1.03 -3.15 3.59
N LEU A 35 -0.85 -4.43 3.81
CA LEU A 35 -1.06 -5.40 2.75
C LEU A 35 -2.54 -5.43 2.36
N GLY A 36 -3.41 -5.25 3.35
CA GLY A 36 -4.83 -5.08 3.11
C GLY A 36 -5.13 -3.89 2.18
N LEU A 37 -4.40 -2.81 2.41
CA LEU A 37 -4.57 -1.60 1.62
C LEU A 37 -4.09 -1.83 0.20
N VAL A 38 -2.95 -2.47 0.08
CA VAL A 38 -2.33 -2.81 -1.20
C VAL A 38 -3.22 -3.72 -2.07
N ASN A 39 -3.72 -4.79 -1.49
CA ASN A 39 -4.56 -5.74 -2.24
C ASN A 39 -5.95 -5.22 -2.49
N SER A 40 -6.27 -4.05 -1.97
CA SER A 40 -7.63 -3.56 -1.91
C SER A 40 -8.52 -4.56 -1.18
N THR A 41 -8.35 -4.53 0.09
CA THR A 41 -9.02 -5.37 1.04
C THR A 41 -9.23 -4.56 2.35
N LEU A 42 -8.72 -3.35 2.35
CA LEU A 42 -8.86 -2.42 3.42
C LEU A 42 -9.09 -1.10 2.78
N THR A 43 -10.08 -0.43 3.24
CA THR A 43 -10.39 0.88 2.76
C THR A 43 -9.52 1.90 3.54
N ILE A 44 -9.43 3.13 3.05
CA ILE A 44 -8.52 4.17 3.57
C ILE A 44 -8.72 4.42 5.06
N GLU A 45 -9.90 4.86 5.42
CA GLU A 45 -10.18 5.24 6.80
C GLU A 45 -10.07 4.07 7.75
N GLU A 46 -10.38 2.90 7.30
CA GLU A 46 -10.32 1.72 8.10
C GLU A 46 -8.88 1.29 8.30
N PHE A 47 -8.11 1.38 7.25
CA PHE A 47 -6.67 1.14 7.32
C PHE A 47 -5.99 2.10 8.29
N HIS A 48 -6.28 3.38 8.17
CA HIS A 48 -5.62 4.38 9.01
C HIS A 48 -6.06 4.30 10.46
N SER A 49 -7.34 4.07 10.69
CA SER A 49 -7.85 3.99 12.06
C SER A 49 -7.36 2.72 12.79
N LYS A 50 -7.35 1.59 12.11
CA LYS A 50 -6.93 0.34 12.75
C LYS A 50 -5.45 0.28 12.96
N LEU A 51 -4.68 0.58 11.91
CA LEU A 51 -3.23 0.69 12.00
C LEU A 51 -2.79 1.49 13.24
N GLN A 52 -3.41 2.65 13.42
CA GLN A 52 -3.09 3.55 14.53
C GLN A 52 -3.70 3.09 15.84
N GLU A 53 -4.82 2.38 15.75
CA GLU A 53 -5.38 1.70 16.91
C GLU A 53 -4.34 0.72 17.49
N ALA A 54 -3.59 0.09 16.59
CA ALA A 54 -2.59 -0.89 16.96
C ALA A 54 -1.34 -0.23 17.53
N THR A 55 -0.88 0.80 16.89
CA THR A 55 0.33 1.47 17.30
C THR A 55 0.08 2.50 18.38
N ASN A 56 -1.20 2.79 18.64
CA ASN A 56 -1.78 3.95 19.45
C ASN A 56 -0.94 5.27 19.47
N PHE A 57 -0.02 5.34 18.55
CA PHE A 57 0.85 6.43 18.36
C PHE A 57 0.23 7.45 17.43
N PRO A 58 0.24 8.73 17.81
CA PRO A 58 -0.09 9.80 16.88
C PRO A 58 1.01 9.79 15.80
N LEU A 59 0.66 9.88 14.55
CA LEU A 59 1.59 9.50 13.47
C LEU A 59 1.76 10.71 12.58
N ARG A 60 2.74 10.73 11.68
CA ARG A 60 2.79 11.85 10.73
C ARG A 60 1.69 11.62 9.71
N PRO A 61 0.78 12.58 9.57
CA PRO A 61 -0.43 12.41 8.74
C PRO A 61 -0.20 12.42 7.21
N PHE A 62 1.04 12.24 6.78
CA PHE A 62 1.37 12.34 5.36
C PHE A 62 0.90 11.10 4.60
N VAL A 63 0.52 10.06 5.31
CA VAL A 63 0.11 8.81 4.65
C VAL A 63 -1.15 9.01 3.82
N ILE A 64 -2.14 9.73 4.35
CA ILE A 64 -3.39 9.96 3.59
C ILE A 64 -3.12 10.72 2.28
N PRO A 65 -2.48 11.93 2.35
CA PRO A 65 -2.10 12.66 1.14
C PRO A 65 -1.12 11.90 0.26
N PHE A 66 -0.39 10.98 0.86
CA PHE A 66 0.48 10.07 0.11
C PHE A 66 -0.35 9.26 -0.89
N LEU A 67 -1.23 8.38 -0.39
CA LEU A 67 -2.13 7.63 -1.30
C LEU A 67 -3.03 8.54 -2.10
N LYS A 68 -3.40 9.69 -1.53
CA LYS A 68 -4.21 10.64 -2.25
C LYS A 68 -3.48 11.23 -3.46
N ALA A 69 -2.18 11.51 -3.32
CA ALA A 69 -1.34 11.98 -4.42
C ALA A 69 -0.91 10.85 -5.31
N ASN A 70 -1.07 9.65 -4.85
CA ASN A 70 -0.60 8.47 -5.57
C ASN A 70 -1.64 8.04 -6.53
N LEU A 71 -2.89 8.25 -6.19
CA LEU A 71 -3.97 7.95 -7.09
C LEU A 71 -3.85 8.74 -8.42
N PRO A 72 -4.05 10.12 -8.46
CA PRO A 72 -4.03 10.86 -9.73
C PRO A 72 -2.63 10.92 -10.37
N LEU A 73 -1.63 10.54 -9.61
CA LEU A 73 -0.26 10.49 -10.10
C LEU A 73 -0.15 9.33 -11.09
N LEU A 74 -0.47 8.13 -10.61
CA LEU A 74 -0.37 6.93 -11.39
C LEU A 74 -1.56 6.68 -12.29
N GLN A 75 -2.63 7.45 -12.11
CA GLN A 75 -3.87 7.25 -12.88
C GLN A 75 -3.67 7.13 -14.35
N ARG A 76 -3.12 8.11 -14.96
CA ARG A 76 -3.09 8.12 -16.40
C ARG A 76 -2.19 7.03 -17.00
N GLU A 77 -1.16 6.65 -16.28
CA GLU A 77 -0.30 5.56 -16.72
C GLU A 77 -1.04 4.19 -16.56
N LEU A 78 -1.46 3.91 -15.35
CA LEU A 78 -2.03 2.61 -15.02
C LEU A 78 -3.47 2.47 -15.53
N LEU A 79 -4.22 3.54 -15.48
CA LEU A 79 -5.58 3.55 -15.96
C LEU A 79 -5.65 3.34 -17.45
N HIS A 80 -4.66 3.81 -18.22
CA HIS A 80 -4.72 3.57 -19.67
C HIS A 80 -4.56 2.07 -19.94
N CYS A 81 -3.64 1.47 -19.21
CA CYS A 81 -3.47 0.04 -19.28
C CYS A 81 -4.83 -0.63 -18.88
N ALA A 82 -5.35 -0.30 -17.68
CA ALA A 82 -6.71 -0.70 -17.21
C ALA A 82 -7.79 -0.54 -18.31
N ARG A 83 -7.98 0.71 -18.79
CA ARG A 83 -8.93 1.06 -19.90
C ARG A 83 -8.84 0.07 -21.06
N LEU A 84 -7.62 -0.25 -21.48
CA LEU A 84 -7.37 -1.21 -22.52
C LEU A 84 -7.82 -2.62 -22.10
N ALA A 85 -7.42 -2.99 -20.88
CA ALA A 85 -7.73 -4.29 -20.27
C ALA A 85 -9.24 -4.50 -20.04
N LYS A 86 -9.99 -3.39 -20.10
CA LYS A 86 -11.45 -3.38 -19.97
C LYS A 86 -11.86 -3.76 -18.51
N GLN A 87 -11.14 -3.17 -17.56
CA GLN A 87 -11.38 -3.42 -16.16
C GLN A 87 -11.03 -2.16 -15.37
N ASN A 88 -11.49 -2.08 -14.15
CA ASN A 88 -11.23 -0.90 -13.32
C ASN A 88 -9.81 -0.94 -12.83
N PRO A 89 -9.18 0.24 -12.62
CA PRO A 89 -7.77 0.32 -12.21
C PRO A 89 -7.53 -0.38 -10.89
N ALA A 90 -8.54 -0.35 -10.02
CA ALA A 90 -8.54 -1.02 -8.74
C ALA A 90 -8.21 -2.50 -8.90
N GLN A 91 -8.96 -3.19 -9.75
CA GLN A 91 -8.75 -4.61 -9.96
C GLN A 91 -7.49 -4.84 -10.76
N TYR A 92 -7.08 -3.86 -11.52
CA TYR A 92 -5.86 -4.00 -12.27
C TYR A 92 -4.64 -3.92 -11.32
N LEU A 93 -4.56 -2.84 -10.54
CA LEU A 93 -3.43 -2.62 -9.64
C LEU A 93 -3.28 -3.75 -8.64
N ALA A 94 -4.40 -4.28 -8.18
CA ALA A 94 -4.43 -5.38 -7.23
C ALA A 94 -3.71 -6.62 -7.82
N GLN A 95 -4.16 -7.02 -9.00
CA GLN A 95 -3.63 -8.21 -9.66
C GLN A 95 -2.23 -7.96 -10.23
N HIS A 96 -1.83 -6.70 -10.35
CA HIS A 96 -0.57 -6.37 -10.99
C HIS A 96 0.53 -6.21 -9.96
N GLU A 97 0.30 -5.34 -9.00
CA GLU A 97 1.29 -5.09 -7.96
C GLU A 97 1.54 -6.33 -7.09
N GLN A 98 0.62 -7.26 -7.12
CA GLN A 98 0.89 -8.51 -6.44
C GLN A 98 1.52 -9.57 -7.33
N LEU A 99 1.19 -9.56 -8.60
CA LEU A 99 1.78 -10.49 -9.56
C LEU A 99 3.23 -10.12 -9.90
N LEU A 100 3.58 -8.84 -9.85
CA LEU A 100 4.91 -8.42 -10.26
C LEU A 100 5.95 -8.66 -9.14
N LEU A 101 5.45 -9.03 -7.97
CA LEU A 101 6.28 -9.33 -6.80
C LEU A 101 6.64 -10.82 -6.72
N ASP A 102 5.70 -11.69 -7.09
CA ASP A 102 5.88 -13.12 -6.80
C ASP A 102 6.54 -13.83 -7.96
N ALA A 103 7.57 -14.59 -7.65
CA ALA A 103 8.40 -15.25 -8.67
C ALA A 103 7.68 -16.26 -9.55
N SER A 104 6.60 -16.88 -9.04
CA SER A 104 5.70 -17.76 -9.87
C SER A 104 5.44 -17.30 -11.32
N THR A 105 5.62 -16.07 -11.62
CA THR A 105 5.56 -15.62 -12.96
C THR A 105 7.03 -15.65 -13.52
N THR A 106 7.30 -16.58 -14.40
CA THR A 106 8.66 -16.80 -14.89
C THR A 106 9.08 -15.74 -15.95
N SER A 107 8.18 -15.37 -16.81
CA SER A 107 8.50 -14.41 -17.87
C SER A 107 8.70 -12.98 -17.30
N GLY A 1 6.18 4.58 -14.29
CA GLY A 1 5.32 4.16 -13.19
C GLY A 1 6.16 3.74 -12.00
N ALA A 2 7.45 3.67 -12.24
CA ALA A 2 8.43 3.21 -11.26
C ALA A 2 8.54 4.10 -10.04
N ARG A 3 8.11 5.34 -10.20
CA ARG A 3 8.27 6.38 -9.20
C ARG A 3 7.56 6.05 -7.88
N GLN A 4 6.23 6.02 -7.91
CA GLN A 4 5.44 5.78 -6.70
C GLN A 4 5.75 4.42 -6.09
N LEU A 5 6.04 3.46 -6.93
CA LEU A 5 6.34 2.10 -6.48
C LEU A 5 7.63 2.13 -5.64
N SER A 6 8.61 2.86 -6.13
CA SER A 6 9.85 3.08 -5.42
C SER A 6 9.61 3.89 -4.11
N LYS A 7 8.51 4.62 -4.07
CA LYS A 7 8.18 5.48 -2.96
C LYS A 7 7.46 4.68 -1.88
N LEU A 8 6.56 3.85 -2.34
CA LEU A 8 5.74 3.04 -1.52
C LEU A 8 6.57 1.93 -0.90
N LYS A 9 7.63 1.54 -1.57
CA LYS A 9 8.44 0.48 -1.05
C LYS A 9 9.25 1.01 0.14
N ARG A 10 9.91 2.19 -0.02
CA ARG A 10 10.58 2.87 1.13
C ARG A 10 9.68 2.95 2.39
N PHE A 11 8.40 3.13 2.12
CA PHE A 11 7.41 3.42 3.14
C PHE A 11 7.17 2.17 4.00
N LEU A 12 7.16 1.01 3.37
CA LEU A 12 7.01 -0.25 4.09
C LEU A 12 8.22 -0.55 4.97
N THR A 13 9.41 -0.09 4.52
CA THR A 13 10.66 -0.29 5.27
C THR A 13 10.59 0.46 6.62
N THR A 14 9.84 1.51 6.63
CA THR A 14 9.74 2.32 7.82
C THR A 14 8.73 1.68 8.80
N LEU A 15 7.54 1.37 8.29
CA LEU A 15 6.47 0.71 9.08
C LEU A 15 6.93 -0.57 9.82
N GLN A 16 7.83 -1.31 9.21
CA GLN A 16 8.34 -2.56 9.75
C GLN A 16 9.29 -2.33 10.91
N GLN A 17 10.30 -1.52 10.69
CA GLN A 17 11.30 -1.30 11.73
C GLN A 17 10.78 -0.34 12.81
N TYR A 18 9.73 0.40 12.51
CA TYR A 18 9.10 1.17 13.57
C TYR A 18 8.33 0.24 14.54
N GLY A 19 7.49 -0.63 14.00
CA GLY A 19 6.77 -1.51 14.83
C GLY A 19 7.68 -2.48 15.53
N ASN A 20 8.66 -3.00 14.82
CA ASN A 20 9.54 -4.00 15.37
C ASN A 20 10.28 -3.52 16.68
N ASP A 21 10.75 -2.24 16.67
CA ASP A 21 11.47 -1.63 17.84
C ASP A 21 10.56 -1.46 19.07
N ILE A 22 9.28 -1.71 18.92
CA ILE A 22 8.44 -1.73 20.09
C ILE A 22 8.67 -3.09 20.77
N SER A 23 8.16 -4.17 20.14
CA SER A 23 8.40 -5.59 20.57
C SER A 23 7.59 -6.64 19.80
N PRO A 24 6.23 -6.70 20.01
CA PRO A 24 5.41 -7.81 19.51
C PRO A 24 5.19 -7.83 18.00
N GLU A 25 4.15 -8.55 17.61
CA GLU A 25 3.71 -8.78 16.22
C GLU A 25 3.14 -7.49 15.58
N ILE A 26 3.44 -6.37 16.18
CA ILE A 26 2.89 -5.13 15.85
C ILE A 26 3.46 -4.60 14.52
N GLY A 27 4.73 -4.92 14.20
CA GLY A 27 5.25 -4.45 12.93
C GLY A 27 4.68 -5.26 11.76
N GLU A 28 4.47 -6.53 12.02
CA GLU A 28 3.94 -7.44 10.99
C GLU A 28 2.45 -7.13 10.78
N ARG A 29 1.78 -6.86 11.90
CA ARG A 29 0.37 -6.51 11.90
C ARG A 29 0.15 -5.24 11.09
N VAL A 30 0.98 -4.22 11.34
CA VAL A 30 0.96 -2.97 10.60
C VAL A 30 1.23 -3.25 9.11
N ARG A 31 2.08 -4.22 8.85
CA ARG A 31 2.39 -4.59 7.47
C ARG A 31 1.18 -5.30 6.83
N THR A 32 0.45 -6.07 7.59
CA THR A 32 -0.71 -6.78 7.05
C THR A 32 -1.79 -5.77 6.58
N LEU A 33 -1.90 -4.65 7.30
CA LEU A 33 -2.83 -3.61 6.93
C LEU A 33 -2.39 -2.86 5.67
N VAL A 34 -1.07 -2.63 5.53
CA VAL A 34 -0.55 -1.92 4.34
C VAL A 34 -0.73 -2.77 3.08
N LEU A 35 -0.60 -4.06 3.26
CA LEU A 35 -0.82 -5.01 2.18
C LEU A 35 -2.27 -4.98 1.74
N GLY A 36 -3.17 -4.94 2.72
CA GLY A 36 -4.59 -4.80 2.47
C GLY A 36 -4.88 -3.52 1.68
N LEU A 37 -4.14 -2.49 2.00
CA LEU A 37 -4.30 -1.20 1.38
C LEU A 37 -3.86 -1.25 -0.08
N VAL A 38 -2.64 -1.69 -0.32
CA VAL A 38 -2.10 -1.74 -1.68
C VAL A 38 -2.84 -2.72 -2.58
N ASN A 39 -3.30 -3.83 -2.03
CA ASN A 39 -4.07 -4.79 -2.82
C ASN A 39 -5.53 -4.39 -3.01
N SER A 40 -5.89 -3.26 -2.42
CA SER A 40 -7.27 -2.80 -2.39
C SER A 40 -8.19 -3.84 -1.79
N THR A 41 -8.05 -3.95 -0.51
CA THR A 41 -8.79 -4.90 0.31
C THR A 41 -9.04 -4.26 1.72
N LEU A 42 -8.47 -3.07 1.92
CA LEU A 42 -8.67 -2.26 3.07
C LEU A 42 -8.83 -0.86 2.56
N THR A 43 -9.80 -0.18 3.05
CA THR A 43 -10.08 1.16 2.65
C THR A 43 -9.16 2.10 3.46
N ILE A 44 -9.06 3.35 3.03
CA ILE A 44 -8.18 4.35 3.64
C ILE A 44 -8.47 4.52 5.13
N GLU A 45 -9.71 4.83 5.44
CA GLU A 45 -10.14 5.02 6.83
C GLU A 45 -10.01 3.74 7.63
N GLU A 46 -10.08 2.61 6.96
CA GLU A 46 -9.92 1.31 7.60
C GLU A 46 -8.46 1.07 7.93
N PHE A 47 -7.61 1.23 6.94
CA PHE A 47 -6.17 1.07 7.09
C PHE A 47 -5.58 2.02 8.12
N HIS A 48 -5.95 3.28 8.06
CA HIS A 48 -5.38 4.27 8.95
C HIS A 48 -5.85 4.10 10.37
N SER A 49 -7.12 3.82 10.55
CA SER A 49 -7.65 3.67 11.89
C SER A 49 -7.09 2.44 12.58
N LYS A 50 -6.91 1.37 11.84
CA LYS A 50 -6.42 0.12 12.44
C LYS A 50 -4.95 0.20 12.77
N LEU A 51 -4.13 0.56 11.79
CA LEU A 51 -2.71 0.80 12.03
C LEU A 51 -2.45 1.65 13.30
N GLN A 52 -3.19 2.74 13.45
CA GLN A 52 -3.02 3.64 14.59
C GLN A 52 -3.63 3.04 15.83
N GLU A 53 -4.76 2.37 15.68
CA GLU A 53 -5.43 1.64 16.77
C GLU A 53 -4.45 0.63 17.41
N ALA A 54 -3.57 0.07 16.59
CA ALA A 54 -2.55 -0.87 17.01
C ALA A 54 -1.37 -0.19 17.73
N THR A 55 -0.93 0.92 17.22
CA THR A 55 0.30 1.58 17.69
C THR A 55 0.07 2.68 18.75
N ASN A 56 -1.20 2.99 19.00
CA ASN A 56 -1.74 4.15 19.84
C ASN A 56 -0.87 5.46 19.83
N PHE A 57 0.04 5.54 18.93
CA PHE A 57 1.02 6.61 18.88
C PHE A 57 0.45 7.85 18.17
N PRO A 58 0.76 9.07 18.67
CA PRO A 58 0.50 10.31 17.92
C PRO A 58 1.37 10.22 16.68
N LEU A 59 0.81 10.33 15.53
CA LEU A 59 1.51 9.88 14.37
C LEU A 59 1.43 10.88 13.24
N ARG A 60 2.39 10.81 12.34
CA ARG A 60 2.41 11.60 11.13
C ARG A 60 1.21 11.28 10.25
N PRO A 61 0.32 12.26 10.06
CA PRO A 61 -0.90 12.06 9.29
C PRO A 61 -0.69 12.27 7.79
N PHE A 62 0.56 12.34 7.36
CA PHE A 62 0.85 12.64 5.97
C PHE A 62 0.68 11.41 5.08
N VAL A 63 0.35 10.27 5.69
CA VAL A 63 0.09 9.07 4.91
C VAL A 63 -1.16 9.29 4.06
N ILE A 64 -2.11 10.09 4.57
CA ILE A 64 -3.35 10.39 3.83
C ILE A 64 -3.00 11.07 2.48
N PRO A 65 -2.29 12.26 2.47
CA PRO A 65 -1.88 12.87 1.22
C PRO A 65 -0.88 12.05 0.42
N PHE A 66 -0.16 11.13 1.07
CA PHE A 66 0.74 10.23 0.38
C PHE A 66 -0.03 9.45 -0.69
N LEU A 67 -0.91 8.56 -0.25
CA LEU A 67 -1.78 7.80 -1.17
C LEU A 67 -2.73 8.70 -1.95
N LYS A 68 -3.09 9.85 -1.40
CA LYS A 68 -3.96 10.78 -2.13
C LYS A 68 -3.27 11.34 -3.36
N ALA A 69 -1.98 11.61 -3.28
CA ALA A 69 -1.21 12.05 -4.44
C ALA A 69 -0.80 10.88 -5.31
N ASN A 70 -0.90 9.70 -4.76
CA ASN A 70 -0.40 8.52 -5.40
C ASN A 70 -1.44 7.98 -6.33
N LEU A 71 -2.69 8.27 -6.05
CA LEU A 71 -3.77 7.90 -6.93
C LEU A 71 -3.72 8.66 -8.29
N PRO A 72 -3.90 10.04 -8.34
CA PRO A 72 -3.88 10.79 -9.61
C PRO A 72 -2.53 10.71 -10.30
N LEU A 73 -1.52 10.29 -9.56
CA LEU A 73 -0.21 10.10 -10.09
C LEU A 73 -0.28 8.87 -10.98
N LEU A 74 -0.66 7.75 -10.36
CA LEU A 74 -0.81 6.42 -10.98
C LEU A 74 -1.93 6.34 -12.04
N GLN A 75 -2.94 7.19 -11.91
CA GLN A 75 -4.18 7.12 -12.73
C GLN A 75 -3.98 6.98 -14.23
N ARG A 76 -3.27 7.85 -14.89
CA ARG A 76 -3.29 7.87 -16.37
C ARG A 76 -2.70 6.62 -17.00
N GLU A 77 -1.54 6.20 -16.54
CA GLU A 77 -0.90 5.05 -17.16
C GLU A 77 -1.59 3.74 -16.80
N LEU A 78 -2.02 3.61 -15.55
CA LEU A 78 -2.62 2.37 -15.11
C LEU A 78 -4.08 2.25 -15.57
N LEU A 79 -4.77 3.38 -15.62
CA LEU A 79 -6.17 3.41 -16.11
C LEU A 79 -6.23 3.03 -17.58
N HIS A 80 -5.15 3.32 -18.30
CA HIS A 80 -5.02 2.93 -19.69
C HIS A 80 -4.93 1.42 -19.78
N CYS A 81 -4.08 0.87 -18.94
CA CYS A 81 -3.90 -0.57 -18.84
C CYS A 81 -5.24 -1.25 -18.53
N ALA A 82 -5.80 -0.90 -17.35
CA ALA A 82 -7.15 -1.31 -16.92
C ALA A 82 -8.18 -1.28 -18.08
N ARG A 83 -8.30 -0.10 -18.69
CA ARG A 83 -9.16 0.11 -19.86
C ARG A 83 -9.07 -0.94 -20.95
N LEU A 84 -7.85 -1.29 -21.37
CA LEU A 84 -7.66 -2.29 -22.41
C LEU A 84 -8.19 -3.65 -21.93
N ALA A 85 -7.79 -4.00 -20.70
CA ALA A 85 -8.18 -5.27 -20.07
C ALA A 85 -9.70 -5.35 -19.79
N LYS A 86 -10.36 -4.20 -19.93
CA LYS A 86 -11.80 -4.04 -19.74
C LYS A 86 -12.15 -4.33 -18.26
N GLN A 87 -11.46 -3.64 -17.39
CA GLN A 87 -11.65 -3.78 -15.96
C GLN A 87 -11.39 -2.44 -15.30
N ASN A 88 -11.88 -2.24 -14.09
CA ASN A 88 -11.67 -1.00 -13.38
C ASN A 88 -10.25 -0.90 -12.87
N PRO A 89 -9.69 0.34 -12.75
CA PRO A 89 -8.29 0.55 -12.35
C PRO A 89 -7.93 -0.15 -11.05
N ALA A 90 -8.86 -0.10 -10.09
CA ALA A 90 -8.71 -0.77 -8.79
C ALA A 90 -8.39 -2.25 -8.95
N GLN A 91 -9.13 -2.92 -9.81
CA GLN A 91 -8.93 -4.36 -10.03
C GLN A 91 -7.65 -4.62 -10.79
N TYR A 92 -7.23 -3.66 -11.56
CA TYR A 92 -5.99 -3.82 -12.27
C TYR A 92 -4.81 -3.69 -11.28
N LEU A 93 -4.77 -2.59 -10.55
CA LEU A 93 -3.67 -2.33 -9.61
C LEU A 93 -3.57 -3.41 -8.54
N ALA A 94 -4.71 -3.88 -8.09
CA ALA A 94 -4.79 -4.93 -7.09
C ALA A 94 -4.05 -6.17 -7.54
N GLN A 95 -4.45 -6.65 -8.71
CA GLN A 95 -3.97 -7.90 -9.25
C GLN A 95 -2.59 -7.77 -9.87
N HIS A 96 -2.18 -6.56 -10.08
CA HIS A 96 -0.92 -6.35 -10.73
C HIS A 96 0.16 -6.14 -9.70
N GLU A 97 -0.06 -5.23 -8.76
CA GLU A 97 0.90 -5.01 -7.69
C GLU A 97 1.03 -6.22 -6.71
N GLN A 98 0.16 -7.21 -6.83
CA GLN A 98 0.38 -8.48 -6.11
C GLN A 98 1.16 -9.48 -7.00
N LEU A 99 0.92 -9.39 -8.31
CA LEU A 99 1.53 -10.30 -9.30
C LEU A 99 3.03 -10.00 -9.38
N LEU A 100 3.37 -8.76 -9.21
CA LEU A 100 4.76 -8.35 -9.19
C LEU A 100 5.39 -8.52 -7.78
N LEU A 101 4.56 -8.84 -6.79
CA LEU A 101 5.01 -8.94 -5.38
C LEU A 101 5.43 -10.37 -5.03
N ASP A 102 4.61 -11.32 -5.38
CA ASP A 102 4.93 -12.70 -5.08
C ASP A 102 5.25 -13.48 -6.33
N ALA A 103 6.23 -14.35 -6.24
CA ALA A 103 6.66 -15.15 -7.38
C ALA A 103 5.85 -16.44 -7.50
N SER A 104 4.65 -16.47 -6.93
CA SER A 104 3.78 -17.63 -6.97
C SER A 104 2.93 -17.62 -8.26
N THR A 105 3.32 -16.80 -9.20
CA THR A 105 2.66 -16.69 -10.48
C THR A 105 2.65 -18.06 -11.18
N THR A 106 1.49 -18.45 -11.65
CA THR A 106 1.29 -19.76 -12.23
C THR A 106 2.06 -19.92 -13.55
N SER A 107 2.00 -18.92 -14.37
CA SER A 107 2.69 -18.90 -15.64
C SER A 107 4.21 -18.81 -15.46
N GLY A 1 10.06 7.64 -12.86
CA GLY A 1 9.16 6.72 -12.19
C GLY A 1 9.70 6.24 -10.86
N ALA A 2 11.01 6.36 -10.70
CA ALA A 2 11.69 5.90 -9.48
C ALA A 2 11.32 6.70 -8.26
N ARG A 3 10.76 7.87 -8.49
CA ARG A 3 10.37 8.75 -7.40
C ARG A 3 9.25 8.10 -6.62
N GLN A 4 8.15 7.81 -7.33
CA GLN A 4 6.97 7.11 -6.78
C GLN A 4 7.43 5.81 -6.13
N LEU A 5 8.30 5.11 -6.84
CA LEU A 5 8.87 3.84 -6.40
C LEU A 5 9.54 4.01 -4.99
N SER A 6 10.42 4.99 -4.86
CA SER A 6 11.11 5.24 -3.59
C SER A 6 10.14 5.64 -2.46
N LYS A 7 9.00 6.20 -2.85
CA LYS A 7 8.00 6.68 -1.88
C LYS A 7 7.20 5.49 -1.38
N LEU A 8 6.86 4.61 -2.28
CA LEU A 8 6.11 3.43 -1.94
C LEU A 8 6.95 2.40 -1.21
N LYS A 9 8.22 2.23 -1.57
CA LYS A 9 8.99 1.21 -0.89
C LYS A 9 9.31 1.70 0.50
N ARG A 10 9.60 3.02 0.65
CA ARG A 10 9.72 3.68 1.93
C ARG A 10 8.59 3.31 2.86
N PHE A 11 7.39 3.33 2.32
CA PHE A 11 6.19 3.27 3.12
C PHE A 11 6.01 1.92 3.78
N LEU A 12 6.10 0.85 3.01
CA LEU A 12 5.97 -0.47 3.61
C LEU A 12 7.13 -0.74 4.58
N THR A 13 8.31 -0.25 4.20
CA THR A 13 9.50 -0.36 5.03
C THR A 13 9.40 0.52 6.33
N THR A 14 8.50 1.51 6.35
CA THR A 14 8.40 2.42 7.49
C THR A 14 7.59 1.77 8.59
N LEU A 15 6.34 1.45 8.29
CA LEU A 15 5.46 0.77 9.25
C LEU A 15 6.07 -0.48 9.83
N GLN A 16 6.84 -1.18 9.02
CA GLN A 16 7.42 -2.45 9.38
C GLN A 16 8.53 -2.23 10.37
N GLN A 17 9.44 -1.34 10.03
CA GLN A 17 10.57 -1.06 10.90
C GLN A 17 10.18 -0.20 12.06
N TYR A 18 9.10 0.55 11.95
CA TYR A 18 8.62 1.29 13.11
C TYR A 18 7.97 0.35 14.10
N GLY A 19 7.13 -0.57 13.61
CA GLY A 19 6.53 -1.51 14.48
C GLY A 19 7.60 -2.41 15.09
N ASN A 20 8.41 -3.00 14.26
CA ASN A 20 9.54 -3.83 14.69
C ASN A 20 10.56 -3.09 15.64
N ASP A 21 10.57 -1.75 15.56
CA ASP A 21 11.57 -0.91 16.33
C ASP A 21 11.25 -0.92 17.80
N ILE A 22 10.00 -1.18 18.09
CA ILE A 22 9.54 -1.17 19.45
C ILE A 22 9.93 -2.47 20.14
N SER A 23 9.26 -3.57 19.76
CA SER A 23 9.55 -4.97 20.27
C SER A 23 8.54 -6.03 19.82
N PRO A 24 7.24 -5.92 20.24
CA PRO A 24 6.27 -7.00 20.05
C PRO A 24 5.78 -7.19 18.61
N GLU A 25 4.67 -7.91 18.53
CA GLU A 25 3.96 -8.30 17.30
C GLU A 25 3.31 -7.08 16.61
N ILE A 26 3.74 -5.91 17.00
CA ILE A 26 3.17 -4.72 16.56
C ILE A 26 3.60 -4.44 15.10
N GLY A 27 4.81 -4.89 14.72
CA GLY A 27 5.20 -4.76 13.33
C GLY A 27 4.54 -5.77 12.41
N GLU A 28 4.23 -6.94 12.92
CA GLU A 28 3.52 -7.92 12.10
C GLU A 28 2.09 -7.46 11.87
N ARG A 29 1.52 -6.83 12.91
CA ARG A 29 0.18 -6.30 12.84
C ARG A 29 0.07 -5.22 11.74
N VAL A 30 0.95 -4.19 11.81
CA VAL A 30 0.96 -3.06 10.84
C VAL A 30 1.28 -3.56 9.40
N ARG A 31 1.84 -4.75 9.38
CA ARG A 31 2.23 -5.36 8.13
C ARG A 31 0.99 -5.85 7.39
N THR A 32 0.20 -6.64 8.06
CA THR A 32 -0.94 -7.27 7.47
C THR A 32 -2.05 -6.26 7.07
N LEU A 33 -2.07 -5.09 7.71
CA LEU A 33 -3.01 -4.07 7.33
C LEU A 33 -2.66 -3.44 6.00
N VAL A 34 -1.36 -3.21 5.75
CA VAL A 34 -0.92 -2.65 4.46
C VAL A 34 -1.10 -3.64 3.33
N LEU A 35 -0.90 -4.88 3.63
CA LEU A 35 -1.15 -5.90 2.64
C LEU A 35 -2.65 -5.95 2.33
N GLY A 36 -3.47 -5.86 3.36
CA GLY A 36 -4.91 -5.77 3.19
C GLY A 36 -5.31 -4.58 2.34
N LEU A 37 -4.56 -3.51 2.48
CA LEU A 37 -4.79 -2.28 1.74
C LEU A 37 -4.44 -2.47 0.29
N VAL A 38 -3.22 -2.94 0.02
CA VAL A 38 -2.79 -3.18 -1.35
C VAL A 38 -3.57 -4.31 -2.03
N ASN A 39 -4.14 -5.24 -1.23
CA ASN A 39 -4.98 -6.26 -1.83
C ASN A 39 -6.28 -5.65 -2.21
N SER A 40 -6.58 -4.58 -1.49
CA SER A 40 -7.77 -3.80 -1.63
C SER A 40 -8.85 -4.56 -0.98
N THR A 41 -8.80 -4.51 0.30
CA THR A 41 -9.67 -5.22 1.20
C THR A 41 -9.91 -4.28 2.38
N LEU A 42 -8.84 -3.66 2.82
CA LEU A 42 -9.04 -2.60 3.78
C LEU A 42 -9.23 -1.29 3.10
N THR A 43 -10.21 -0.58 3.61
CA THR A 43 -10.63 0.70 3.12
C THR A 43 -9.68 1.72 3.73
N ILE A 44 -9.53 2.85 3.08
CA ILE A 44 -8.56 3.88 3.47
C ILE A 44 -8.77 4.30 4.96
N GLU A 45 -9.98 4.68 5.27
CA GLU A 45 -10.37 5.12 6.62
C GLU A 45 -10.23 3.98 7.65
N GLU A 46 -10.59 2.78 7.26
CA GLU A 46 -10.56 1.59 8.14
C GLU A 46 -9.10 1.18 8.40
N PHE A 47 -8.32 1.09 7.35
CA PHE A 47 -6.91 0.75 7.41
C PHE A 47 -6.12 1.74 8.28
N HIS A 48 -6.38 3.02 8.10
CA HIS A 48 -5.62 4.02 8.79
C HIS A 48 -5.96 4.05 10.28
N SER A 49 -7.23 3.94 10.60
CA SER A 49 -7.67 3.98 11.98
C SER A 49 -7.25 2.72 12.73
N LYS A 50 -7.10 1.60 12.02
CA LYS A 50 -6.66 0.36 12.65
C LYS A 50 -5.18 0.41 12.96
N LEU A 51 -4.37 0.56 11.90
CA LEU A 51 -2.91 0.70 11.99
C LEU A 51 -2.49 1.66 13.12
N GLN A 52 -3.17 2.80 13.18
CA GLN A 52 -2.82 3.81 14.13
C GLN A 52 -3.33 3.46 15.54
N GLU A 53 -4.54 2.89 15.64
CA GLU A 53 -5.09 2.39 16.93
C GLU A 53 -4.13 1.36 17.58
N ALA A 54 -3.39 0.64 16.73
CA ALA A 54 -2.49 -0.42 17.17
C ALA A 54 -1.23 0.14 17.81
N THR A 55 -0.58 1.03 17.12
CA THR A 55 0.65 1.62 17.57
C THR A 55 0.41 2.85 18.47
N ASN A 56 -0.89 3.22 18.59
CA ASN A 56 -1.50 4.45 19.26
C ASN A 56 -0.65 5.74 19.30
N PHE A 57 0.40 5.76 18.55
CA PHE A 57 1.30 6.87 18.47
C PHE A 57 0.83 7.85 17.40
N PRO A 58 0.87 9.16 17.68
CA PRO A 58 0.68 10.16 16.66
C PRO A 58 1.82 10.00 15.65
N LEU A 59 1.49 9.78 14.42
CA LEU A 59 2.45 9.31 13.46
C LEU A 59 2.52 10.33 12.35
N ARG A 60 3.49 10.22 11.45
CA ARG A 60 3.54 11.09 10.28
C ARG A 60 2.26 10.94 9.48
N PRO A 61 1.54 12.04 9.28
CA PRO A 61 0.22 12.06 8.65
C PRO A 61 0.29 11.93 7.14
N PHE A 62 1.47 11.59 6.61
CA PHE A 62 1.66 11.51 5.19
C PHE A 62 1.05 10.25 4.59
N VAL A 63 0.60 9.30 5.41
CA VAL A 63 0.04 8.04 4.88
C VAL A 63 -1.18 8.29 4.00
N ILE A 64 -2.20 8.92 4.57
CA ILE A 64 -3.41 9.27 3.78
C ILE A 64 -3.05 10.02 2.46
N PRO A 65 -2.32 11.17 2.50
CA PRO A 65 -1.91 11.86 1.29
C PRO A 65 -0.92 11.05 0.40
N PHE A 66 -0.27 10.01 0.96
CA PHE A 66 0.60 9.12 0.19
C PHE A 66 -0.19 8.38 -0.86
N LEU A 67 -1.10 7.47 -0.44
CA LEU A 67 -1.98 6.79 -1.38
C LEU A 67 -2.81 7.77 -2.19
N LYS A 68 -3.10 8.92 -1.60
CA LYS A 68 -3.83 9.96 -2.29
C LYS A 68 -3.04 10.53 -3.44
N ALA A 69 -1.77 10.78 -3.23
CA ALA A 69 -0.87 11.26 -4.28
C ALA A 69 -0.40 10.16 -5.21
N ASN A 70 -0.70 8.92 -4.90
CA ASN A 70 -0.34 7.85 -5.80
C ASN A 70 -1.44 7.70 -6.79
N LEU A 71 -2.58 8.33 -6.47
CA LEU A 71 -3.67 8.45 -7.41
C LEU A 71 -3.27 9.38 -8.61
N PRO A 72 -3.08 10.75 -8.44
CA PRO A 72 -2.81 11.66 -9.57
C PRO A 72 -1.52 11.31 -10.33
N LEU A 73 -0.60 10.61 -9.66
CA LEU A 73 0.60 10.13 -10.31
C LEU A 73 0.26 8.94 -11.23
N LEU A 74 -0.08 7.80 -10.61
CA LEU A 74 -0.31 6.55 -11.33
C LEU A 74 -1.51 6.56 -12.28
N GLN A 75 -2.56 7.29 -11.94
CA GLN A 75 -3.84 7.16 -12.63
C GLN A 75 -3.82 7.34 -14.12
N ARG A 76 -3.11 8.32 -14.68
CA ARG A 76 -3.17 8.49 -16.13
C ARG A 76 -2.55 7.33 -16.89
N GLU A 77 -1.38 6.91 -16.47
CA GLU A 77 -0.71 5.81 -17.15
C GLU A 77 -1.40 4.47 -16.87
N LEU A 78 -1.94 4.33 -15.67
CA LEU A 78 -2.63 3.11 -15.29
C LEU A 78 -4.00 3.02 -15.94
N LEU A 79 -4.64 4.16 -16.10
CA LEU A 79 -5.98 4.23 -16.68
C LEU A 79 -5.98 3.74 -18.10
N HIS A 80 -4.98 4.15 -18.88
CA HIS A 80 -4.96 3.79 -20.31
C HIS A 80 -4.74 2.30 -20.43
N CYS A 81 -3.83 1.79 -19.61
CA CYS A 81 -3.58 0.36 -19.51
C CYS A 81 -4.90 -0.36 -19.17
N ALA A 82 -5.39 -0.15 -17.94
CA ALA A 82 -6.67 -0.68 -17.44
C ALA A 82 -7.79 -0.64 -18.48
N ARG A 83 -8.04 0.54 -19.02
CA ARG A 83 -9.05 0.75 -20.03
C ARG A 83 -9.04 -0.22 -21.19
N LEU A 84 -7.85 -0.55 -21.73
CA LEU A 84 -7.75 -1.45 -22.88
C LEU A 84 -8.30 -2.83 -22.54
N ALA A 85 -8.06 -3.25 -21.31
CA ALA A 85 -8.51 -4.55 -20.82
C ALA A 85 -10.04 -4.62 -20.75
N LYS A 86 -10.67 -3.45 -20.75
CA LYS A 86 -12.11 -3.27 -20.60
C LYS A 86 -12.56 -3.76 -19.22
N GLN A 87 -11.99 -3.16 -18.23
CA GLN A 87 -12.28 -3.46 -16.83
C GLN A 87 -12.10 -2.23 -15.98
N ASN A 88 -12.59 -2.24 -14.76
CA ASN A 88 -12.44 -1.09 -13.90
C ASN A 88 -11.02 -1.00 -13.39
N PRO A 89 -10.40 0.20 -13.39
CA PRO A 89 -9.01 0.40 -12.93
C PRO A 89 -8.75 -0.14 -11.54
N ALA A 90 -9.79 -0.14 -10.67
CA ALA A 90 -9.71 -0.70 -9.33
C ALA A 90 -9.22 -2.16 -9.35
N GLN A 91 -9.86 -2.97 -10.19
CA GLN A 91 -9.51 -4.38 -10.32
C GLN A 91 -8.17 -4.54 -11.02
N TYR A 92 -7.80 -3.56 -11.80
CA TYR A 92 -6.55 -3.60 -12.51
C TYR A 92 -5.42 -3.39 -11.53
N LEU A 93 -5.46 -2.27 -10.79
CA LEU A 93 -4.40 -1.92 -9.87
C LEU A 93 -4.17 -3.01 -8.83
N ALA A 94 -5.25 -3.65 -8.43
CA ALA A 94 -5.22 -4.72 -7.47
C ALA A 94 -4.40 -5.87 -8.03
N GLN A 95 -4.76 -6.34 -9.22
CA GLN A 95 -4.08 -7.48 -9.82
C GLN A 95 -2.69 -7.12 -10.38
N HIS A 96 -2.41 -5.84 -10.43
CA HIS A 96 -1.18 -5.36 -10.99
C HIS A 96 -0.13 -5.18 -9.90
N GLU A 97 -0.43 -4.36 -8.90
CA GLU A 97 0.50 -4.14 -7.80
C GLU A 97 0.74 -5.40 -6.94
N GLN A 98 -0.03 -6.44 -7.13
CA GLN A 98 0.26 -7.69 -6.44
C GLN A 98 1.14 -8.62 -7.29
N LEU A 99 0.77 -8.77 -8.55
CA LEU A 99 1.46 -9.71 -9.43
C LEU A 99 2.85 -9.23 -9.81
N LEU A 100 3.08 -7.95 -9.75
CA LEU A 100 4.39 -7.41 -10.10
C LEU A 100 5.37 -7.54 -8.91
N LEU A 101 4.80 -7.71 -7.72
CA LEU A 101 5.56 -7.80 -6.49
C LEU A 101 5.92 -9.25 -6.15
N ASP A 102 4.99 -10.14 -6.39
CA ASP A 102 5.18 -11.52 -5.99
C ASP A 102 5.54 -12.43 -7.15
N ALA A 103 6.35 -13.42 -6.84
CA ALA A 103 6.92 -14.36 -7.80
C ALA A 103 5.93 -15.41 -8.30
N SER A 104 4.66 -15.15 -8.16
CA SER A 104 3.60 -16.02 -8.66
C SER A 104 3.58 -16.15 -10.22
N THR A 105 4.44 -15.40 -10.87
CA THR A 105 4.58 -15.49 -12.29
C THR A 105 5.50 -16.68 -12.66
N THR A 106 5.21 -17.30 -13.79
CA THR A 106 5.99 -18.41 -14.29
C THR A 106 7.38 -17.92 -14.78
N SER A 107 7.48 -16.61 -15.03
CA SER A 107 8.74 -15.96 -15.48
C SER A 107 9.32 -16.63 -16.75
N GLY A 1 8.05 6.70 -12.85
CA GLY A 1 8.86 5.51 -12.89
C GLY A 1 9.62 5.33 -11.61
N ALA A 2 10.56 6.23 -11.37
CA ALA A 2 11.40 6.16 -10.20
C ALA A 2 10.77 6.82 -9.00
N ARG A 3 9.94 7.81 -9.26
CA ARG A 3 9.42 8.68 -8.20
C ARG A 3 8.42 7.96 -7.30
N GLN A 4 7.27 7.58 -7.84
CA GLN A 4 6.21 6.91 -7.04
C GLN A 4 6.68 5.55 -6.53
N LEU A 5 7.66 4.96 -7.20
CA LEU A 5 8.24 3.67 -6.78
C LEU A 5 8.91 3.88 -5.41
N SER A 6 9.80 4.87 -5.35
CA SER A 6 10.48 5.22 -4.10
C SER A 6 9.50 5.67 -3.01
N LYS A 7 8.33 6.04 -3.44
CA LYS A 7 7.27 6.47 -2.54
C LYS A 7 6.56 5.27 -1.96
N LEU A 8 6.24 4.34 -2.82
CA LEU A 8 5.47 3.18 -2.45
C LEU A 8 6.29 2.22 -1.63
N LYS A 9 7.51 1.89 -2.04
CA LYS A 9 8.20 0.88 -1.28
C LYS A 9 8.71 1.45 0.02
N ARG A 10 9.16 2.74 0.02
CA ARG A 10 9.49 3.46 1.26
C ARG A 10 8.42 3.23 2.31
N PHE A 11 7.18 3.29 1.85
CA PHE A 11 6.02 3.31 2.71
C PHE A 11 5.79 1.97 3.40
N LEU A 12 5.80 0.89 2.64
CA LEU A 12 5.57 -0.43 3.21
C LEU A 12 6.70 -0.80 4.17
N THR A 13 7.92 -0.50 3.76
CA THR A 13 9.07 -0.76 4.57
C THR A 13 9.11 0.15 5.85
N THR A 14 8.40 1.26 5.84
CA THR A 14 8.40 2.16 6.97
C THR A 14 7.45 1.66 8.03
N LEU A 15 6.22 1.36 7.62
CA LEU A 15 5.21 0.80 8.49
C LEU A 15 5.74 -0.41 9.28
N GLN A 16 6.52 -1.24 8.60
CA GLN A 16 7.07 -2.44 9.18
C GLN A 16 8.25 -2.14 10.12
N GLN A 17 9.14 -1.21 9.75
CA GLN A 17 10.29 -0.90 10.61
C GLN A 17 9.86 -0.09 11.81
N TYR A 18 8.75 0.61 11.72
CA TYR A 18 8.25 1.28 12.88
C TYR A 18 7.70 0.28 13.91
N GLY A 19 6.91 -0.68 13.48
CA GLY A 19 6.38 -1.62 14.40
C GLY A 19 7.48 -2.44 15.02
N ASN A 20 8.33 -2.99 14.18
CA ASN A 20 9.45 -3.79 14.64
C ASN A 20 10.37 -3.05 15.64
N ASP A 21 10.47 -1.72 15.49
CA ASP A 21 11.37 -0.92 16.35
C ASP A 21 10.83 -0.80 17.77
N ILE A 22 9.54 -1.08 17.91
CA ILE A 22 8.90 -1.09 19.20
C ILE A 22 9.33 -2.36 19.90
N SER A 23 8.91 -3.49 19.35
CA SER A 23 9.34 -4.88 19.76
C SER A 23 8.55 -6.02 19.12
N PRO A 24 7.22 -6.16 19.46
CA PRO A 24 6.43 -7.37 19.10
C PRO A 24 6.03 -7.48 17.62
N GLU A 25 5.06 -8.36 17.39
CA GLU A 25 4.52 -8.66 16.07
C GLU A 25 3.61 -7.51 15.59
N ILE A 26 3.76 -6.37 16.22
CA ILE A 26 3.02 -5.22 15.95
C ILE A 26 3.48 -4.68 14.59
N GLY A 27 4.72 -4.98 14.17
CA GLY A 27 5.15 -4.59 12.85
C GLY A 27 4.58 -5.52 11.80
N GLU A 28 4.34 -6.76 12.23
CA GLU A 28 3.76 -7.79 11.39
C GLU A 28 2.29 -7.43 11.15
N ARG A 29 1.65 -7.03 12.25
CA ARG A 29 0.26 -6.63 12.29
C ARG A 29 0.04 -5.45 11.36
N VAL A 30 0.92 -4.45 11.51
CA VAL A 30 0.91 -3.22 10.73
C VAL A 30 1.09 -3.48 9.23
N ARG A 31 2.05 -4.33 8.88
CA ARG A 31 2.30 -4.58 7.46
C ARG A 31 1.21 -5.41 6.83
N THR A 32 0.53 -6.16 7.63
CA THR A 32 -0.62 -6.90 7.17
C THR A 32 -1.72 -5.91 6.68
N LEU A 33 -1.89 -4.84 7.42
CA LEU A 33 -2.89 -3.85 7.09
C LEU A 33 -2.53 -3.02 5.86
N VAL A 34 -1.24 -2.73 5.64
CA VAL A 34 -0.88 -1.99 4.43
C VAL A 34 -1.08 -2.84 3.20
N LEU A 35 -0.83 -4.13 3.36
CA LEU A 35 -1.10 -5.05 2.29
C LEU A 35 -2.59 -5.11 2.00
N GLY A 36 -3.40 -5.08 3.06
CA GLY A 36 -4.86 -5.02 2.92
C GLY A 36 -5.30 -3.79 2.10
N LEU A 37 -4.60 -2.70 2.33
CA LEU A 37 -4.86 -1.46 1.62
C LEU A 37 -4.46 -1.61 0.16
N VAL A 38 -3.28 -2.17 -0.05
CA VAL A 38 -2.75 -2.41 -1.39
C VAL A 38 -3.63 -3.38 -2.16
N ASN A 39 -4.03 -4.44 -1.52
CA ASN A 39 -4.82 -5.47 -2.16
C ASN A 39 -6.27 -5.05 -2.33
N SER A 40 -6.60 -3.85 -1.82
CA SER A 40 -7.96 -3.35 -1.82
C SER A 40 -8.86 -4.34 -1.07
N THR A 41 -8.67 -4.37 0.22
CA THR A 41 -9.41 -5.24 1.10
C THR A 41 -9.66 -4.52 2.45
N LEU A 42 -9.16 -3.31 2.52
CA LEU A 42 -9.37 -2.42 3.62
C LEU A 42 -9.65 -1.06 3.04
N THR A 43 -10.53 -0.34 3.65
CA THR A 43 -10.80 0.98 3.22
C THR A 43 -9.75 1.87 3.89
N ILE A 44 -9.51 3.01 3.30
CA ILE A 44 -8.48 3.94 3.72
C ILE A 44 -8.65 4.34 5.20
N GLU A 45 -9.85 4.71 5.58
CA GLU A 45 -10.16 5.08 6.96
C GLU A 45 -9.98 3.90 7.96
N GLU A 46 -10.41 2.69 7.57
CA GLU A 46 -10.25 1.54 8.46
C GLU A 46 -8.78 1.10 8.51
N PHE A 47 -8.08 1.28 7.41
CA PHE A 47 -6.65 1.07 7.37
C PHE A 47 -5.93 1.99 8.35
N HIS A 48 -6.14 3.30 8.20
CA HIS A 48 -5.38 4.28 8.97
C HIS A 48 -5.77 4.26 10.46
N SER A 49 -7.06 4.22 10.73
CA SER A 49 -7.52 4.30 12.09
C SER A 49 -7.14 3.06 12.90
N LYS A 50 -7.19 1.88 12.27
CA LYS A 50 -6.81 0.66 12.98
C LYS A 50 -5.32 0.56 13.13
N LEU A 51 -4.61 0.74 12.04
CA LEU A 51 -3.14 0.77 12.04
C LEU A 51 -2.57 1.59 13.20
N GLN A 52 -3.07 2.79 13.35
CA GLN A 52 -2.61 3.70 14.38
C GLN A 52 -3.14 3.27 15.72
N GLU A 53 -4.36 2.75 15.73
CA GLU A 53 -4.99 2.19 16.94
C GLU A 53 -4.13 1.06 17.55
N ALA A 54 -3.39 0.36 16.69
CA ALA A 54 -2.57 -0.76 17.11
C ALA A 54 -1.34 -0.26 17.86
N THR A 55 -0.64 0.64 17.26
CA THR A 55 0.57 1.16 17.83
C THR A 55 0.36 2.40 18.73
N ASN A 56 -0.92 2.83 18.86
CA ASN A 56 -1.48 4.10 19.52
C ASN A 56 -0.55 5.36 19.53
N PHE A 57 0.46 5.32 18.75
CA PHE A 57 1.43 6.37 18.62
C PHE A 57 0.96 7.37 17.59
N PRO A 58 0.98 8.66 17.91
CA PRO A 58 0.73 9.71 16.93
C PRO A 58 1.76 9.56 15.81
N LEU A 59 1.35 9.61 14.58
CA LEU A 59 2.21 9.22 13.51
C LEU A 59 2.36 10.42 12.63
N ARG A 60 3.29 10.36 11.70
CA ARG A 60 3.40 11.39 10.72
C ARG A 60 2.19 11.20 9.78
N PRO A 61 1.24 12.14 9.77
CA PRO A 61 -0.06 11.99 9.11
C PRO A 61 -0.02 12.09 7.58
N PHE A 62 1.16 12.00 7.01
CA PHE A 62 1.30 12.14 5.57
C PHE A 62 0.89 10.85 4.86
N VAL A 63 0.53 9.80 5.63
CA VAL A 63 0.09 8.53 5.06
C VAL A 63 -1.19 8.71 4.26
N ILE A 64 -2.12 9.50 4.76
CA ILE A 64 -3.36 9.75 4.01
C ILE A 64 -3.07 10.42 2.65
N PRO A 65 -2.39 11.61 2.63
CA PRO A 65 -2.00 12.27 1.38
C PRO A 65 -1.00 11.47 0.55
N PHE A 66 -0.34 10.48 1.13
CA PHE A 66 0.51 9.59 0.36
C PHE A 66 -0.31 8.86 -0.69
N LEU A 67 -1.22 7.99 -0.25
CA LEU A 67 -2.06 7.29 -1.21
C LEU A 67 -2.95 8.24 -2.00
N LYS A 68 -3.34 9.35 -1.37
CA LYS A 68 -4.15 10.33 -2.05
C LYS A 68 -3.37 10.96 -3.20
N ALA A 69 -2.11 11.33 -2.97
CA ALA A 69 -1.24 11.89 -4.01
C ALA A 69 -0.64 10.84 -4.90
N ASN A 70 -0.80 9.60 -4.56
CA ASN A 70 -0.26 8.55 -5.39
C ASN A 70 -1.31 8.16 -6.40
N LEU A 71 -2.52 8.68 -6.18
CA LEU A 71 -3.57 8.57 -7.15
C LEU A 71 -3.20 9.47 -8.37
N PRO A 72 -3.11 10.86 -8.25
CA PRO A 72 -2.77 11.70 -9.40
C PRO A 72 -1.35 11.40 -9.94
N LEU A 73 -0.54 10.69 -9.17
CA LEU A 73 0.75 10.23 -9.64
C LEU A 73 0.60 9.06 -10.61
N LEU A 74 0.21 7.90 -10.09
CA LEU A 74 0.21 6.66 -10.86
C LEU A 74 -1.04 6.38 -11.69
N GLN A 75 -2.14 7.10 -11.48
CA GLN A 75 -3.39 6.77 -12.19
C GLN A 75 -3.28 6.72 -13.69
N ARG A 76 -2.62 7.66 -14.35
CA ARG A 76 -2.65 7.66 -15.82
C ARG A 76 -1.90 6.49 -16.46
N GLU A 77 -0.75 6.12 -15.91
CA GLU A 77 0.02 4.98 -16.48
C GLU A 77 -0.67 3.64 -16.16
N LEU A 78 -1.16 3.52 -14.95
CA LEU A 78 -1.70 2.27 -14.47
C LEU A 78 -3.09 2.07 -15.07
N LEU A 79 -3.89 3.11 -15.05
CA LEU A 79 -5.25 3.05 -15.58
C LEU A 79 -5.27 2.77 -17.07
N HIS A 80 -4.22 3.15 -17.79
CA HIS A 80 -4.18 2.89 -19.24
C HIS A 80 -4.10 1.37 -19.45
N CYS A 81 -3.20 0.76 -18.69
CA CYS A 81 -3.07 -0.69 -18.67
C CYS A 81 -4.45 -1.31 -18.34
N ALA A 82 -4.99 -0.93 -17.16
CA ALA A 82 -6.35 -1.26 -16.70
C ALA A 82 -7.41 -1.19 -17.80
N ARG A 83 -7.45 -0.05 -18.50
CA ARG A 83 -8.35 0.25 -19.61
C ARG A 83 -8.51 -0.90 -20.58
N LEU A 84 -7.40 -1.35 -21.17
CA LEU A 84 -7.44 -2.43 -22.17
C LEU A 84 -7.92 -3.75 -21.56
N ALA A 85 -7.43 -4.03 -20.36
CA ALA A 85 -7.77 -5.25 -19.64
C ALA A 85 -9.25 -5.31 -19.25
N LYS A 86 -9.95 -4.18 -19.38
CA LYS A 86 -11.39 -4.08 -19.02
C LYS A 86 -11.57 -4.44 -17.54
N GLN A 87 -10.75 -3.83 -16.70
CA GLN A 87 -10.75 -4.09 -15.28
C GLN A 87 -10.42 -2.83 -14.46
N ASN A 88 -10.29 -2.98 -13.13
CA ASN A 88 -10.24 -1.78 -12.32
C ASN A 88 -8.79 -1.40 -12.12
N PRO A 89 -8.42 -0.15 -11.91
CA PRO A 89 -7.04 0.19 -11.60
C PRO A 89 -6.62 -0.37 -10.21
N ALA A 90 -7.54 -0.25 -9.24
CA ALA A 90 -7.36 -0.75 -7.85
C ALA A 90 -6.95 -2.24 -7.82
N GLN A 91 -7.69 -3.07 -8.52
CA GLN A 91 -7.45 -4.51 -8.56
C GLN A 91 -6.24 -4.84 -9.40
N TYR A 92 -5.88 -3.92 -10.28
CA TYR A 92 -4.72 -4.11 -11.11
C TYR A 92 -3.49 -3.95 -10.23
N LEU A 93 -3.32 -2.78 -9.63
CA LEU A 93 -2.17 -2.48 -8.78
C LEU A 93 -1.96 -3.51 -7.67
N ALA A 94 -3.05 -3.99 -7.12
CA ALA A 94 -3.03 -4.99 -6.07
C ALA A 94 -2.41 -6.30 -6.55
N GLN A 95 -2.95 -6.82 -7.60
CA GLN A 95 -2.52 -8.11 -8.13
C GLN A 95 -1.23 -7.96 -8.95
N HIS A 96 -0.85 -6.77 -9.22
CA HIS A 96 0.39 -6.50 -10.00
C HIS A 96 1.53 -6.30 -9.08
N GLU A 97 1.35 -5.47 -8.06
CA GLU A 97 2.37 -5.34 -7.03
C GLU A 97 2.59 -6.65 -6.23
N GLN A 98 1.74 -7.64 -6.42
CA GLN A 98 2.10 -8.94 -5.88
C GLN A 98 2.86 -9.79 -6.94
N LEU A 99 2.34 -9.83 -8.18
CA LEU A 99 2.84 -10.71 -9.26
C LEU A 99 4.18 -10.23 -9.84
N LEU A 100 4.65 -9.16 -9.28
CA LEU A 100 5.90 -8.59 -9.81
C LEU A 100 7.05 -8.97 -8.82
N LEU A 101 6.65 -9.06 -7.55
CA LEU A 101 7.44 -9.31 -6.36
C LEU A 101 7.60 -10.81 -6.10
N ASP A 102 6.49 -11.51 -6.22
CA ASP A 102 6.38 -12.93 -5.89
C ASP A 102 7.20 -13.73 -6.88
N ALA A 103 7.99 -14.64 -6.39
CA ALA A 103 8.92 -15.39 -7.21
C ALA A 103 8.27 -16.60 -7.92
N SER A 104 7.00 -16.48 -8.22
CA SER A 104 6.31 -17.50 -8.96
C SER A 104 6.32 -17.12 -10.45
N THR A 105 6.79 -15.92 -10.74
CA THR A 105 6.89 -15.47 -12.11
C THR A 105 8.27 -15.79 -12.66
N THR A 106 8.32 -16.75 -13.54
CA THR A 106 9.54 -17.12 -14.20
C THR A 106 9.59 -16.51 -15.61
N SER A 107 8.47 -15.95 -16.04
CA SER A 107 8.31 -15.40 -17.38
C SER A 107 9.32 -14.26 -17.70
N GLY A 1 6.05 7.66 -13.04
CA GLY A 1 5.29 6.78 -12.18
C GLY A 1 6.18 5.97 -11.26
N ALA A 2 7.44 5.89 -11.62
CA ALA A 2 8.43 5.09 -10.91
C ALA A 2 8.86 5.76 -9.61
N ARG A 3 8.47 6.99 -9.47
CA ARG A 3 8.91 7.79 -8.35
C ARG A 3 8.10 7.39 -7.10
N GLN A 4 6.79 7.41 -7.23
CA GLN A 4 5.89 7.08 -6.13
C GLN A 4 6.04 5.61 -5.71
N LEU A 5 6.41 4.76 -6.67
CA LEU A 5 6.63 3.33 -6.43
C LEU A 5 7.85 3.17 -5.54
N SER A 6 8.91 3.87 -5.89
CA SER A 6 10.12 3.92 -5.07
C SER A 6 9.83 4.59 -3.70
N LYS A 7 8.72 5.31 -3.60
CA LYS A 7 8.38 6.01 -2.37
C LYS A 7 7.51 5.07 -1.53
N LEU A 8 6.76 4.24 -2.23
CA LEU A 8 5.87 3.25 -1.63
C LEU A 8 6.68 2.12 -1.04
N LYS A 9 7.79 1.79 -1.65
CA LYS A 9 8.56 0.69 -1.15
C LYS A 9 9.25 1.14 0.11
N ARG A 10 9.88 2.34 0.06
CA ARG A 10 10.45 2.98 1.25
C ARG A 10 9.43 2.94 2.43
N PHE A 11 8.16 3.12 2.05
CA PHE A 11 7.04 3.33 2.96
C PHE A 11 6.70 2.07 3.74
N LEU A 12 6.56 0.94 3.05
CA LEU A 12 6.27 -0.31 3.78
C LEU A 12 7.47 -0.68 4.65
N THR A 13 8.64 -0.38 4.13
CA THR A 13 9.88 -0.63 4.83
C THR A 13 10.00 0.30 6.09
N THR A 14 9.22 1.39 6.12
CA THR A 14 9.20 2.29 7.26
C THR A 14 8.28 1.70 8.33
N LEU A 15 7.02 1.42 7.94
CA LEU A 15 5.99 0.81 8.80
C LEU A 15 6.51 -0.40 9.58
N GLN A 16 7.24 -1.21 8.87
CA GLN A 16 7.73 -2.46 9.38
C GLN A 16 8.89 -2.25 10.37
N GLN A 17 9.82 -1.37 10.05
CA GLN A 17 10.96 -1.13 10.97
C GLN A 17 10.54 -0.24 12.13
N TYR A 18 9.52 0.57 11.96
CA TYR A 18 9.02 1.33 13.09
C TYR A 18 8.32 0.39 14.06
N GLY A 19 7.56 -0.54 13.53
CA GLY A 19 6.95 -1.52 14.35
C GLY A 19 7.99 -2.40 15.00
N ASN A 20 8.88 -2.97 14.19
CA ASN A 20 9.88 -3.92 14.70
C ASN A 20 10.77 -3.34 15.84
N ASP A 21 10.92 -2.02 15.87
CA ASP A 21 11.78 -1.34 16.87
C ASP A 21 11.16 -1.39 18.28
N ILE A 22 9.86 -1.64 18.34
CA ILE A 22 9.18 -1.74 19.62
C ILE A 22 9.41 -3.13 20.19
N SER A 23 8.75 -4.14 19.59
CA SER A 23 8.90 -5.56 20.01
C SER A 23 7.98 -6.56 19.30
N PRO A 24 6.65 -6.53 19.57
CA PRO A 24 5.72 -7.61 19.17
C PRO A 24 5.40 -7.67 17.65
N GLU A 25 4.23 -8.24 17.36
CA GLU A 25 3.68 -8.39 16.01
C GLU A 25 3.36 -7.03 15.38
N ILE A 26 3.78 -5.96 15.98
CA ILE A 26 3.32 -4.69 15.66
C ILE A 26 3.86 -4.20 14.31
N GLY A 27 5.07 -4.61 13.94
CA GLY A 27 5.54 -4.23 12.62
C GLY A 27 4.88 -5.06 11.51
N GLU A 28 4.69 -6.32 11.79
CA GLU A 28 4.09 -7.25 10.83
C GLU A 28 2.56 -7.03 10.67
N ARG A 29 1.89 -6.84 11.78
CA ARG A 29 0.44 -6.62 11.84
C ARG A 29 0.08 -5.35 11.05
N VAL A 30 0.85 -4.29 11.26
CA VAL A 30 0.73 -3.06 10.49
C VAL A 30 1.00 -3.32 9.00
N ARG A 31 1.89 -4.27 8.76
CA ARG A 31 2.22 -4.67 7.41
C ARG A 31 1.06 -5.46 6.80
N THR A 32 0.27 -6.12 7.62
CA THR A 32 -0.96 -6.77 7.16
C THR A 32 -2.00 -5.69 6.67
N LEU A 33 -2.10 -4.57 7.42
CA LEU A 33 -3.04 -3.50 7.06
C LEU A 33 -2.62 -2.72 5.82
N VAL A 34 -1.32 -2.45 5.65
CA VAL A 34 -0.88 -1.71 4.48
C VAL A 34 -1.02 -2.57 3.23
N LEU A 35 -1.00 -3.88 3.43
CA LEU A 35 -1.21 -4.82 2.39
C LEU A 35 -2.66 -4.71 1.91
N GLY A 36 -3.59 -4.70 2.87
CA GLY A 36 -5.00 -4.54 2.59
C GLY A 36 -5.28 -3.25 1.82
N LEU A 37 -4.54 -2.23 2.17
CA LEU A 37 -4.72 -0.93 1.55
C LEU A 37 -4.24 -0.95 0.11
N VAL A 38 -2.98 -1.34 -0.10
CA VAL A 38 -2.38 -1.30 -1.44
C VAL A 38 -3.12 -2.22 -2.43
N ASN A 39 -3.60 -3.37 -1.97
CA ASN A 39 -4.31 -4.31 -2.83
C ASN A 39 -5.76 -3.92 -3.07
N SER A 40 -6.21 -2.83 -2.46
CA SER A 40 -7.60 -2.43 -2.43
C SER A 40 -8.47 -3.51 -1.79
N THR A 41 -8.35 -3.57 -0.51
CA THR A 41 -9.04 -4.54 0.33
C THR A 41 -9.34 -3.89 1.72
N LEU A 42 -8.93 -2.63 1.86
CA LEU A 42 -9.17 -1.84 3.03
C LEU A 42 -9.54 -0.44 2.58
N THR A 43 -10.47 0.17 3.26
CA THR A 43 -10.88 1.51 2.97
C THR A 43 -9.88 2.45 3.67
N ILE A 44 -9.73 3.69 3.19
CA ILE A 44 -8.68 4.62 3.67
C ILE A 44 -8.79 4.83 5.20
N GLU A 45 -9.93 5.32 5.63
CA GLU A 45 -10.20 5.58 7.04
C GLU A 45 -10.24 4.28 7.88
N GLU A 46 -10.53 3.15 7.24
CA GLU A 46 -10.53 1.84 7.90
C GLU A 46 -9.10 1.40 8.18
N PHE A 47 -8.26 1.51 7.16
CA PHE A 47 -6.84 1.22 7.26
C PHE A 47 -6.14 2.08 8.32
N HIS A 48 -6.40 3.37 8.32
CA HIS A 48 -5.69 4.28 9.24
C HIS A 48 -6.11 4.07 10.68
N SER A 49 -7.40 3.84 10.90
CA SER A 49 -7.92 3.68 12.24
C SER A 49 -7.38 2.39 12.90
N LYS A 50 -7.25 1.34 12.11
CA LYS A 50 -6.77 0.06 12.65
C LYS A 50 -5.29 0.11 12.91
N LEU A 51 -4.53 0.45 11.86
CA LEU A 51 -3.10 0.63 11.96
C LEU A 51 -2.70 1.46 13.20
N GLN A 52 -3.39 2.58 13.39
CA GLN A 52 -3.06 3.49 14.45
C GLN A 52 -3.53 2.93 15.81
N GLU A 53 -4.70 2.27 15.81
CA GLU A 53 -5.21 1.56 16.99
C GLU A 53 -4.13 0.53 17.47
N ALA A 54 -3.38 -0.03 16.52
CA ALA A 54 -2.33 -0.99 16.81
C ALA A 54 -1.08 -0.31 17.40
N THR A 55 -0.60 0.73 16.73
CA THR A 55 0.63 1.39 17.13
C THR A 55 0.42 2.37 18.31
N ASN A 56 -0.86 2.54 18.70
CA ASN A 56 -1.46 3.56 19.69
C ASN A 56 -0.72 4.93 19.75
N PHE A 57 0.13 5.17 18.81
CA PHE A 57 0.91 6.36 18.73
C PHE A 57 0.20 7.43 17.92
N PRO A 58 0.20 8.70 18.37
CA PRO A 58 -0.18 9.81 17.49
C PRO A 58 0.96 9.92 16.46
N LEU A 59 0.63 10.01 15.21
CA LEU A 59 1.62 9.75 14.20
C LEU A 59 1.58 10.85 13.17
N ARG A 60 2.68 11.04 12.45
CA ARG A 60 2.76 12.07 11.42
C ARG A 60 1.74 11.81 10.32
N PRO A 61 0.90 12.81 10.03
CA PRO A 61 -0.31 12.66 9.20
C PRO A 61 -0.08 12.63 7.68
N PHE A 62 1.15 12.42 7.24
CA PHE A 62 1.42 12.48 5.82
C PHE A 62 0.97 11.19 5.12
N VAL A 63 0.65 10.14 5.89
CA VAL A 63 0.28 8.84 5.30
C VAL A 63 -0.98 8.92 4.43
N ILE A 64 -2.06 9.49 4.93
CA ILE A 64 -3.30 9.55 4.13
C ILE A 64 -3.10 10.33 2.79
N PRO A 65 -2.58 11.60 2.83
CA PRO A 65 -2.29 12.35 1.61
C PRO A 65 -1.22 11.67 0.72
N PHE A 66 -0.41 10.79 1.34
CA PHE A 66 0.57 9.97 0.60
C PHE A 66 -0.13 9.06 -0.39
N LEU A 67 -0.87 8.05 0.10
CA LEU A 67 -1.68 7.17 -0.79
C LEU A 67 -2.63 7.96 -1.66
N LYS A 68 -3.09 9.09 -1.16
CA LYS A 68 -3.96 9.96 -1.91
C LYS A 68 -3.25 10.55 -3.10
N ALA A 69 -1.96 10.79 -2.98
CA ALA A 69 -1.13 11.28 -4.08
C ALA A 69 -0.71 10.18 -5.03
N ASN A 70 -0.81 8.94 -4.61
CA ASN A 70 -0.34 7.88 -5.47
C ASN A 70 -1.41 7.49 -6.43
N LEU A 71 -2.63 7.77 -6.07
CA LEU A 71 -3.71 7.57 -6.99
C LEU A 71 -3.61 8.48 -8.25
N PRO A 72 -3.69 9.85 -8.15
CA PRO A 72 -3.63 10.72 -9.35
C PRO A 72 -2.28 10.64 -10.06
N LEU A 73 -1.28 10.10 -9.38
CA LEU A 73 -0.02 9.83 -9.99
C LEU A 73 -0.12 8.55 -10.85
N LEU A 74 -0.33 7.40 -10.18
CA LEU A 74 -0.38 6.07 -10.82
C LEU A 74 -1.54 5.87 -11.78
N GLN A 75 -2.67 6.50 -11.52
CA GLN A 75 -3.88 6.28 -12.33
C GLN A 75 -3.70 6.44 -13.80
N ARG A 76 -2.93 7.39 -14.25
CA ARG A 76 -2.79 7.59 -15.70
C ARG A 76 -2.14 6.40 -16.41
N GLU A 77 -1.01 5.95 -15.92
CA GLU A 77 -0.35 4.82 -16.55
C GLU A 77 -1.10 3.51 -16.26
N LEU A 78 -1.60 3.35 -15.03
CA LEU A 78 -2.23 2.10 -14.64
C LEU A 78 -3.66 1.98 -15.22
N LEU A 79 -4.36 3.10 -15.32
CA LEU A 79 -5.71 3.09 -15.88
C LEU A 79 -5.64 2.72 -17.33
N HIS A 80 -4.58 3.12 -18.01
CA HIS A 80 -4.43 2.83 -19.44
C HIS A 80 -4.31 1.33 -19.60
N CYS A 81 -3.49 0.74 -18.77
CA CYS A 81 -3.35 -0.70 -18.76
C CYS A 81 -4.73 -1.36 -18.45
N ALA A 82 -5.30 -1.00 -17.27
CA ALA A 82 -6.66 -1.41 -16.84
C ALA A 82 -7.70 -1.35 -17.99
N ARG A 83 -7.76 -0.19 -18.67
CA ARG A 83 -8.61 0.04 -19.86
C ARG A 83 -8.56 -1.14 -20.82
N LEU A 84 -7.36 -1.49 -21.28
CA LEU A 84 -7.17 -2.62 -22.19
C LEU A 84 -7.55 -3.95 -21.55
N ALA A 85 -7.14 -4.14 -20.29
CA ALA A 85 -7.44 -5.35 -19.53
C ALA A 85 -8.94 -5.56 -19.29
N LYS A 86 -9.70 -4.51 -19.58
CA LYS A 86 -11.15 -4.50 -19.48
C LYS A 86 -11.56 -4.78 -18.03
N GLN A 87 -10.90 -4.09 -17.12
CA GLN A 87 -11.14 -4.27 -15.72
C GLN A 87 -10.98 -2.96 -14.98
N ASN A 88 -11.55 -2.87 -13.79
CA ASN A 88 -11.44 -1.65 -12.99
C ASN A 88 -10.03 -1.57 -12.42
N PRO A 89 -9.47 -0.35 -12.32
CA PRO A 89 -8.09 -0.15 -11.87
C PRO A 89 -7.78 -0.79 -10.51
N ALA A 90 -8.79 -0.82 -9.63
CA ALA A 90 -8.69 -1.43 -8.29
C ALA A 90 -8.18 -2.87 -8.36
N GLN A 91 -8.84 -3.69 -9.15
CA GLN A 91 -8.43 -5.08 -9.23
C GLN A 91 -7.18 -5.26 -10.05
N TYR A 92 -6.84 -4.27 -10.83
CA TYR A 92 -5.61 -4.32 -11.57
C TYR A 92 -4.46 -4.11 -10.61
N LEU A 93 -4.53 -3.03 -9.84
CA LEU A 93 -3.49 -2.70 -8.88
C LEU A 93 -3.32 -3.81 -7.86
N ALA A 94 -4.43 -4.47 -7.55
CA ALA A 94 -4.43 -5.66 -6.69
C ALA A 94 -3.52 -6.74 -7.29
N GLN A 95 -3.75 -7.08 -8.54
CA GLN A 95 -2.97 -8.11 -9.23
C GLN A 95 -1.54 -7.65 -9.54
N HIS A 96 -1.32 -6.36 -9.57
CA HIS A 96 -0.04 -5.84 -10.00
C HIS A 96 0.86 -5.65 -8.82
N GLU A 97 0.49 -4.75 -7.95
CA GLU A 97 1.27 -4.43 -6.76
C GLU A 97 1.35 -5.56 -5.74
N GLN A 98 0.59 -6.61 -5.94
CA GLN A 98 0.79 -7.77 -5.13
C GLN A 98 1.77 -8.76 -5.79
N LEU A 99 1.65 -8.99 -7.10
CA LEU A 99 2.52 -9.99 -7.77
C LEU A 99 3.96 -9.50 -7.91
N LEU A 100 4.18 -8.21 -7.78
CA LEU A 100 5.53 -7.67 -7.84
C LEU A 100 6.26 -7.78 -6.47
N LEU A 101 5.51 -8.18 -5.46
CA LEU A 101 6.02 -8.25 -4.10
C LEU A 101 6.62 -9.63 -3.79
N ASP A 102 6.04 -10.66 -4.36
CA ASP A 102 6.42 -12.00 -3.98
C ASP A 102 7.37 -12.61 -5.00
N ALA A 103 8.19 -13.51 -4.54
CA ALA A 103 9.22 -14.12 -5.35
C ALA A 103 8.73 -15.36 -6.08
N SER A 104 7.46 -15.39 -6.39
CA SER A 104 6.90 -16.44 -7.18
C SER A 104 6.97 -16.06 -8.66
N THR A 105 7.61 -14.92 -8.89
CA THR A 105 7.91 -14.42 -10.17
C THR A 105 8.94 -15.34 -10.84
N THR A 106 8.75 -15.63 -12.08
CA THR A 106 9.70 -16.41 -12.83
C THR A 106 10.79 -15.49 -13.38
N SER A 107 10.40 -14.59 -14.24
CA SER A 107 11.33 -13.62 -14.82
C SER A 107 11.80 -12.58 -13.78
N GLY A 1 7.42 6.79 -14.17
CA GLY A 1 6.24 6.37 -13.42
C GLY A 1 6.65 5.68 -12.13
N ALA A 2 7.91 5.29 -12.09
CA ALA A 2 8.46 4.54 -10.97
C ALA A 2 8.64 5.39 -9.73
N ARG A 3 8.58 6.72 -9.89
CA ARG A 3 8.73 7.69 -8.77
C ARG A 3 7.84 7.31 -7.54
N GLN A 4 6.53 7.16 -7.77
CA GLN A 4 5.59 6.76 -6.72
C GLN A 4 6.06 5.45 -6.11
N LEU A 5 6.20 4.45 -6.95
CA LEU A 5 6.58 3.09 -6.54
C LEU A 5 7.88 3.10 -5.68
N SER A 6 8.90 3.81 -6.14
CA SER A 6 10.14 3.92 -5.38
C SER A 6 9.95 4.60 -4.00
N LYS A 7 8.90 5.41 -3.84
CA LYS A 7 8.70 6.10 -2.58
C LYS A 7 7.74 5.23 -1.73
N LEU A 8 6.96 4.41 -2.43
CA LEU A 8 6.01 3.49 -1.83
C LEU A 8 6.71 2.30 -1.21
N LYS A 9 7.71 1.78 -1.86
CA LYS A 9 8.39 0.63 -1.30
C LYS A 9 9.23 1.09 -0.12
N ARG A 10 9.90 2.26 -0.25
CA ARG A 10 10.52 2.92 0.90
C ARG A 10 9.56 3.00 2.13
N PHE A 11 8.28 3.28 1.82
CA PHE A 11 7.23 3.51 2.80
C PHE A 11 6.84 2.19 3.47
N LEU A 12 6.80 1.13 2.67
CA LEU A 12 6.47 -0.20 3.15
C LEU A 12 7.56 -0.69 4.10
N THR A 13 8.80 -0.43 3.76
CA THR A 13 9.93 -0.79 4.60
C THR A 13 9.96 0.04 5.91
N THR A 14 9.30 1.19 5.90
CA THR A 14 9.32 2.05 7.05
C THR A 14 8.30 1.55 8.09
N LEU A 15 7.04 1.34 7.65
CA LEU A 15 6.00 0.73 8.53
C LEU A 15 6.47 -0.57 9.19
N GLN A 16 7.24 -1.34 8.45
CA GLN A 16 7.69 -2.65 8.87
C GLN A 16 8.75 -2.53 9.94
N GLN A 17 9.77 -1.70 9.71
CA GLN A 17 10.84 -1.58 10.68
C GLN A 17 10.37 -0.76 11.89
N TYR A 18 9.32 0.04 11.72
CA TYR A 18 8.75 0.78 12.82
C TYR A 18 8.04 -0.14 13.81
N GLY A 19 7.14 -0.98 13.33
CA GLY A 19 6.48 -1.89 14.22
C GLY A 19 7.45 -2.87 14.84
N ASN A 20 8.32 -3.42 14.01
CA ASN A 20 9.36 -4.37 14.43
C ASN A 20 10.26 -3.81 15.58
N ASP A 21 10.52 -2.51 15.56
CA ASP A 21 11.51 -1.87 16.49
C ASP A 21 11.02 -1.77 17.94
N ILE A 22 9.70 -1.88 18.10
CA ILE A 22 9.08 -1.72 19.41
C ILE A 22 9.30 -2.99 20.23
N SER A 23 8.86 -4.12 19.66
CA SER A 23 9.09 -5.53 20.18
C SER A 23 7.99 -6.52 19.83
N PRO A 24 6.69 -6.25 20.24
CA PRO A 24 5.60 -7.15 19.95
C PRO A 24 5.44 -7.40 18.46
N GLU A 25 4.55 -8.30 18.13
CA GLU A 25 4.27 -8.73 16.77
C GLU A 25 3.52 -7.67 15.96
N ILE A 26 3.58 -6.42 16.42
CA ILE A 26 2.78 -5.33 15.94
C ILE A 26 3.30 -4.92 14.56
N GLY A 27 4.57 -5.30 14.23
CA GLY A 27 5.09 -4.97 12.94
C GLY A 27 4.55 -5.88 11.88
N GLU A 28 4.27 -7.12 12.25
CA GLU A 28 3.66 -8.03 11.30
C GLU A 28 2.21 -7.58 11.09
N ARG A 29 1.59 -7.16 12.19
CA ARG A 29 0.23 -6.62 12.18
C ARG A 29 0.10 -5.35 11.28
N VAL A 30 0.99 -4.35 11.50
CA VAL A 30 0.94 -3.08 10.74
C VAL A 30 1.11 -3.27 9.23
N ARG A 31 2.02 -4.16 8.83
CA ARG A 31 2.26 -4.35 7.40
C ARG A 31 1.14 -5.11 6.75
N THR A 32 0.47 -5.94 7.50
CA THR A 32 -0.66 -6.67 7.00
C THR A 32 -1.80 -5.69 6.63
N LEU A 33 -1.91 -4.61 7.40
CA LEU A 33 -2.86 -3.58 7.12
C LEU A 33 -2.43 -2.75 5.92
N VAL A 34 -1.12 -2.48 5.78
CA VAL A 34 -0.64 -1.70 4.61
C VAL A 34 -0.79 -2.55 3.34
N LEU A 35 -0.57 -3.83 3.49
CA LEU A 35 -0.82 -4.77 2.40
C LEU A 35 -2.30 -4.82 2.08
N GLY A 36 -3.14 -4.79 3.12
CA GLY A 36 -4.58 -4.70 2.94
C GLY A 36 -4.98 -3.46 2.12
N LEU A 37 -4.27 -2.39 2.38
CA LEU A 37 -4.50 -1.13 1.71
C LEU A 37 -4.12 -1.23 0.23
N VAL A 38 -2.91 -1.67 -0.05
CA VAL A 38 -2.47 -1.77 -1.45
C VAL A 38 -3.27 -2.81 -2.25
N ASN A 39 -3.69 -3.88 -1.60
CA ASN A 39 -4.53 -4.91 -2.25
C ASN A 39 -6.00 -4.47 -2.40
N SER A 40 -6.31 -3.27 -1.90
CA SER A 40 -7.67 -2.68 -2.00
C SER A 40 -8.65 -3.55 -1.15
N THR A 41 -8.10 -4.07 -0.09
CA THR A 41 -8.79 -4.98 0.78
C THR A 41 -9.44 -4.19 1.95
N LEU A 42 -8.84 -3.05 2.26
CA LEU A 42 -9.25 -2.24 3.38
C LEU A 42 -9.61 -0.90 2.89
N THR A 43 -10.45 -0.24 3.61
CA THR A 43 -10.79 1.13 3.27
C THR A 43 -9.73 2.04 3.91
N ILE A 44 -9.47 3.22 3.34
CA ILE A 44 -8.46 4.16 3.84
C ILE A 44 -8.76 4.51 5.33
N GLU A 45 -10.02 4.84 5.58
CA GLU A 45 -10.52 5.16 6.92
C GLU A 45 -10.35 3.95 7.92
N GLU A 46 -10.44 2.76 7.37
CA GLU A 46 -10.24 1.52 8.13
C GLU A 46 -8.76 1.35 8.46
N PHE A 47 -7.96 1.45 7.43
CA PHE A 47 -6.54 1.25 7.50
C PHE A 47 -5.87 2.20 8.48
N HIS A 48 -6.12 3.49 8.35
CA HIS A 48 -5.40 4.45 9.18
C HIS A 48 -5.81 4.38 10.64
N SER A 49 -7.10 4.21 10.87
CA SER A 49 -7.61 4.12 12.25
C SER A 49 -7.17 2.84 12.97
N LYS A 50 -7.19 1.72 12.26
CA LYS A 50 -6.87 0.43 12.88
C LYS A 50 -5.38 0.26 13.13
N LEU A 51 -4.56 0.50 12.11
CA LEU A 51 -3.09 0.55 12.28
C LEU A 51 -2.68 1.39 13.52
N GLN A 52 -3.28 2.58 13.65
CA GLN A 52 -2.93 3.50 14.72
C GLN A 52 -3.50 3.02 16.06
N GLU A 53 -4.68 2.41 16.03
CA GLU A 53 -5.28 1.78 17.21
C GLU A 53 -4.29 0.78 17.82
N ALA A 54 -3.56 0.12 16.95
CA ALA A 54 -2.60 -0.90 17.34
C ALA A 54 -1.31 -0.29 17.91
N THR A 55 -0.75 0.70 17.23
CA THR A 55 0.53 1.29 17.62
C THR A 55 0.41 2.50 18.55
N ASN A 56 -0.83 2.89 18.88
CA ASN A 56 -1.27 4.12 19.68
C ASN A 56 -0.37 5.39 19.56
N PHE A 57 0.50 5.43 18.60
CA PHE A 57 1.37 6.55 18.35
C PHE A 57 0.67 7.57 17.48
N PRO A 58 0.58 8.85 17.90
CA PRO A 58 0.08 9.88 17.02
C PRO A 58 1.09 10.06 15.88
N LEU A 59 0.68 9.66 14.71
CA LEU A 59 1.52 9.61 13.55
C LEU A 59 1.53 10.91 12.77
N ARG A 60 2.49 11.02 11.88
CA ARG A 60 2.57 12.12 10.95
C ARG A 60 1.52 11.87 9.88
N PRO A 61 0.52 12.75 9.81
CA PRO A 61 -0.71 12.55 9.01
C PRO A 61 -0.56 12.57 7.49
N PHE A 62 0.65 12.47 6.98
CA PHE A 62 0.84 12.61 5.56
C PHE A 62 0.45 11.34 4.80
N VAL A 63 0.21 10.23 5.51
CA VAL A 63 -0.12 8.95 4.89
C VAL A 63 -1.41 9.00 4.09
N ILE A 64 -2.46 9.60 4.64
CA ILE A 64 -3.73 9.67 3.91
C ILE A 64 -3.59 10.48 2.59
N PRO A 65 -3.07 11.75 2.66
CA PRO A 65 -2.79 12.56 1.46
C PRO A 65 -1.74 11.91 0.53
N PHE A 66 -0.89 11.06 1.09
CA PHE A 66 0.10 10.30 0.34
C PHE A 66 -0.60 9.49 -0.75
N LEU A 67 -1.37 8.47 -0.34
CA LEU A 67 -2.13 7.66 -1.30
C LEU A 67 -3.15 8.48 -2.10
N LYS A 68 -3.59 9.59 -1.55
CA LYS A 68 -4.49 10.49 -2.27
C LYS A 68 -3.78 11.12 -3.44
N ALA A 69 -2.53 11.48 -3.24
CA ALA A 69 -1.70 12.03 -4.31
C ALA A 69 -1.13 10.95 -5.19
N ASN A 70 -1.18 9.70 -4.76
CA ASN A 70 -0.54 8.60 -5.50
C ASN A 70 -1.48 8.08 -6.51
N LEU A 71 -2.74 8.39 -6.31
CA LEU A 71 -3.74 8.00 -7.25
C LEU A 71 -3.60 8.83 -8.53
N PRO A 72 -3.90 10.17 -8.54
CA PRO A 72 -3.78 10.97 -9.78
C PRO A 72 -2.34 11.04 -10.31
N LEU A 73 -1.38 10.60 -9.50
CA LEU A 73 0.00 10.56 -9.88
C LEU A 73 0.22 9.42 -10.88
N LEU A 74 0.08 8.17 -10.40
CA LEU A 74 0.40 7.00 -11.21
C LEU A 74 -0.80 6.44 -11.96
N GLN A 75 -2.00 6.92 -11.66
CA GLN A 75 -3.19 6.41 -12.32
C GLN A 75 -3.15 6.53 -13.80
N ARG A 76 -2.49 7.52 -14.36
CA ARG A 76 -2.58 7.74 -15.80
C ARG A 76 -1.95 6.58 -16.59
N GLU A 77 -0.73 6.23 -16.24
CA GLU A 77 0.00 5.18 -16.95
C GLU A 77 -0.62 3.80 -16.61
N LEU A 78 -1.02 3.65 -15.35
CA LEU A 78 -1.52 2.39 -14.81
C LEU A 78 -2.99 2.14 -15.22
N LEU A 79 -3.82 3.19 -15.14
CA LEU A 79 -5.23 3.11 -15.53
C LEU A 79 -5.37 2.80 -16.99
N HIS A 80 -4.43 3.21 -17.81
CA HIS A 80 -4.53 2.92 -19.24
C HIS A 80 -4.36 1.41 -19.43
N CYS A 81 -3.38 0.85 -18.74
CA CYS A 81 -3.17 -0.59 -18.73
C CYS A 81 -4.47 -1.31 -18.24
N ALA A 82 -4.86 -1.03 -16.98
CA ALA A 82 -6.15 -1.50 -16.40
C ALA A 82 -7.32 -1.43 -17.39
N ARG A 83 -7.51 -0.24 -17.99
CA ARG A 83 -8.53 0.02 -19.03
C ARG A 83 -8.58 -1.05 -20.11
N LEU A 84 -7.40 -1.52 -20.56
CA LEU A 84 -7.29 -2.52 -21.61
C LEU A 84 -7.94 -3.84 -21.15
N ALA A 85 -7.52 -4.30 -19.99
CA ALA A 85 -8.06 -5.53 -19.38
C ALA A 85 -9.53 -5.35 -19.00
N LYS A 86 -9.93 -4.09 -18.87
CA LYS A 86 -11.21 -3.63 -18.41
C LYS A 86 -11.41 -4.09 -16.98
N GLN A 87 -10.60 -3.55 -16.12
CA GLN A 87 -10.69 -3.86 -14.72
C GLN A 87 -10.42 -2.61 -13.94
N ASN A 88 -10.88 -2.59 -12.70
CA ASN A 88 -10.60 -1.46 -11.85
C ASN A 88 -9.17 -1.49 -11.49
N PRO A 89 -8.47 -0.37 -11.68
CA PRO A 89 -7.02 -0.24 -11.46
C PRO A 89 -6.60 -0.63 -10.07
N ALA A 90 -7.55 -0.56 -9.14
CA ALA A 90 -7.37 -1.03 -7.77
C ALA A 90 -6.81 -2.47 -7.70
N GLN A 91 -7.28 -3.34 -8.54
CA GLN A 91 -6.71 -4.70 -8.60
C GLN A 91 -5.43 -4.66 -9.40
N TYR A 92 -5.51 -3.77 -10.48
CA TYR A 92 -4.20 -3.68 -11.22
C TYR A 92 -3.00 -3.31 -10.33
N LEU A 93 -3.08 -2.30 -9.57
CA LEU A 93 -2.03 -2.01 -8.58
C LEU A 93 -1.87 -3.14 -7.50
N ALA A 94 -2.95 -3.80 -7.18
CA ALA A 94 -2.92 -4.86 -6.17
C ALA A 94 -2.15 -6.10 -6.69
N GLN A 95 -2.57 -6.61 -7.81
CA GLN A 95 -2.01 -7.84 -8.37
C GLN A 95 -0.59 -7.61 -8.91
N HIS A 96 -0.36 -6.45 -9.48
CA HIS A 96 0.92 -6.23 -10.11
C HIS A 96 1.91 -5.60 -9.19
N GLU A 97 1.57 -4.49 -8.54
CA GLU A 97 2.49 -3.91 -7.58
C GLU A 97 2.75 -4.79 -6.34
N GLN A 98 2.00 -5.85 -6.15
CA GLN A 98 2.36 -6.78 -5.10
C GLN A 98 3.22 -7.92 -5.62
N LEU A 99 3.12 -8.21 -6.92
CA LEU A 99 3.95 -9.22 -7.53
C LEU A 99 5.40 -8.69 -7.64
N LEU A 100 5.53 -7.44 -8.11
CA LEU A 100 6.84 -6.80 -8.30
C LEU A 100 7.44 -6.18 -7.01
N LEU A 101 6.85 -6.48 -5.86
CA LEU A 101 7.27 -5.85 -4.60
C LEU A 101 8.69 -6.28 -4.21
N ASP A 102 9.00 -7.54 -4.43
CA ASP A 102 10.29 -8.08 -4.08
C ASP A 102 11.06 -8.36 -5.41
N ALA A 103 12.28 -8.84 -5.31
CA ALA A 103 13.15 -9.24 -6.42
C ALA A 103 12.64 -10.49 -7.18
N SER A 104 11.31 -10.62 -7.25
CA SER A 104 10.66 -11.81 -7.76
C SER A 104 10.49 -11.66 -9.28
N THR A 105 11.20 -10.71 -9.83
CA THR A 105 11.21 -10.49 -11.26
C THR A 105 12.28 -11.39 -11.87
N THR A 106 12.14 -11.73 -13.13
CA THR A 106 13.08 -12.60 -13.78
C THR A 106 14.36 -11.87 -14.15
N SER A 107 14.29 -10.56 -14.26
CA SER A 107 15.47 -9.77 -14.56
C SER A 107 15.63 -8.60 -13.57
#